data_6PDW
#
_entry.id   6PDW
#
_cell.length_a   1.00
_cell.length_b   1.00
_cell.length_c   1.00
_cell.angle_alpha   90.00
_cell.angle_beta   90.00
_cell.angle_gamma   90.00
#
_symmetry.space_group_name_H-M   'P 1'
#
loop_
_entity.id
_entity.type
_entity.pdbx_description
1 polymer 'Membrane-spanning ATPase-like protein'
2 polymer 'Unknown peptide'
3 non-polymer "ADENOSINE-5'-DIPHOSPHATE"
4 non-polymer 'BERYLLIUM TRIFLUORIDE ION'
5 non-polymer 'MAGNESIUM ION'
#
loop_
_entity_poly.entity_id
_entity_poly.type
_entity_poly.pdbx_seq_one_letter_code
_entity_poly.pdbx_strand_id
1 'polypeptide(L)'
;GSIAPYLVKIIDPDYEKNERTRIKAQENLRRIRRKQIAEKGDNEDGTDDPSRRRKIDDLVLNEYENQVALEVVAPEDIPV
GFNDIGGLDDIIEELKETIIYPLTMPHLYKHGGALLAAPSGVLLYGPPGCGKTMLAKAVAHESGASFINLHISTLTEKWY
GDSNKIVRAVFSLAKKLQPSIIFIDEIDAVLGTRRSGEHEASGMVKAEFMTLWDGLTSTNASGVPNRIVVLGATNRINDI
DEAILRRMPKQFPVPLPGLEQRRRILELVLRGTKRDPDFDLDYIARVTAGMSGSDIKETCRDAAMAPMREYIRQHRASGK
PLSEINPDDVRGIRTEDFFGRRGGKILSEIPPRQTGYVVQSKNSSEGGYEEVEDDDEQGTAST
;
B,C,D,E,F
2 'polypeptide(L)' (UNK)(UNK)(UNK)(UNK)(UNK)(UNK)(UNK)(UNK)(UNK)(UNK) G
#
loop_
_chem_comp.id
_chem_comp.type
_chem_comp.name
_chem_comp.formula
ADP non-polymer ADENOSINE-5'-DIPHOSPHATE 'C10 H15 N5 O10 P2'
BEF non-polymer 'BERYLLIUM TRIFLUORIDE ION' 'Be F3 -1'
MG non-polymer 'MAGNESIUM ION' 'Mg 2'
#
# COMPACT_ATOMS: atom_id res chain seq x y z
N GLU A 16 -25.85 16.65 -23.98
CA GLU A 16 -24.46 16.45 -24.37
C GLU A 16 -24.12 17.26 -25.62
N LYS A 17 -25.13 17.45 -26.48
CA LYS A 17 -24.93 18.19 -27.72
C LYS A 17 -24.97 19.70 -27.48
N ASN A 18 -25.90 20.15 -26.62
CA ASN A 18 -25.99 21.57 -26.33
C ASN A 18 -24.73 22.08 -25.64
N GLU A 19 -24.25 21.34 -24.64
CA GLU A 19 -22.98 21.69 -24.01
C GLU A 19 -21.83 21.60 -25.01
N ARG A 20 -21.85 20.57 -25.86
CA ARG A 20 -20.85 20.47 -26.91
C ARG A 20 -21.02 21.60 -27.93
N THR A 21 -22.25 22.09 -28.13
CA THR A 21 -22.46 23.23 -29.01
C THR A 21 -21.85 24.50 -28.42
N ARG A 22 -22.02 24.70 -27.11
CA ARG A 22 -21.35 25.82 -26.45
C ARG A 22 -19.84 25.69 -26.56
N ILE A 23 -19.33 24.46 -26.43
CA ILE A 23 -17.90 24.22 -26.57
C ILE A 23 -17.43 24.64 -27.95
N LYS A 24 -18.12 24.19 -28.99
CA LYS A 24 -17.72 24.52 -30.35
C LYS A 24 -17.86 26.00 -30.64
N ALA A 25 -18.85 26.67 -30.02
CA ALA A 25 -18.98 28.12 -30.21
C ALA A 25 -17.81 28.86 -29.59
N GLN A 26 -17.46 28.54 -28.34
CA GLN A 26 -16.31 29.17 -27.71
C GLN A 26 -15.03 28.86 -28.49
N GLU A 27 -14.91 27.65 -29.00
CA GLU A 27 -13.76 27.29 -29.83
C GLU A 27 -13.71 28.15 -31.08
N ASN A 28 -14.86 28.36 -31.73
CA ASN A 28 -14.90 29.20 -32.92
C ASN A 28 -14.44 30.60 -32.61
N LEU A 29 -14.93 31.18 -31.51
CA LEU A 29 -14.51 32.52 -31.12
C LEU A 29 -13.00 32.58 -30.89
N ARG A 30 -12.47 31.62 -30.12
CA ARG A 30 -11.05 31.65 -29.80
C ARG A 30 -10.19 31.46 -31.04
N ARG A 31 -10.58 30.52 -31.91
CA ARG A 31 -9.80 30.27 -33.11
C ARG A 31 -9.88 31.43 -34.08
N ILE A 32 -11.02 32.13 -34.14
CA ILE A 32 -11.11 33.30 -34.99
C ILE A 32 -10.20 34.41 -34.47
N ARG A 33 -10.23 34.64 -33.15
CA ARG A 33 -9.37 35.70 -32.60
C ARG A 33 -7.89 35.34 -32.72
N ARG A 34 -7.56 34.05 -32.76
CA ARG A 34 -6.18 33.64 -33.00
C ARG A 34 -5.79 33.84 -34.47
N LYS A 35 -6.64 33.40 -35.39
CA LYS A 35 -6.31 33.43 -36.81
C LYS A 35 -6.24 34.86 -37.33
N GLN A 36 -7.20 35.70 -36.94
CA GLN A 36 -7.25 37.06 -37.46
C GLN A 36 -6.08 37.90 -36.97
N ILE A 37 -5.45 37.53 -35.86
CA ILE A 37 -4.32 38.27 -35.31
C ILE A 37 -4.75 39.67 -34.90
N ASP A 58 -14.62 30.03 -39.93
CA ASP A 58 -13.86 29.72 -41.13
C ASP A 58 -13.49 28.24 -41.19
N LEU A 59 -12.54 27.84 -40.35
CA LEU A 59 -12.12 26.44 -40.30
C LEU A 59 -13.26 25.55 -39.81
N VAL A 60 -13.29 24.32 -40.31
CA VAL A 60 -14.25 23.32 -39.90
C VAL A 60 -13.51 22.27 -39.09
N LEU A 61 -13.97 22.04 -37.87
CA LEU A 61 -13.31 21.15 -36.93
C LEU A 61 -14.31 20.13 -36.39
N ASN A 62 -13.86 18.89 -36.23
CA ASN A 62 -14.68 17.90 -35.56
C ASN A 62 -14.76 18.21 -34.07
N GLU A 63 -15.70 17.55 -33.38
CA GLU A 63 -16.00 17.92 -32.00
C GLU A 63 -14.87 17.65 -31.03
N TYR A 64 -13.83 16.92 -31.45
CA TYR A 64 -12.68 16.69 -30.58
C TYR A 64 -11.66 17.82 -30.64
N GLU A 65 -11.39 18.35 -31.83
CA GLU A 65 -10.46 19.46 -31.96
C GLU A 65 -11.13 20.82 -31.78
N ASN A 66 -12.45 20.85 -31.64
CA ASN A 66 -13.12 22.02 -31.09
C ASN A 66 -12.95 22.11 -29.58
N GLN A 67 -12.40 21.06 -28.96
CA GLN A 67 -12.08 21.04 -27.54
C GLN A 67 -10.61 21.26 -27.26
N VAL A 68 -9.74 20.95 -28.22
CA VAL A 68 -8.32 21.26 -28.07
C VAL A 68 -8.03 22.69 -28.51
N ALA A 69 -8.81 23.22 -29.45
CA ALA A 69 -8.61 24.59 -29.89
C ALA A 69 -9.02 25.60 -28.83
N LEU A 70 -9.73 25.18 -27.80
CA LEU A 70 -9.93 26.04 -26.64
C LEU A 70 -8.60 26.32 -25.94
N GLU A 71 -7.65 25.40 -26.05
CA GLU A 71 -6.31 25.59 -25.51
C GLU A 71 -5.37 26.14 -26.58
N VAL A 72 -5.81 27.23 -27.21
CA VAL A 72 -5.01 27.95 -28.20
C VAL A 72 -4.77 29.35 -27.66
N VAL A 73 -3.50 29.71 -27.51
CA VAL A 73 -3.11 30.94 -26.82
C VAL A 73 -3.01 32.07 -27.84
N ALA A 74 -3.84 33.09 -27.66
CA ALA A 74 -3.77 34.25 -28.53
C ALA A 74 -2.45 34.99 -28.34
N PRO A 75 -2.04 35.82 -29.29
CA PRO A 75 -0.72 36.45 -29.19
C PRO A 75 -0.67 37.55 -28.13
N GLU A 76 -1.70 38.37 -28.05
CA GLU A 76 -1.75 39.48 -27.11
C GLU A 76 -2.21 39.05 -25.72
N ASP A 77 -2.41 37.75 -25.49
CA ASP A 77 -2.76 37.27 -24.16
C ASP A 77 -1.54 37.12 -23.26
N ILE A 78 -0.34 37.22 -23.82
CA ILE A 78 0.90 37.12 -23.05
C ILE A 78 1.40 38.53 -22.77
N PRO A 79 1.83 38.82 -21.54
CA PRO A 79 2.35 40.16 -21.22
C PRO A 79 3.84 40.34 -21.45
N VAL A 80 4.59 39.28 -21.75
CA VAL A 80 6.05 39.33 -21.79
C VAL A 80 6.54 38.94 -23.17
N GLY A 81 7.55 39.66 -23.65
CA GLY A 81 8.27 39.29 -24.84
C GLY A 81 9.68 38.85 -24.53
N PHE A 82 10.51 38.81 -25.57
CA PHE A 82 11.91 38.45 -25.38
C PHE A 82 12.71 39.55 -24.68
N ASN A 83 12.21 40.78 -24.66
CA ASN A 83 12.92 41.86 -23.99
C ASN A 83 12.71 41.84 -22.48
N ASP A 84 11.60 41.25 -22.03
CA ASP A 84 11.28 41.19 -20.61
C ASP A 84 11.97 40.05 -19.89
N ILE A 85 12.90 39.36 -20.54
CA ILE A 85 13.64 38.26 -19.94
C ILE A 85 15.12 38.64 -19.92
N GLY A 86 15.81 38.25 -18.86
CA GLY A 86 17.21 38.59 -18.70
C GLY A 86 18.01 37.38 -18.31
N GLY A 87 19.30 37.41 -18.65
CA GLY A 87 20.21 36.32 -18.39
C GLY A 87 20.19 35.23 -19.45
N LEU A 88 19.03 34.95 -20.02
CA LEU A 88 18.90 33.94 -21.09
C LEU A 88 19.02 34.68 -22.42
N ASP A 89 20.23 34.76 -22.94
CA ASP A 89 20.46 35.44 -24.20
C ASP A 89 21.00 34.53 -25.28
N ASP A 90 21.95 33.66 -24.96
CA ASP A 90 22.42 32.68 -25.93
C ASP A 90 21.35 31.65 -26.23
N ILE A 91 20.65 31.17 -25.19
CA ILE A 91 19.54 30.26 -25.41
C ILE A 91 18.43 30.96 -26.18
N ILE A 92 18.22 32.24 -25.93
CA ILE A 92 17.12 32.92 -26.60
C ILE A 92 17.45 33.14 -28.07
N GLU A 93 18.72 33.40 -28.38
CA GLU A 93 19.14 33.46 -29.78
C GLU A 93 19.08 32.10 -30.44
N GLU A 94 19.37 31.03 -29.70
CA GLU A 94 19.20 29.69 -30.25
C GLU A 94 17.75 29.43 -30.61
N LEU A 95 16.83 29.75 -29.70
CA LEU A 95 15.41 29.53 -29.97
C LEU A 95 14.93 30.38 -31.14
N LYS A 96 15.42 31.61 -31.25
CA LYS A 96 15.10 32.41 -32.42
C LYS A 96 15.61 31.75 -33.69
N GLU A 97 16.93 31.63 -33.81
CA GLU A 97 17.58 31.24 -35.06
C GLU A 97 17.33 29.78 -35.44
N THR A 98 16.78 28.96 -34.55
CA THR A 98 16.57 27.56 -34.87
C THR A 98 15.14 27.07 -34.69
N ILE A 99 14.25 27.83 -34.05
CA ILE A 99 12.90 27.38 -33.77
C ILE A 99 11.84 28.36 -34.22
N ILE A 100 12.20 29.61 -34.48
CA ILE A 100 11.20 30.61 -34.86
C ILE A 100 11.43 31.05 -36.30
N TYR A 101 12.69 31.06 -36.73
CA TYR A 101 12.99 31.36 -38.13
C TYR A 101 12.79 30.14 -39.01
N PRO A 102 13.26 28.95 -38.64
CA PRO A 102 12.94 27.77 -39.43
C PRO A 102 11.46 27.45 -39.47
N LEU A 103 10.70 27.88 -38.46
CA LEU A 103 9.27 27.61 -38.40
C LEU A 103 8.42 28.75 -38.95
N THR A 104 8.94 29.96 -39.01
CA THR A 104 8.23 31.09 -39.59
C THR A 104 9.12 31.74 -40.63
N MET A 105 8.57 31.97 -41.82
CA MET A 105 9.34 32.39 -42.99
C MET A 105 10.33 31.31 -43.38
N PRO A 106 9.87 30.11 -43.77
CA PRO A 106 10.82 29.06 -44.15
C PRO A 106 11.36 29.20 -45.56
N HIS A 107 10.78 30.08 -46.39
CA HIS A 107 11.24 30.23 -47.76
C HIS A 107 12.69 30.71 -47.81
N LEU A 108 13.13 31.47 -46.80
CA LEU A 108 14.51 31.92 -46.76
C LEU A 108 15.49 30.77 -46.59
N TYR A 109 15.03 29.62 -46.09
CA TYR A 109 15.89 28.48 -45.83
C TYR A 109 15.87 27.45 -46.95
N LYS A 110 15.16 27.73 -48.05
CA LYS A 110 15.21 26.83 -49.19
C LYS A 110 16.60 26.78 -49.80
N HIS A 111 17.36 27.89 -49.71
CA HIS A 111 18.73 27.89 -50.22
C HIS A 111 19.61 26.91 -49.45
N GLY A 112 19.48 26.90 -48.13
CA GLY A 112 20.30 26.02 -47.31
C GLY A 112 19.97 24.55 -47.45
N GLY A 113 18.79 24.23 -47.96
CA GLY A 113 18.40 22.84 -48.14
C GLY A 113 17.37 22.37 -47.13
N ALA A 114 17.55 21.16 -46.62
CA ALA A 114 16.61 20.55 -45.68
C ALA A 114 17.17 20.42 -44.27
N LEU A 115 18.46 20.10 -44.13
CA LEU A 115 19.04 19.95 -42.79
C LEU A 115 19.01 21.27 -42.02
N LEU A 116 19.11 22.40 -42.72
CA LEU A 116 19.03 23.72 -42.09
C LEU A 116 17.57 24.12 -41.96
N ALA A 117 16.85 23.36 -41.13
CA ALA A 117 15.43 23.57 -40.91
C ALA A 117 15.13 23.41 -39.42
N ALA A 118 13.85 23.52 -39.07
CA ALA A 118 13.45 23.42 -37.67
C ALA A 118 13.30 21.96 -37.26
N PRO A 119 13.73 21.60 -36.07
CA PRO A 119 13.47 20.24 -35.56
C PRO A 119 12.00 20.05 -35.29
N SER A 120 11.62 18.77 -35.17
CA SER A 120 10.23 18.41 -34.87
C SER A 120 9.95 18.31 -33.38
N GLY A 121 10.73 19.03 -32.57
CA GLY A 121 10.52 19.04 -31.13
C GLY A 121 11.70 19.65 -30.39
N VAL A 122 11.41 20.47 -29.38
CA VAL A 122 12.42 21.13 -28.58
C VAL A 122 12.02 21.02 -27.12
N LEU A 123 13.04 20.94 -26.26
CA LEU A 123 12.81 20.78 -24.83
C LEU A 123 13.57 21.86 -24.08
N LEU A 124 13.01 22.29 -22.96
CA LEU A 124 13.60 23.30 -22.09
C LEU A 124 13.69 22.69 -20.70
N TYR A 125 14.86 22.18 -20.33
CA TYR A 125 15.03 21.57 -19.02
C TYR A 125 15.89 22.46 -18.14
N GLY A 126 16.00 22.06 -16.87
CA GLY A 126 16.73 22.84 -15.90
C GLY A 126 16.04 22.85 -14.55
N PRO A 127 16.55 23.65 -13.63
CA PRO A 127 15.98 23.68 -12.28
C PRO A 127 14.66 24.43 -12.27
N PRO A 128 13.92 24.39 -11.17
CA PRO A 128 12.64 25.09 -11.10
C PRO A 128 12.83 26.57 -10.82
N GLY A 129 11.99 27.39 -11.46
CA GLY A 129 12.01 28.81 -11.28
C GLY A 129 13.02 29.55 -12.12
N CYS A 130 13.92 28.82 -12.78
CA CYS A 130 15.02 29.45 -13.51
C CYS A 130 14.56 30.26 -14.72
N GLY A 131 13.36 30.04 -15.23
CA GLY A 131 12.84 30.91 -16.27
C GLY A 131 12.55 30.27 -17.61
N LYS A 132 12.13 29.01 -17.62
CA LYS A 132 11.84 28.30 -18.86
C LYS A 132 10.38 28.35 -19.28
N THR A 133 9.44 28.31 -18.33
CA THR A 133 8.06 28.63 -18.67
C THR A 133 7.94 30.07 -19.16
N MET A 134 8.79 30.97 -18.67
CA MET A 134 8.82 32.33 -19.18
C MET A 134 9.36 32.38 -20.61
N LEU A 135 10.34 31.53 -20.92
CA LEU A 135 10.78 31.39 -22.31
C LEU A 135 9.65 30.90 -23.19
N ALA A 136 8.88 29.93 -22.72
CA ALA A 136 7.74 29.43 -23.49
C ALA A 136 6.71 30.53 -23.70
N LYS A 137 6.47 31.33 -22.68
CA LYS A 137 5.51 32.43 -22.79
C LYS A 137 5.98 33.47 -23.80
N ALA A 138 7.27 33.80 -23.77
CA ALA A 138 7.82 34.73 -24.74
C ALA A 138 7.77 34.17 -26.16
N VAL A 139 7.97 32.86 -26.30
CA VAL A 139 7.84 32.24 -27.61
C VAL A 139 6.41 32.34 -28.11
N ALA A 140 5.45 32.13 -27.21
CA ALA A 140 4.04 32.26 -27.58
C ALA A 140 3.72 33.68 -28.02
N HIS A 141 4.30 34.67 -27.35
CA HIS A 141 3.96 36.06 -27.65
C HIS A 141 4.64 36.55 -28.93
N GLU A 142 5.97 36.38 -29.02
CA GLU A 142 6.73 37.06 -30.06
C GLU A 142 6.77 36.27 -31.37
N SER A 143 6.87 34.94 -31.29
CA SER A 143 6.97 34.13 -32.50
C SER A 143 5.73 34.30 -33.38
N GLY A 144 4.54 34.31 -32.77
CA GLY A 144 3.32 34.56 -33.50
C GLY A 144 3.02 33.51 -34.55
N ALA A 145 2.94 32.25 -34.13
CA ALA A 145 2.57 31.17 -35.06
C ALA A 145 1.81 30.12 -34.27
N SER A 146 0.47 30.27 -34.23
CA SER A 146 -0.51 29.31 -33.72
C SER A 146 -0.06 28.50 -32.50
N PHE A 147 0.32 29.19 -31.43
CA PHE A 147 0.78 28.52 -30.21
C PHE A 147 -0.40 27.92 -29.47
N ILE A 148 -0.25 26.66 -29.04
CA ILE A 148 -1.30 25.97 -28.29
C ILE A 148 -0.65 25.24 -27.13
N ASN A 149 -1.13 25.49 -25.92
CA ASN A 149 -0.56 24.91 -24.71
C ASN A 149 -1.43 23.76 -24.24
N LEU A 150 -0.90 22.55 -24.32
CA LEU A 150 -1.66 21.37 -23.93
C LEU A 150 -1.56 21.14 -22.43
N HIS A 151 -2.69 21.21 -21.74
CA HIS A 151 -2.74 20.82 -20.34
C HIS A 151 -2.95 19.32 -20.23
N ILE A 152 -2.57 18.76 -19.08
CA ILE A 152 -2.68 17.33 -18.88
C ILE A 152 -4.14 16.88 -18.83
N SER A 153 -5.05 17.79 -18.46
CA SER A 153 -6.46 17.41 -18.36
C SER A 153 -7.08 17.19 -19.72
N THR A 154 -6.71 18.00 -20.71
CA THR A 154 -7.28 17.84 -22.05
C THR A 154 -6.82 16.56 -22.73
N LEU A 155 -5.74 15.94 -22.25
CA LEU A 155 -5.33 14.66 -22.80
C LEU A 155 -5.98 13.49 -22.07
N THR A 156 -6.42 13.72 -20.83
CA THR A 156 -7.01 12.67 -20.00
C THR A 156 -8.52 12.80 -20.06
N GLU A 157 -9.18 11.76 -20.56
CA GLU A 157 -10.63 11.71 -20.64
C GLU A 157 -11.15 10.52 -19.84
N LYS A 158 -12.28 10.74 -19.15
CA LYS A 158 -12.90 9.66 -18.39
C LYS A 158 -13.34 8.52 -19.29
N TRP A 159 -14.01 8.85 -20.39
CA TRP A 159 -14.55 7.83 -21.27
C TRP A 159 -13.43 7.07 -21.96
N TYR A 160 -13.78 5.91 -22.51
CA TYR A 160 -12.80 5.03 -23.14
C TYR A 160 -12.63 5.40 -24.61
N GLY A 161 -11.38 5.49 -25.05
CA GLY A 161 -11.10 5.77 -26.45
C GLY A 161 -11.04 7.24 -26.78
N ASP A 162 -12.00 8.02 -26.29
CA ASP A 162 -12.04 9.44 -26.61
C ASP A 162 -10.92 10.23 -25.96
N SER A 163 -10.20 9.65 -25.00
CA SER A 163 -8.98 10.26 -24.50
C SER A 163 -7.81 10.08 -25.44
N ASN A 164 -8.00 9.30 -26.50
CA ASN A 164 -7.01 9.11 -27.56
C ASN A 164 -7.33 9.89 -28.82
N LYS A 165 -8.61 10.12 -29.11
CA LYS A 165 -8.97 10.97 -30.25
C LYS A 165 -8.57 12.42 -30.02
N ILE A 166 -8.36 12.83 -28.77
CA ILE A 166 -7.93 14.20 -28.52
C ILE A 166 -6.50 14.41 -29.01
N VAL A 167 -5.68 13.37 -29.03
CA VAL A 167 -4.35 13.52 -29.59
C VAL A 167 -4.41 13.70 -31.11
N ARG A 168 -5.26 12.92 -31.77
CA ARG A 168 -5.53 13.14 -33.19
C ARG A 168 -6.02 14.56 -33.42
N ALA A 169 -6.91 15.05 -32.56
CA ALA A 169 -7.43 16.41 -32.71
C ALA A 169 -6.32 17.44 -32.52
N VAL A 170 -5.43 17.21 -31.55
CA VAL A 170 -4.32 18.13 -31.32
C VAL A 170 -3.43 18.22 -32.56
N PHE A 171 -3.03 17.08 -33.09
CA PHE A 171 -2.13 17.10 -34.25
C PHE A 171 -2.84 17.59 -35.51
N SER A 172 -4.13 17.31 -35.66
CA SER A 172 -4.85 17.82 -36.83
C SER A 172 -5.04 19.33 -36.74
N LEU A 173 -5.30 19.85 -35.54
CA LEU A 173 -5.40 21.30 -35.36
C LEU A 173 -4.06 21.95 -35.62
N ALA A 174 -2.98 21.35 -35.10
CA ALA A 174 -1.65 21.88 -35.36
C ALA A 174 -1.27 21.80 -36.83
N LYS A 175 -1.81 20.83 -37.56
CA LYS A 175 -1.59 20.75 -39.00
C LYS A 175 -2.42 21.75 -39.77
N LYS A 176 -3.60 22.12 -39.27
CA LYS A 176 -4.43 23.13 -39.91
C LYS A 176 -3.92 24.54 -39.60
N LEU A 177 -3.66 24.83 -38.33
CA LEU A 177 -2.94 26.04 -37.93
C LEU A 177 -1.47 25.78 -38.22
N GLN A 178 -1.07 26.13 -39.46
CA GLN A 178 0.11 25.51 -40.07
C GLN A 178 1.39 25.73 -39.27
N PRO A 179 1.81 26.97 -38.99
CA PRO A 179 3.01 27.14 -38.15
C PRO A 179 2.74 26.88 -36.69
N SER A 180 2.39 25.64 -36.34
CA SER A 180 1.98 25.35 -34.97
C SER A 180 3.17 25.07 -34.08
N ILE A 181 3.04 25.49 -32.81
CA ILE A 181 4.03 25.21 -31.78
C ILE A 181 3.27 24.58 -30.62
N ILE A 182 3.17 23.25 -30.62
CA ILE A 182 2.53 22.56 -29.52
C ILE A 182 3.44 22.68 -28.29
N PHE A 183 2.82 22.89 -27.14
CA PHE A 183 3.58 23.13 -25.91
C PHE A 183 3.00 22.29 -24.78
N ILE A 184 3.87 21.56 -24.09
CA ILE A 184 3.49 20.74 -22.96
C ILE A 184 4.33 21.17 -21.78
N ASP A 185 3.74 21.96 -20.88
CA ASP A 185 4.44 22.49 -19.72
C ASP A 185 4.48 21.43 -18.63
N GLU A 186 5.64 21.27 -18.00
CA GLU A 186 5.87 20.20 -17.04
C GLU A 186 5.56 18.86 -17.70
N ILE A 187 6.40 18.51 -18.67
CA ILE A 187 6.06 17.45 -19.60
C ILE A 187 6.36 16.10 -18.95
N ASP A 188 5.40 15.63 -18.16
CA ASP A 188 5.44 14.31 -17.53
C ASP A 188 4.08 13.65 -17.62
N ALA A 189 3.17 14.20 -18.42
CA ALA A 189 1.97 13.46 -18.82
C ALA A 189 2.29 12.50 -19.95
N VAL A 190 3.29 12.82 -20.76
CA VAL A 190 3.81 11.93 -21.79
C VAL A 190 5.05 11.24 -21.20
N LEU A 191 5.15 11.27 -19.88
CA LEU A 191 6.27 10.63 -19.18
C LEU A 191 6.22 9.11 -19.38
N GLY A 192 7.40 8.51 -19.33
CA GLY A 192 7.51 7.06 -19.44
C GLY A 192 7.82 6.40 -18.11
N GLY A 197 0.78 3.54 -11.65
CA GLY A 197 0.06 2.63 -12.52
C GLY A 197 0.17 2.99 -13.98
N GLU A 198 0.40 1.98 -14.82
CA GLU A 198 0.53 2.22 -16.26
C GLU A 198 -0.78 2.75 -16.84
N HIS A 199 -1.88 2.06 -16.57
CA HIS A 199 -3.19 2.48 -17.09
C HIS A 199 -3.18 2.55 -18.62
N GLU A 200 -3.11 1.39 -19.27
CA GLU A 200 -2.93 1.21 -20.71
C GLU A 200 -3.65 2.24 -21.58
N ALA A 201 -4.85 2.65 -21.17
CA ALA A 201 -5.51 3.77 -21.84
C ALA A 201 -4.62 5.01 -21.84
N SER A 202 -4.03 5.34 -20.70
CA SER A 202 -3.02 6.39 -20.67
C SER A 202 -1.79 5.95 -21.45
N GLY A 203 -1.42 4.68 -21.35
CA GLY A 203 -0.38 4.15 -22.21
C GLY A 203 -0.75 4.26 -23.68
N MET A 204 -2.03 4.06 -23.99
CA MET A 204 -2.48 4.25 -25.37
C MET A 204 -2.31 5.68 -25.82
N VAL A 205 -2.64 6.64 -24.96
CA VAL A 205 -2.48 8.05 -25.30
C VAL A 205 -1.02 8.37 -25.55
N LYS A 206 -0.13 7.90 -24.66
CA LYS A 206 1.30 8.17 -24.83
C LYS A 206 1.84 7.52 -26.10
N ALA A 207 1.43 6.27 -26.35
CA ALA A 207 1.92 5.57 -27.54
C ALA A 207 1.42 6.23 -28.80
N GLU A 208 0.16 6.69 -28.81
CA GLU A 208 -0.36 7.37 -29.99
C GLU A 208 0.31 8.73 -30.18
N PHE A 209 0.61 9.43 -29.09
CA PHE A 209 1.39 10.66 -29.21
C PHE A 209 2.75 10.41 -29.83
N MET A 210 3.43 9.35 -29.38
CA MET A 210 4.72 9.00 -29.97
C MET A 210 4.58 8.65 -31.44
N THR A 211 3.54 7.89 -31.80
CA THR A 211 3.38 7.42 -33.17
C THR A 211 3.06 8.58 -34.11
N LEU A 212 2.09 9.41 -33.75
CA LEU A 212 1.72 10.54 -34.59
C LEU A 212 2.74 11.67 -34.50
N TRP A 213 3.68 11.59 -33.56
CA TRP A 213 4.84 12.46 -33.52
C TRP A 213 5.60 12.38 -34.83
N ASP A 214 6.15 11.21 -35.12
CA ASP A 214 6.88 10.93 -36.37
C ASP A 214 6.38 9.60 -36.89
N GLY A 215 5.34 9.64 -37.72
CA GLY A 215 4.78 8.45 -38.30
C GLY A 215 4.54 8.58 -39.79
N LEU A 216 3.31 8.32 -40.24
CA LEU A 216 2.94 8.48 -41.63
C LEU A 216 2.54 9.91 -41.98
N THR A 217 2.84 10.87 -41.11
CA THR A 217 2.53 12.27 -41.35
C THR A 217 3.68 13.22 -41.07
N SER A 218 4.73 12.77 -40.38
CA SER A 218 5.88 13.61 -40.09
C SER A 218 6.91 13.62 -41.22
N THR A 219 6.68 12.83 -42.27
CA THR A 219 7.53 12.82 -43.47
C THR A 219 6.60 13.09 -44.66
N ASN A 220 6.37 14.37 -44.94
CA ASN A 220 5.45 14.77 -45.99
C ASN A 220 6.15 14.72 -47.34
N ALA A 221 5.41 14.27 -48.37
CA ALA A 221 5.92 14.30 -49.73
C ALA A 221 6.13 15.71 -50.25
N SER A 222 5.55 16.72 -49.60
CA SER A 222 5.74 18.11 -49.97
C SER A 222 7.05 18.68 -49.46
N GLY A 223 7.92 17.85 -48.90
CA GLY A 223 9.21 18.33 -48.42
C GLY A 223 9.13 19.26 -47.24
N VAL A 224 8.07 19.16 -46.44
CA VAL A 224 7.90 20.01 -45.27
C VAL A 224 7.37 19.18 -44.11
N PRO A 225 7.88 19.38 -42.89
CA PRO A 225 7.36 18.61 -41.75
C PRO A 225 6.03 19.12 -41.21
N ASN A 226 5.36 20.03 -41.92
CA ASN A 226 4.14 20.72 -41.55
C ASN A 226 4.40 21.83 -40.52
N ARG A 227 5.64 21.96 -40.03
CA ARG A 227 6.02 23.07 -39.16
C ARG A 227 5.22 23.04 -37.85
N ILE A 228 5.28 21.90 -37.17
CA ILE A 228 4.64 21.70 -35.88
C ILE A 228 5.74 21.31 -34.90
N VAL A 229 6.31 22.30 -34.21
CA VAL A 229 7.38 22.08 -33.26
C VAL A 229 6.75 21.90 -31.88
N VAL A 230 6.76 20.67 -31.38
CA VAL A 230 6.16 20.37 -30.09
C VAL A 230 7.13 20.78 -28.99
N LEU A 231 7.05 22.02 -28.54
CA LEU A 231 7.94 22.50 -27.50
C LEU A 231 7.54 21.90 -26.16
N GLY A 232 8.54 21.64 -25.32
CA GLY A 232 8.32 21.06 -24.02
C GLY A 232 9.05 21.82 -22.94
N ALA A 233 8.86 21.38 -21.71
CA ALA A 233 9.55 21.97 -20.57
C ALA A 233 9.42 21.03 -19.39
N THR A 234 10.47 20.98 -18.58
CA THR A 234 10.45 20.10 -17.42
C THR A 234 11.63 20.43 -16.52
N ASN A 235 11.40 20.43 -15.22
CA ASN A 235 12.42 20.65 -14.22
C ASN A 235 13.02 19.37 -13.69
N ARG A 236 12.57 18.21 -14.19
CA ARG A 236 13.09 16.90 -13.82
C ARG A 236 13.39 16.14 -15.10
N ILE A 237 14.60 16.33 -15.63
CA ILE A 237 14.93 15.82 -16.96
C ILE A 237 15.20 14.33 -16.93
N ASN A 238 15.46 13.78 -15.74
CA ASN A 238 15.89 12.39 -15.65
C ASN A 238 14.75 11.43 -15.95
N ASP A 239 13.57 11.68 -15.40
CA ASP A 239 12.52 10.67 -15.42
C ASP A 239 11.89 10.52 -16.80
N ILE A 240 11.99 11.53 -17.67
CA ILE A 240 11.51 11.37 -19.03
C ILE A 240 12.35 10.31 -19.73
N ASP A 241 11.73 9.15 -19.96
CA ASP A 241 12.49 7.90 -20.00
C ASP A 241 13.47 7.83 -21.17
N GLU A 242 12.97 7.55 -22.38
CA GLU A 242 13.87 7.43 -23.53
C GLU A 242 13.32 8.09 -24.78
N ALA A 243 12.01 7.96 -25.00
CA ALA A 243 11.46 8.26 -26.31
C ALA A 243 11.49 9.75 -26.61
N ILE A 244 11.12 10.57 -25.63
CA ILE A 244 11.13 12.01 -25.86
C ILE A 244 12.57 12.52 -25.96
N LEU A 245 13.51 11.83 -25.33
CA LEU A 245 14.90 12.21 -25.44
C LEU A 245 15.46 12.02 -26.84
N ARG A 246 14.88 11.11 -27.63
CA ARG A 246 15.27 10.95 -29.02
C ARG A 246 14.36 11.72 -29.98
N ARG A 247 13.12 12.01 -29.56
CA ARG A 247 12.21 12.77 -30.41
C ARG A 247 12.46 14.26 -30.33
N MET A 248 13.10 14.74 -29.25
CA MET A 248 13.42 16.16 -29.08
C MET A 248 14.91 16.36 -29.28
N PRO A 249 15.35 16.72 -30.48
CA PRO A 249 16.79 16.92 -30.72
C PRO A 249 17.38 18.05 -29.89
N LYS A 250 16.77 19.22 -29.95
CA LYS A 250 17.27 20.38 -29.22
C LYS A 250 16.78 20.37 -27.79
N GLN A 251 17.71 20.44 -26.85
CA GLN A 251 17.39 20.39 -25.42
C GLN A 251 18.19 21.48 -24.73
N PHE A 252 17.51 22.55 -24.33
CA PHE A 252 18.18 23.72 -23.78
C PHE A 252 18.18 23.66 -22.26
N PRO A 253 19.35 23.70 -21.63
CA PRO A 253 19.40 23.82 -20.17
C PRO A 253 19.32 25.28 -19.73
N VAL A 254 18.30 25.62 -18.95
CA VAL A 254 18.17 26.97 -18.41
C VAL A 254 18.84 26.97 -17.04
N PRO A 255 20.07 27.42 -16.94
CA PRO A 255 20.80 27.33 -15.67
C PRO A 255 20.34 28.40 -14.70
N LEU A 256 20.87 28.33 -13.48
CA LEU A 256 20.56 29.52 -12.69
C LEU A 256 21.44 30.68 -13.15
N PRO A 257 20.99 31.91 -12.97
CA PRO A 257 21.82 33.07 -13.36
C PRO A 257 23.12 33.09 -12.55
N GLY A 258 24.24 33.01 -13.27
CA GLY A 258 25.51 32.71 -12.64
C GLY A 258 26.10 33.79 -11.74
N LEU A 259 26.58 34.88 -12.32
CA LEU A 259 27.18 35.95 -11.52
C LEU A 259 26.76 37.35 -11.91
N GLU A 260 26.33 37.60 -13.15
CA GLU A 260 25.87 38.90 -13.56
C GLU A 260 24.54 38.84 -14.31
N GLN A 261 24.06 37.64 -14.64
CA GLN A 261 22.70 37.51 -15.14
C GLN A 261 21.68 37.81 -14.07
N ARG A 262 22.02 37.56 -12.80
CA ARG A 262 21.18 38.02 -11.71
C ARG A 262 21.13 39.54 -11.66
N ARG A 263 22.21 40.21 -12.05
CA ARG A 263 22.16 41.66 -12.18
C ARG A 263 21.16 42.06 -13.26
N ARG A 264 21.10 41.30 -14.36
CA ARG A 264 20.13 41.57 -15.40
C ARG A 264 18.71 41.37 -14.88
N ILE A 265 18.48 40.28 -14.15
CA ILE A 265 17.15 40.01 -13.62
C ILE A 265 16.76 41.06 -12.58
N LEU A 266 17.73 41.58 -11.84
CA LEU A 266 17.44 42.64 -10.88
C LEU A 266 17.08 43.94 -11.58
N GLU A 267 17.86 44.32 -12.59
CA GLU A 267 17.53 45.51 -13.37
C GLU A 267 16.23 45.36 -14.15
N LEU A 268 15.82 44.12 -14.39
CA LEU A 268 14.60 43.83 -15.15
C LEU A 268 13.35 43.82 -14.28
N VAL A 269 13.39 43.13 -13.14
CA VAL A 269 12.21 43.08 -12.28
C VAL A 269 11.93 44.44 -11.66
N LEU A 270 12.98 45.17 -11.30
CA LEU A 270 12.82 46.47 -10.68
C LEU A 270 12.69 47.56 -11.73
N ARG A 271 11.76 47.39 -12.66
CA ARG A 271 11.58 48.35 -13.74
C ARG A 271 10.54 49.42 -13.43
N GLY A 272 9.61 49.16 -12.52
CA GLY A 272 8.59 50.12 -12.15
C GLY A 272 8.66 50.63 -10.73
N THR A 273 9.72 50.34 -9.98
CA THR A 273 9.85 50.74 -8.59
C THR A 273 10.87 51.85 -8.47
N LYS A 274 10.54 52.88 -7.68
CA LYS A 274 11.43 54.02 -7.51
C LYS A 274 12.55 53.67 -6.55
N ARG A 275 13.72 53.34 -7.10
CA ARG A 275 14.92 53.03 -6.33
C ARG A 275 15.88 54.21 -6.27
N ASP A 276 15.34 55.43 -6.18
CA ASP A 276 16.11 56.65 -6.48
C ASP A 276 17.31 56.85 -5.58
N PRO A 277 17.16 57.04 -4.25
CA PRO A 277 18.25 57.62 -3.46
C PRO A 277 19.55 56.84 -3.45
N ASP A 278 19.53 55.58 -2.97
CA ASP A 278 20.74 54.78 -2.83
C ASP A 278 20.34 53.31 -2.95
N PHE A 279 20.55 52.74 -4.12
CA PHE A 279 20.27 51.33 -4.38
C PHE A 279 21.45 50.73 -5.12
N ASP A 280 22.38 50.14 -4.37
CA ASP A 280 23.57 49.51 -4.95
C ASP A 280 23.16 48.18 -5.55
N LEU A 281 22.82 48.23 -6.85
CA LEU A 281 22.32 47.04 -7.53
C LEU A 281 23.38 45.95 -7.63
N ASP A 282 24.66 46.34 -7.68
CA ASP A 282 25.72 45.34 -7.74
C ASP A 282 25.77 44.53 -6.45
N TYR A 283 25.54 45.17 -5.31
CA TYR A 283 25.53 44.45 -4.03
C TYR A 283 24.40 43.43 -4.01
N ILE A 284 23.22 43.82 -4.48
CA ILE A 284 22.10 42.88 -4.51
C ILE A 284 22.34 41.77 -5.51
N ALA A 285 23.08 42.05 -6.59
CA ALA A 285 23.41 40.99 -7.54
C ALA A 285 24.44 40.03 -6.98
N ARG A 286 25.33 40.52 -6.11
CA ARG A 286 26.36 39.68 -5.52
C ARG A 286 25.88 38.93 -4.29
N VAL A 287 24.86 39.42 -3.59
CA VAL A 287 24.39 38.73 -2.40
C VAL A 287 23.53 37.53 -2.75
N THR A 288 22.77 37.61 -3.83
CA THR A 288 21.93 36.50 -4.29
C THR A 288 22.84 35.45 -4.90
N ALA A 289 23.41 34.61 -4.03
CA ALA A 289 24.41 33.63 -4.46
C ALA A 289 23.82 32.64 -5.45
N GLY A 290 22.85 31.84 -5.01
CA GLY A 290 22.31 30.79 -5.85
C GLY A 290 20.81 30.85 -6.02
N MET A 291 20.23 32.04 -5.92
CA MET A 291 18.79 32.18 -6.08
C MET A 291 18.40 32.04 -7.55
N SER A 292 17.29 31.35 -7.79
CA SER A 292 16.74 31.27 -9.13
C SER A 292 15.91 32.51 -9.42
N GLY A 293 15.59 32.71 -10.71
CA GLY A 293 14.86 33.88 -11.17
C GLY A 293 13.61 34.20 -10.38
N SER A 294 12.85 33.17 -10.03
CA SER A 294 11.69 33.37 -9.16
C SER A 294 12.11 33.81 -7.76
N ASP A 295 13.25 33.32 -7.28
CA ASP A 295 13.72 33.71 -5.96
C ASP A 295 14.15 35.17 -5.94
N ILE A 296 14.91 35.61 -6.94
CA ILE A 296 15.24 37.03 -7.05
C ILE A 296 13.99 37.86 -7.21
N LYS A 297 13.00 37.34 -7.94
CA LYS A 297 11.76 38.08 -8.15
C LYS A 297 11.00 38.27 -6.85
N GLU A 298 10.91 37.22 -6.03
CA GLU A 298 10.21 37.34 -4.76
C GLU A 298 10.99 38.19 -3.77
N THR A 299 12.33 38.15 -3.82
CA THR A 299 13.11 39.05 -2.98
C THR A 299 12.88 40.50 -3.37
N CYS A 300 12.83 40.79 -4.67
CA CYS A 300 12.49 42.15 -5.11
C CYS A 300 11.08 42.52 -4.69
N ARG A 301 10.16 41.56 -4.71
CA ARG A 301 8.80 41.81 -4.24
C ARG A 301 8.78 42.23 -2.78
N ASP A 302 9.53 41.52 -1.94
CA ASP A 302 9.59 41.89 -0.52
C ASP A 302 10.24 43.24 -0.34
N ALA A 303 11.35 43.49 -1.04
CA ALA A 303 12.05 44.76 -0.91
C ALA A 303 11.20 45.93 -1.39
N ALA A 304 10.31 45.71 -2.35
CA ALA A 304 9.40 46.76 -2.79
C ALA A 304 8.20 46.91 -1.88
N MET A 305 7.72 45.81 -1.29
CA MET A 305 6.67 45.91 -0.29
C MET A 305 7.14 46.69 0.94
N ALA A 306 8.43 46.62 1.25
CA ALA A 306 8.98 47.26 2.44
C ALA A 306 8.61 48.74 2.56
N PRO A 307 8.87 49.60 1.57
CA PRO A 307 8.49 51.02 1.74
C PRO A 307 6.99 51.22 1.76
N MET A 308 6.25 50.53 0.90
CA MET A 308 4.79 50.66 0.92
C MET A 308 4.22 50.16 2.24
N ARG A 309 4.77 49.07 2.77
CA ARG A 309 4.32 48.57 4.07
C ARG A 309 4.61 49.60 5.17
N GLU A 310 5.84 50.10 5.24
CA GLU A 310 6.21 51.03 6.29
C GLU A 310 5.55 52.40 6.13
N TYR A 311 4.97 52.67 4.97
CA TYR A 311 4.16 53.88 4.76
C TYR A 311 2.70 53.67 5.18
N ILE A 312 2.08 52.57 4.73
CA ILE A 312 0.72 52.25 5.15
C ILE A 312 0.65 52.09 6.66
N ARG A 313 1.69 51.52 7.26
CA ARG A 313 1.74 51.35 8.71
C ARG A 313 1.89 52.66 9.46
N GLN A 314 2.22 53.76 8.78
CA GLN A 314 2.41 55.04 9.45
C GLN A 314 1.28 56.03 9.19
N HIS A 315 0.65 56.01 8.01
CA HIS A 315 -0.42 56.96 7.76
C HIS A 315 -1.80 56.35 7.93
N ARG A 316 -1.94 55.31 8.74
CA ARG A 316 -3.24 54.68 8.94
C ARG A 316 -4.03 55.40 10.04
N ALA A 317 -4.07 56.73 9.97
CA ALA A 317 -4.81 57.52 10.94
C ALA A 317 -5.67 58.61 10.33
N SER A 318 -5.42 59.05 9.11
CA SER A 318 -6.21 60.10 8.47
C SER A 318 -7.47 59.57 7.81
N GLY A 319 -7.76 58.28 7.94
CA GLY A 319 -8.95 57.71 7.34
C GLY A 319 -8.69 57.12 5.97
N LYS A 320 -9.09 57.84 4.93
CA LYS A 320 -8.90 57.34 3.56
C LYS A 320 -7.48 57.16 3.04
N PRO A 321 -6.92 55.96 3.05
CA PRO A 321 -5.53 55.78 2.62
C PRO A 321 -5.49 55.93 1.10
N LEU A 322 -4.58 56.78 0.62
CA LEU A 322 -4.38 56.97 -0.81
C LEU A 322 -3.01 56.50 -1.28
N SER A 323 -1.92 57.03 -0.70
CA SER A 323 -0.56 56.56 -0.96
C SER A 323 -0.21 56.67 -2.44
N GLU A 324 -0.14 57.91 -2.91
CA GLU A 324 -0.06 58.13 -4.36
C GLU A 324 1.37 57.95 -4.89
N ILE A 325 2.30 58.82 -4.49
CA ILE A 325 3.69 58.64 -4.88
C ILE A 325 4.64 58.91 -3.72
N ASN A 326 4.09 58.99 -2.51
CA ASN A 326 4.88 59.42 -1.36
C ASN A 326 6.08 58.53 -1.04
N PRO A 327 5.96 57.19 -0.92
CA PRO A 327 7.10 56.38 -0.48
C PRO A 327 8.24 56.34 -1.49
N ASP A 328 9.31 55.63 -1.14
CA ASP A 328 10.48 55.49 -2.00
C ASP A 328 11.32 54.32 -1.52
N ASP A 329 12.01 53.68 -2.45
CA ASP A 329 12.82 52.50 -2.15
C ASP A 329 14.27 52.90 -1.90
N VAL A 330 14.83 52.38 -0.80
CA VAL A 330 16.25 52.54 -0.49
C VAL A 330 16.93 51.19 -0.36
N ARG A 331 16.42 50.33 0.51
CA ARG A 331 16.99 49.03 0.81
C ARG A 331 15.94 48.26 1.61
N GLY A 332 16.31 47.10 2.13
CA GLY A 332 15.37 46.31 2.91
C GLY A 332 15.08 44.97 2.29
N ILE A 333 16.07 44.42 1.58
CA ILE A 333 15.92 43.12 0.95
C ILE A 333 15.65 42.04 1.99
N GLU B 16 -26.89 9.16 -13.90
CA GLU B 16 -25.81 9.97 -13.38
C GLU B 16 -26.28 11.42 -13.19
N LYS B 17 -27.18 11.85 -14.06
CA LYS B 17 -27.67 13.23 -13.99
C LYS B 17 -28.45 13.48 -12.70
N ASN B 18 -29.12 12.45 -12.17
CA ASN B 18 -29.88 12.62 -10.94
C ASN B 18 -28.99 12.97 -9.76
N GLU B 19 -27.71 12.63 -9.82
CA GLU B 19 -26.76 12.98 -8.76
C GLU B 19 -26.15 14.34 -8.99
N ARG B 20 -25.74 14.62 -10.23
CA ARG B 20 -25.13 15.91 -10.53
C ARG B 20 -26.10 17.07 -10.41
N THR B 21 -27.40 16.85 -10.64
CA THR B 21 -28.35 17.93 -10.42
C THR B 21 -28.43 18.31 -8.96
N ARG B 22 -28.53 17.32 -8.07
CA ARG B 22 -28.51 17.60 -6.64
C ARG B 22 -27.22 18.28 -6.24
N ILE B 23 -26.09 17.81 -6.79
CA ILE B 23 -24.80 18.43 -6.50
C ILE B 23 -24.81 19.90 -6.88
N LYS B 24 -25.21 20.18 -8.12
CA LYS B 24 -25.24 21.54 -8.63
C LYS B 24 -26.15 22.43 -7.80
N ALA B 25 -27.31 21.91 -7.40
CA ALA B 25 -28.20 22.68 -6.52
C ALA B 25 -27.50 23.00 -5.21
N GLN B 26 -26.78 22.03 -4.65
CA GLN B 26 -26.09 22.26 -3.38
C GLN B 26 -25.01 23.33 -3.52
N GLU B 27 -24.21 23.26 -4.57
CA GLU B 27 -23.15 24.26 -4.73
C GLU B 27 -23.72 25.64 -5.06
N ASN B 28 -24.82 25.68 -5.81
CA ASN B 28 -25.47 26.95 -6.07
C ASN B 28 -25.98 27.58 -4.79
N LEU B 29 -26.57 26.79 -3.90
CA LEU B 29 -26.98 27.33 -2.60
C LEU B 29 -25.78 27.78 -1.78
N ARG B 30 -24.70 27.02 -1.79
CA ARG B 30 -23.50 27.40 -1.05
C ARG B 30 -22.94 28.73 -1.54
N ARG B 31 -22.83 28.90 -2.85
CA ARG B 31 -22.32 30.14 -3.39
C ARG B 31 -23.30 31.30 -3.26
N ILE B 32 -24.61 31.02 -3.25
CA ILE B 32 -25.56 32.10 -2.95
C ILE B 32 -25.40 32.55 -1.52
N ARG B 33 -25.09 31.64 -0.60
CA ARG B 33 -24.83 32.05 0.77
C ARG B 33 -23.53 32.84 0.87
N ARG B 34 -22.48 32.39 0.17
CA ARG B 34 -21.17 33.00 0.30
C ARG B 34 -21.12 34.37 -0.38
N LYS B 35 -21.41 34.41 -1.69
CA LYS B 35 -21.16 35.58 -2.53
C LYS B 35 -21.94 36.81 -2.10
N GLN B 36 -23.05 36.65 -1.38
CA GLN B 36 -23.84 37.81 -0.97
C GLN B 36 -23.04 38.70 -0.02
N ILE B 37 -23.53 39.91 0.17
CA ILE B 37 -22.86 40.89 1.03
C ILE B 37 -23.76 41.29 2.18
N LEU B 59 -23.77 32.78 -11.80
CA LEU B 59 -22.45 32.21 -12.09
C LEU B 59 -22.60 30.78 -12.58
N VAL B 60 -22.10 30.51 -13.79
CA VAL B 60 -22.21 29.22 -14.43
C VAL B 60 -20.98 28.40 -14.09
N LEU B 61 -21.18 27.10 -13.84
CA LEU B 61 -20.10 26.20 -13.47
C LEU B 61 -20.31 24.86 -14.13
N ASN B 62 -19.23 24.24 -14.59
CA ASN B 62 -19.31 22.92 -15.18
C ASN B 62 -19.33 21.85 -14.09
N GLU B 63 -19.44 20.59 -14.51
CA GLU B 63 -19.62 19.50 -13.56
C GLU B 63 -18.46 19.34 -12.59
N TYR B 64 -17.29 19.89 -12.91
CA TYR B 64 -16.13 19.81 -12.03
C TYR B 64 -15.98 21.02 -11.13
N GLU B 65 -16.22 22.23 -11.66
CA GLU B 65 -16.18 23.42 -10.83
C GLU B 65 -17.24 23.36 -9.73
N ASN B 66 -18.35 22.67 -9.99
CA ASN B 66 -19.33 22.45 -8.93
C ASN B 66 -18.72 21.64 -7.80
N GLN B 67 -18.20 20.46 -8.12
CA GLN B 67 -17.67 19.54 -7.11
C GLN B 67 -16.59 20.17 -6.25
N VAL B 68 -15.90 21.20 -6.75
CA VAL B 68 -15.01 21.99 -5.91
C VAL B 68 -15.71 23.18 -5.28
N ALA B 69 -16.86 23.60 -5.81
CA ALA B 69 -17.61 24.71 -5.25
C ALA B 69 -18.23 24.37 -3.90
N LEU B 70 -18.31 23.10 -3.54
CA LEU B 70 -18.72 22.73 -2.19
C LEU B 70 -17.65 23.04 -1.16
N GLU B 71 -16.45 23.37 -1.58
CA GLU B 71 -15.35 23.66 -0.66
C GLU B 71 -15.30 25.13 -0.27
N VAL B 72 -15.92 26.02 -1.06
CA VAL B 72 -15.96 27.43 -0.71
C VAL B 72 -16.70 27.61 0.59
N VAL B 73 -16.05 28.23 1.57
CA VAL B 73 -16.62 28.39 2.90
C VAL B 73 -16.75 29.87 3.20
N ALA B 74 -17.77 30.22 3.99
CA ALA B 74 -18.05 31.60 4.34
C ALA B 74 -17.37 31.97 5.65
N PRO B 75 -17.05 33.25 5.85
CA PRO B 75 -16.44 33.66 7.12
C PRO B 75 -17.34 33.44 8.32
N GLU B 76 -18.67 33.39 8.12
CA GLU B 76 -19.57 33.16 9.25
C GLU B 76 -19.37 31.77 9.84
N ASP B 77 -18.90 30.82 9.03
CA ASP B 77 -18.71 29.46 9.53
C ASP B 77 -17.56 29.39 10.52
N ILE B 78 -16.37 29.80 10.10
CA ILE B 78 -15.19 29.70 10.97
C ILE B 78 -15.34 30.67 12.13
N PRO B 79 -15.14 30.23 13.37
CA PRO B 79 -15.26 31.16 14.51
C PRO B 79 -13.96 31.87 14.87
N VAL B 80 -12.84 31.34 14.40
CA VAL B 80 -11.54 31.84 14.82
C VAL B 80 -11.17 33.07 14.03
N GLY B 81 -10.48 34.01 14.70
CA GLY B 81 -9.97 35.20 14.04
C GLY B 81 -8.55 35.48 14.49
N PHE B 82 -7.95 36.51 13.88
CA PHE B 82 -6.59 36.87 14.25
C PHE B 82 -6.48 37.32 15.70
N ASN B 83 -7.57 37.81 16.29
CA ASN B 83 -7.57 38.23 17.68
C ASN B 83 -7.66 37.05 18.64
N ASP B 84 -7.72 35.82 18.13
CA ASP B 84 -7.83 34.63 18.96
C ASP B 84 -6.56 33.79 19.00
N ILE B 85 -5.58 34.11 18.16
CA ILE B 85 -4.34 33.33 18.08
C ILE B 85 -3.26 34.08 18.85
N GLY B 86 -2.82 33.48 19.95
CA GLY B 86 -1.79 34.08 20.77
C GLY B 86 -0.43 33.52 20.46
N GLY B 87 0.60 34.26 20.85
CA GLY B 87 1.94 33.81 20.54
C GLY B 87 2.44 34.41 19.25
N LEU B 88 2.25 33.66 18.15
CA LEU B 88 2.79 34.03 16.85
C LEU B 88 2.05 35.25 16.32
N ASP B 89 2.50 36.42 16.76
CA ASP B 89 1.98 37.69 16.27
C ASP B 89 2.80 38.25 15.11
N ASP B 90 4.10 37.92 15.06
CA ASP B 90 4.93 38.39 13.96
C ASP B 90 4.48 37.82 12.63
N ILE B 91 3.93 36.60 12.64
CA ILE B 91 3.41 36.01 11.41
C ILE B 91 2.08 36.66 11.03
N ILE B 92 1.32 37.13 12.01
CA ILE B 92 0.04 37.75 11.73
C ILE B 92 0.22 39.03 10.91
N GLU B 93 1.12 39.90 11.36
CA GLU B 93 1.37 41.14 10.62
C GLU B 93 1.95 40.86 9.24
N GLU B 94 2.75 39.80 9.11
CA GLU B 94 3.29 39.47 7.80
C GLU B 94 2.19 39.02 6.85
N LEU B 95 1.30 38.12 7.30
CA LEU B 95 0.17 37.72 6.47
C LEU B 95 -0.70 38.91 6.11
N LYS B 96 -0.95 39.81 7.07
CA LYS B 96 -1.80 40.96 6.79
C LYS B 96 -1.15 41.87 5.75
N GLU B 97 0.07 42.32 6.01
CA GLU B 97 0.70 43.36 5.20
C GLU B 97 1.31 42.84 3.91
N THR B 98 1.45 41.52 3.75
CA THR B 98 2.08 40.97 2.56
C THR B 98 1.24 39.92 1.84
N ILE B 99 0.10 39.52 2.40
CA ILE B 99 -0.74 38.53 1.73
C ILE B 99 -2.16 39.07 1.58
N ILE B 100 -2.80 39.43 2.70
CA ILE B 100 -4.19 39.82 2.66
C ILE B 100 -4.36 41.21 2.06
N TYR B 101 -3.48 42.13 2.42
CA TYR B 101 -3.58 43.49 1.88
C TYR B 101 -3.23 43.54 0.40
N PRO B 102 -2.13 42.92 -0.04
CA PRO B 102 -1.87 42.88 -1.49
C PRO B 102 -2.92 42.10 -2.27
N LEU B 103 -3.59 41.14 -1.66
CA LEU B 103 -4.58 40.32 -2.36
C LEU B 103 -5.93 40.99 -2.41
N THR B 104 -6.51 41.27 -1.24
CA THR B 104 -7.76 42.00 -1.14
C THR B 104 -7.46 43.49 -1.02
N MET B 105 -8.24 44.30 -1.72
CA MET B 105 -8.01 45.75 -1.75
C MET B 105 -6.64 46.05 -2.37
N PRO B 106 -6.45 45.79 -3.67
CA PRO B 106 -5.15 46.05 -4.30
C PRO B 106 -4.96 47.45 -4.86
N HIS B 107 -5.96 48.33 -4.74
CA HIS B 107 -5.84 49.66 -5.34
C HIS B 107 -4.70 50.45 -4.71
N LEU B 108 -4.37 50.18 -3.45
CA LEU B 108 -3.22 50.84 -2.84
C LEU B 108 -1.93 50.45 -3.54
N TYR B 109 -1.81 49.17 -3.90
CA TYR B 109 -0.57 48.60 -4.44
C TYR B 109 -0.54 48.63 -5.96
N LYS B 110 -1.25 49.56 -6.60
CA LYS B 110 -1.31 49.62 -8.05
C LYS B 110 -0.18 50.45 -8.66
N HIS B 111 0.36 51.42 -7.91
CA HIS B 111 1.40 52.28 -8.47
C HIS B 111 2.67 51.50 -8.78
N GLY B 112 2.97 50.47 -8.00
CA GLY B 112 4.17 49.69 -8.19
C GLY B 112 4.09 48.62 -9.25
N GLY B 113 2.98 48.53 -9.98
CA GLY B 113 2.87 47.54 -11.02
C GLY B 113 2.79 46.12 -10.48
N ALA B 114 2.91 45.17 -11.42
CA ALA B 114 2.75 43.75 -11.11
C ALA B 114 3.75 43.23 -10.10
N LEU B 115 4.84 43.97 -9.84
CA LEU B 115 5.79 43.53 -8.82
C LEU B 115 5.15 43.56 -7.44
N LEU B 116 4.16 44.42 -7.22
CA LEU B 116 3.50 44.55 -5.92
C LEU B 116 2.24 43.72 -5.81
N ALA B 117 2.04 42.74 -6.69
CA ALA B 117 0.93 41.83 -6.52
C ALA B 117 1.15 40.97 -5.28
N ALA B 118 0.11 40.25 -4.88
CA ALA B 118 0.24 39.34 -3.76
C ALA B 118 1.07 38.13 -4.17
N PRO B 119 1.72 37.48 -3.20
CA PRO B 119 2.53 36.30 -3.54
C PRO B 119 1.68 35.19 -4.14
N SER B 120 2.35 34.34 -4.92
CA SER B 120 1.65 33.22 -5.54
C SER B 120 1.07 32.27 -4.52
N GLY B 121 1.72 32.12 -3.38
CA GLY B 121 1.23 31.23 -2.36
C GLY B 121 1.89 31.50 -1.02
N VAL B 122 1.48 30.71 -0.03
CA VAL B 122 2.04 30.80 1.32
C VAL B 122 2.13 29.39 1.87
N LEU B 123 3.17 29.14 2.67
CA LEU B 123 3.40 27.83 3.27
C LEU B 123 3.66 28.03 4.76
N LEU B 124 2.70 27.64 5.58
CA LEU B 124 2.83 27.70 7.03
C LEU B 124 3.32 26.34 7.52
N TYR B 125 4.50 26.31 8.14
CA TYR B 125 5.08 25.04 8.56
C TYR B 125 5.57 25.15 10.00
N GLY B 126 5.62 23.99 10.65
CA GLY B 126 6.07 23.90 12.03
C GLY B 126 5.64 22.60 12.66
N PRO B 127 5.99 22.40 13.93
CA PRO B 127 5.54 21.20 14.64
C PRO B 127 4.03 21.23 14.81
N PRO B 128 3.42 20.08 15.05
CA PRO B 128 1.95 20.03 15.15
C PRO B 128 1.44 20.69 16.42
N GLY B 129 0.32 21.38 16.26
CA GLY B 129 -0.36 22.00 17.39
C GLY B 129 0.12 23.37 17.75
N CYS B 130 0.79 24.07 16.84
CA CYS B 130 1.34 25.38 17.13
C CYS B 130 0.56 26.52 16.49
N GLY B 131 -0.37 26.24 15.58
CA GLY B 131 -1.23 27.28 15.07
C GLY B 131 -1.29 27.43 13.55
N LYS B 132 -0.89 26.39 12.82
CA LYS B 132 -0.99 26.45 11.36
C LYS B 132 -2.43 26.53 10.90
N THR B 133 -3.23 25.51 11.24
CA THR B 133 -4.62 25.52 10.83
C THR B 133 -5.42 26.61 11.53
N MET B 134 -4.96 27.08 12.70
CA MET B 134 -5.65 28.18 13.35
C MET B 134 -5.40 29.49 12.61
N LEU B 135 -4.18 29.69 12.13
CA LEU B 135 -3.92 30.78 11.18
C LEU B 135 -4.77 30.63 9.94
N ALA B 136 -4.96 29.40 9.47
CA ALA B 136 -5.81 29.18 8.30
C ALA B 136 -7.25 29.60 8.58
N LYS B 137 -7.76 29.28 9.76
CA LYS B 137 -9.11 29.69 10.12
C LYS B 137 -9.22 31.20 10.28
N ALA B 138 -8.17 31.84 10.79
CA ALA B 138 -8.18 33.30 10.87
C ALA B 138 -8.18 33.94 9.48
N VAL B 139 -7.39 33.37 8.57
CA VAL B 139 -7.37 33.88 7.20
C VAL B 139 -8.72 33.67 6.53
N ALA B 140 -9.38 32.55 6.83
CA ALA B 140 -10.71 32.31 6.28
C ALA B 140 -11.71 33.32 6.83
N HIS B 141 -11.59 33.63 8.12
CA HIS B 141 -12.57 34.51 8.77
C HIS B 141 -12.26 35.99 8.53
N GLU B 142 -11.04 36.42 8.86
CA GLU B 142 -10.71 37.83 8.92
C GLU B 142 -10.10 38.37 7.63
N SER B 143 -10.44 37.80 6.47
CA SER B 143 -9.93 38.26 5.20
C SER B 143 -11.00 38.78 4.26
N GLY B 144 -12.06 37.99 4.04
CA GLY B 144 -13.05 38.36 3.04
C GLY B 144 -12.50 38.19 1.65
N ALA B 145 -11.99 36.99 1.35
CA ALA B 145 -11.33 36.75 0.07
C ALA B 145 -11.72 35.40 -0.54
N SER B 146 -13.00 35.04 -0.42
CA SER B 146 -13.57 33.85 -1.06
C SER B 146 -12.72 32.60 -0.78
N PHE B 147 -12.61 32.28 0.49
CA PHE B 147 -11.78 31.17 0.95
C PHE B 147 -12.28 29.86 0.38
N ILE B 148 -11.37 29.01 -0.08
CA ILE B 148 -11.71 27.71 -0.65
C ILE B 148 -10.87 26.64 0.03
N ASN B 149 -11.53 25.80 0.83
CA ASN B 149 -10.87 24.77 1.62
C ASN B 149 -10.82 23.48 0.82
N LEU B 150 -9.68 23.22 0.20
CA LEU B 150 -9.52 22.09 -0.70
C LEU B 150 -9.08 20.87 0.09
N HIS B 151 -9.89 19.82 0.07
CA HIS B 151 -9.58 18.57 0.75
C HIS B 151 -8.84 17.63 -0.18
N ILE B 152 -8.07 16.72 0.42
CA ILE B 152 -7.37 15.71 -0.38
C ILE B 152 -8.36 14.76 -1.01
N SER B 153 -9.53 14.60 -0.41
CA SER B 153 -10.53 13.68 -0.94
C SER B 153 -11.08 14.16 -2.28
N THR B 154 -11.24 15.46 -2.46
CA THR B 154 -11.82 16.00 -3.68
C THR B 154 -10.83 16.10 -4.84
N LEU B 155 -9.55 16.34 -4.55
CA LEU B 155 -8.55 16.33 -5.61
C LEU B 155 -8.40 14.94 -6.20
N THR B 156 -8.48 13.91 -5.37
CA THR B 156 -8.28 12.52 -5.78
C THR B 156 -9.62 11.95 -6.21
N GLU B 157 -9.85 11.91 -7.52
CA GLU B 157 -11.06 11.30 -8.08
C GLU B 157 -10.74 9.90 -8.58
N LYS B 158 -11.73 9.02 -8.51
CA LYS B 158 -11.53 7.63 -8.90
C LYS B 158 -11.38 7.49 -10.40
N TRP B 159 -12.29 8.09 -11.17
CA TRP B 159 -12.27 7.93 -12.62
C TRP B 159 -11.01 8.56 -13.21
N TYR B 160 -10.63 8.07 -14.38
CA TYR B 160 -9.40 8.51 -15.01
C TYR B 160 -9.53 9.94 -15.51
N GLY B 161 -8.51 10.75 -15.26
CA GLY B 161 -8.48 12.10 -15.80
C GLY B 161 -9.49 13.04 -15.18
N ASP B 162 -10.03 12.71 -14.01
CA ASP B 162 -10.89 13.62 -13.28
C ASP B 162 -10.17 14.38 -12.19
N SER B 163 -9.03 13.89 -11.71
CA SER B 163 -8.23 14.66 -10.77
C SER B 163 -7.63 15.89 -11.45
N ASN B 164 -7.11 15.73 -12.67
CA ASN B 164 -6.69 16.88 -13.46
C ASN B 164 -7.85 17.83 -13.70
N LYS B 165 -9.04 17.29 -14.00
CA LYS B 165 -10.21 18.13 -14.19
C LYS B 165 -10.58 18.84 -12.89
N ILE B 166 -10.44 18.17 -11.75
CA ILE B 166 -10.75 18.85 -10.50
C ILE B 166 -9.76 19.95 -10.19
N VAL B 167 -8.48 19.76 -10.54
CA VAL B 167 -7.50 20.83 -10.31
C VAL B 167 -7.78 22.01 -11.22
N ARG B 168 -8.05 21.74 -12.50
CA ARG B 168 -8.41 22.81 -13.42
C ARG B 168 -9.66 23.54 -12.94
N ALA B 169 -10.63 22.82 -12.39
CA ALA B 169 -11.82 23.45 -11.85
C ALA B 169 -11.50 24.27 -10.62
N VAL B 170 -10.57 23.81 -9.78
CA VAL B 170 -10.15 24.58 -8.62
C VAL B 170 -9.59 25.93 -9.05
N PHE B 171 -8.71 25.92 -10.04
CA PHE B 171 -8.12 27.18 -10.49
C PHE B 171 -9.05 28.00 -11.36
N SER B 172 -10.09 27.40 -11.93
CA SER B 172 -11.07 28.18 -12.68
C SER B 172 -12.09 28.81 -11.75
N LEU B 173 -12.38 28.18 -10.61
CA LEU B 173 -13.29 28.74 -9.63
C LEU B 173 -12.60 29.77 -8.76
N ALA B 174 -11.31 29.56 -8.45
CA ALA B 174 -10.54 30.59 -7.75
C ALA B 174 -10.38 31.83 -8.61
N LYS B 175 -10.40 31.68 -9.93
CA LYS B 175 -10.37 32.84 -10.83
C LYS B 175 -11.72 33.51 -10.95
N LYS B 176 -12.82 32.75 -10.87
CA LYS B 176 -14.15 33.35 -10.90
C LYS B 176 -14.43 34.12 -9.62
N LEU B 177 -14.21 33.49 -8.47
CA LEU B 177 -14.21 34.17 -7.18
C LEU B 177 -12.87 34.86 -7.07
N GLN B 178 -12.79 36.09 -7.61
CA GLN B 178 -11.52 36.66 -8.05
C GLN B 178 -10.47 36.76 -6.95
N PRO B 179 -10.67 37.57 -5.89
CA PRO B 179 -9.59 37.62 -4.88
C PRO B 179 -9.69 36.44 -3.90
N SER B 180 -9.34 35.26 -4.39
CA SER B 180 -9.59 34.01 -3.67
C SER B 180 -8.33 33.51 -3.00
N ILE B 181 -8.51 32.48 -2.17
CA ILE B 181 -7.43 31.86 -1.42
C ILE B 181 -7.70 30.36 -1.36
N ILE B 182 -6.85 29.57 -1.99
CA ILE B 182 -6.95 28.11 -1.94
C ILE B 182 -6.13 27.61 -0.76
N PHE B 183 -6.76 26.81 0.09
CA PHE B 183 -6.12 26.28 1.29
C PHE B 183 -6.04 24.76 1.19
N ILE B 184 -4.83 24.24 1.07
CA ILE B 184 -4.56 22.81 1.10
C ILE B 184 -3.86 22.52 2.42
N ASP B 185 -4.58 21.92 3.36
CA ASP B 185 -4.03 21.57 4.66
C ASP B 185 -3.37 20.20 4.56
N GLU B 186 -2.24 20.04 5.24
CA GLU B 186 -1.41 18.85 5.10
C GLU B 186 -0.96 18.71 3.64
N ILE B 187 -0.43 19.81 3.09
CA ILE B 187 -0.11 19.89 1.68
C ILE B 187 1.01 18.96 1.26
N ASP B 188 1.78 18.43 2.21
CA ASP B 188 2.85 17.50 1.87
C ASP B 188 2.35 16.12 1.47
N ALA B 189 1.04 15.88 1.52
CA ALA B 189 0.47 14.61 1.09
C ALA B 189 0.06 14.64 -0.38
N VAL B 190 -0.81 15.58 -0.76
CA VAL B 190 -1.19 15.72 -2.16
C VAL B 190 0.01 16.12 -2.99
N LEU B 191 0.66 17.23 -2.64
CA LEU B 191 1.91 17.62 -3.26
C LEU B 191 3.04 16.81 -2.64
N GLY B 192 4.27 17.20 -2.87
CA GLY B 192 5.35 16.40 -2.29
C GLY B 192 6.31 15.92 -3.34
N THR B 193 7.48 15.47 -2.86
CA THR B 193 8.57 15.10 -3.75
C THR B 193 8.15 13.99 -4.70
N ARG B 194 8.13 14.31 -5.98
CA ARG B 194 7.77 13.35 -7.02
C ARG B 194 8.88 12.32 -7.19
N ARG B 195 8.50 11.14 -7.63
CA ARG B 195 9.46 10.06 -7.86
C ARG B 195 8.97 9.24 -9.04
N SER B 196 9.63 8.12 -9.30
CA SER B 196 9.16 7.18 -10.33
C SER B 196 8.09 6.26 -9.78
N GLY B 197 8.15 5.93 -8.49
CA GLY B 197 7.11 5.13 -7.87
C GLY B 197 6.01 5.98 -7.30
N GLU B 198 4.92 6.13 -8.05
CA GLU B 198 3.76 6.90 -7.64
C GLU B 198 2.68 6.69 -8.68
N HIS B 199 1.42 6.84 -8.25
CA HIS B 199 0.31 6.59 -9.15
C HIS B 199 0.33 7.61 -10.29
N GLU B 200 0.02 7.13 -11.49
CA GLU B 200 0.10 7.98 -12.67
C GLU B 200 -0.86 9.16 -12.61
N ALA B 201 -1.92 9.06 -11.82
CA ALA B 201 -2.83 10.19 -11.63
C ALA B 201 -2.24 11.23 -10.70
N SER B 202 -1.40 10.82 -9.74
CA SER B 202 -0.83 11.77 -8.79
C SER B 202 0.19 12.67 -9.46
N GLY B 203 1.06 12.11 -10.29
CA GLY B 203 1.99 12.94 -11.04
C GLY B 203 1.28 13.93 -11.95
N MET B 204 0.19 13.49 -12.56
CA MET B 204 -0.60 14.41 -13.38
C MET B 204 -1.24 15.51 -12.52
N VAL B 205 -1.73 15.16 -11.33
CA VAL B 205 -2.29 16.17 -10.44
C VAL B 205 -1.24 17.21 -10.09
N LYS B 206 -0.04 16.74 -9.73
CA LYS B 206 1.03 17.67 -9.35
C LYS B 206 1.43 18.55 -10.53
N ALA B 207 1.59 17.96 -11.71
CA ALA B 207 2.01 18.72 -12.87
C ALA B 207 0.91 19.68 -13.29
N GLU B 208 -0.34 19.23 -13.27
CA GLU B 208 -1.45 20.10 -13.61
C GLU B 208 -1.58 21.26 -12.62
N PHE B 209 -1.36 20.99 -11.34
CA PHE B 209 -1.37 22.04 -10.33
C PHE B 209 -0.29 23.09 -10.56
N MET B 210 0.95 22.63 -10.78
CA MET B 210 2.04 23.55 -11.07
C MET B 210 1.79 24.35 -12.34
N THR B 211 1.14 23.73 -13.34
CA THR B 211 0.89 24.43 -14.59
C THR B 211 -0.15 25.52 -14.40
N LEU B 212 -1.25 25.20 -13.72
CA LEU B 212 -2.29 26.20 -13.50
C LEU B 212 -1.81 27.31 -12.57
N TRP B 213 -0.85 27.01 -11.71
CA TRP B 213 -0.52 27.93 -10.64
C TRP B 213 0.68 28.82 -10.94
N ASP B 214 1.59 28.40 -11.82
CA ASP B 214 2.62 29.31 -12.30
C ASP B 214 2.89 29.06 -13.79
N GLY B 215 1.83 28.91 -14.58
CA GLY B 215 1.95 28.55 -15.98
C GLY B 215 1.90 29.72 -16.93
N LEU B 216 1.49 29.43 -18.17
CA LEU B 216 1.38 30.46 -19.20
C LEU B 216 0.39 31.55 -18.80
N THR B 217 -0.87 31.17 -18.60
CA THR B 217 -1.95 32.12 -18.36
C THR B 217 -2.11 32.44 -16.88
N SER B 218 -1.04 32.29 -16.09
CA SER B 218 -1.08 32.71 -14.70
C SER B 218 -0.94 34.21 -14.53
N THR B 219 -0.82 34.97 -15.62
CA THR B 219 -0.81 36.43 -15.58
C THR B 219 -1.80 36.97 -16.60
N ASN B 220 -2.53 38.00 -16.19
CA ASN B 220 -3.52 38.61 -17.06
C ASN B 220 -2.83 39.24 -18.27
N ALA B 221 -3.61 39.55 -19.30
CA ALA B 221 -3.04 40.17 -20.50
C ALA B 221 -2.45 41.54 -20.18
N SER B 222 -3.03 42.24 -19.21
CA SER B 222 -2.48 43.53 -18.81
C SER B 222 -1.20 43.37 -18.00
N GLY B 223 -1.01 42.20 -17.38
CA GLY B 223 0.14 41.93 -16.55
C GLY B 223 -0.17 41.71 -15.08
N VAL B 224 -1.40 41.98 -14.64
CA VAL B 224 -1.79 41.75 -13.25
C VAL B 224 -2.20 40.29 -13.08
N PRO B 225 -1.36 39.47 -12.48
CA PRO B 225 -1.62 38.03 -12.47
C PRO B 225 -2.56 37.55 -11.37
N ASN B 226 -3.80 37.19 -11.72
CA ASN B 226 -4.57 36.15 -11.03
C ASN B 226 -4.55 36.24 -9.51
N ARG B 227 -5.31 37.16 -8.92
CA ARG B 227 -5.28 37.37 -7.47
C ARG B 227 -5.82 36.13 -6.77
N ILE B 228 -4.99 35.10 -6.75
CA ILE B 228 -5.30 33.80 -6.15
C ILE B 228 -4.08 33.37 -5.35
N VAL B 229 -4.28 33.09 -4.08
CA VAL B 229 -3.20 32.67 -3.19
C VAL B 229 -3.47 31.26 -2.72
N VAL B 230 -2.45 30.41 -2.83
CA VAL B 230 -2.52 29.03 -2.36
C VAL B 230 -1.88 28.96 -0.98
N LEU B 231 -2.73 28.89 0.05
CA LEU B 231 -2.27 28.84 1.43
C LEU B 231 -2.24 27.38 1.86
N GLY B 232 -1.03 26.87 2.11
CA GLY B 232 -0.89 25.51 2.56
C GLY B 232 -0.26 25.47 3.94
N ALA B 233 -0.49 24.37 4.64
CA ALA B 233 0.04 24.15 5.97
C ALA B 233 0.61 22.74 6.05
N THR B 234 1.77 22.62 6.67
CA THR B 234 2.40 21.31 6.78
C THR B 234 3.35 21.31 7.97
N ASN B 235 3.57 20.13 8.53
CA ASN B 235 4.60 19.92 9.55
C ASN B 235 5.80 19.16 9.00
N ARG B 236 5.93 19.06 7.68
CA ARG B 236 7.07 18.41 7.04
C ARG B 236 7.32 19.12 5.71
N ILE B 237 8.24 20.08 5.73
CA ILE B 237 8.59 20.81 4.51
C ILE B 237 9.72 20.18 3.72
N ASN B 238 10.41 19.19 4.29
CA ASN B 238 11.42 18.44 3.55
C ASN B 238 10.84 17.30 2.74
N ASP B 239 9.51 17.30 2.54
CA ASP B 239 8.83 16.29 1.74
C ASP B 239 7.75 16.95 0.89
N ILE B 240 7.98 18.18 0.45
CA ILE B 240 6.90 19.00 -0.09
C ILE B 240 7.24 19.53 -1.48
N ASP B 241 8.05 18.78 -2.24
CA ASP B 241 8.21 19.05 -3.66
C ASP B 241 8.77 20.43 -3.96
N GLU B 242 10.07 20.63 -3.73
CA GLU B 242 10.79 21.90 -3.93
C GLU B 242 10.33 22.70 -5.15
N ALA B 243 9.98 22.03 -6.24
CA ALA B 243 9.34 22.72 -7.35
C ALA B 243 8.03 23.38 -6.93
N ILE B 244 7.33 22.80 -5.95
CA ILE B 244 6.15 23.43 -5.38
C ILE B 244 6.54 24.57 -4.44
N LEU B 245 7.56 24.34 -3.61
CA LEU B 245 8.03 25.39 -2.72
C LEU B 245 8.49 26.63 -3.47
N ARG B 246 8.95 26.47 -4.71
CA ARG B 246 9.32 27.64 -5.51
C ARG B 246 8.12 28.52 -5.75
N ARG B 247 6.93 27.93 -5.83
CA ARG B 247 5.70 28.69 -6.02
C ARG B 247 5.28 29.45 -4.78
N MET B 248 5.78 29.07 -3.61
CA MET B 248 5.38 29.69 -2.35
C MET B 248 6.48 30.58 -1.81
N PRO B 249 6.51 31.87 -2.17
CA PRO B 249 7.57 32.75 -1.64
C PRO B 249 7.50 32.93 -0.13
N LYS B 250 6.31 33.18 0.40
CA LYS B 250 6.13 33.39 1.83
C LYS B 250 6.04 32.04 2.53
N GLN B 251 7.10 31.66 3.24
CA GLN B 251 7.14 30.41 3.98
C GLN B 251 7.34 30.77 5.45
N PHE B 252 6.27 30.67 6.22
CA PHE B 252 6.29 31.12 7.60
C PHE B 252 6.46 29.93 8.54
N PRO B 253 7.49 29.93 9.36
CA PRO B 253 7.61 28.88 10.38
C PRO B 253 6.74 29.19 11.60
N VAL B 254 5.95 28.21 12.03
CA VAL B 254 5.14 28.38 13.22
C VAL B 254 5.87 27.69 14.37
N PRO B 255 6.72 28.40 15.10
CA PRO B 255 7.61 27.74 16.06
C PRO B 255 6.85 27.26 17.29
N LEU B 256 7.54 26.46 18.08
CA LEU B 256 6.98 26.01 19.34
C LEU B 256 6.87 27.20 20.30
N PRO B 257 5.79 27.30 21.06
CA PRO B 257 5.60 28.47 21.93
C PRO B 257 6.69 28.58 22.99
N GLY B 258 7.06 29.82 23.31
CA GLY B 258 8.05 30.10 24.32
C GLY B 258 7.42 30.62 25.60
N LEU B 259 8.30 31.07 26.50
CA LEU B 259 7.85 31.52 27.82
C LEU B 259 6.95 32.74 27.75
N GLU B 260 7.07 33.56 26.72
CA GLU B 260 6.25 34.75 26.58
C GLU B 260 5.01 34.52 25.72
N GLN B 261 5.06 33.59 24.78
CA GLN B 261 3.88 33.24 24.02
C GLN B 261 2.97 32.27 24.76
N ARG B 262 3.53 31.47 25.67
CA ARG B 262 2.69 30.56 26.45
C ARG B 262 1.81 31.33 27.43
N ARG B 263 2.28 32.46 27.96
CA ARG B 263 1.43 33.24 28.85
C ARG B 263 0.32 33.96 28.10
N ARG B 264 0.36 33.97 26.77
CA ARG B 264 -0.75 34.43 25.95
C ARG B 264 -1.64 33.29 25.51
N ILE B 265 -1.06 32.12 25.22
CA ILE B 265 -1.87 30.93 24.92
C ILE B 265 -2.74 30.57 26.12
N LEU B 266 -2.16 30.59 27.32
CA LEU B 266 -2.92 30.31 28.53
C LEU B 266 -4.03 31.32 28.73
N GLU B 267 -3.76 32.60 28.43
CA GLU B 267 -4.77 33.63 28.56
C GLU B 267 -5.93 33.38 27.61
N LEU B 268 -5.62 33.07 26.35
CA LEU B 268 -6.69 32.86 25.37
C LEU B 268 -7.47 31.60 25.67
N VAL B 269 -6.79 30.52 26.04
CA VAL B 269 -7.49 29.26 26.30
C VAL B 269 -8.38 29.40 27.53
N LEU B 270 -7.94 30.17 28.52
CA LEU B 270 -8.69 30.32 29.76
C LEU B 270 -9.55 31.59 29.73
N ARG B 271 -10.49 31.64 28.78
CA ARG B 271 -11.41 32.77 28.73
C ARG B 271 -12.59 32.56 29.67
N GLY B 272 -13.38 31.51 29.43
CA GLY B 272 -14.57 31.30 30.25
C GLY B 272 -14.28 30.70 31.60
N THR B 273 -13.13 30.04 31.73
CA THR B 273 -12.77 29.36 32.97
C THR B 273 -12.48 30.40 34.04
N LYS B 274 -13.45 30.64 34.92
CA LYS B 274 -13.27 31.62 35.98
C LYS B 274 -12.18 31.16 36.94
N ARG B 275 -11.25 32.05 37.24
CA ARG B 275 -10.09 31.72 38.04
C ARG B 275 -10.41 31.89 39.52
N ASP B 276 -10.07 30.89 40.32
CA ASP B 276 -10.05 31.06 41.76
C ASP B 276 -8.92 32.03 42.10
N PRO B 277 -9.21 33.14 42.78
CA PRO B 277 -8.13 34.06 43.16
C PRO B 277 -7.11 33.36 44.05
N ASP B 278 -5.84 33.76 43.86
CA ASP B 278 -4.58 33.07 44.12
C ASP B 278 -4.18 32.18 42.95
N PHE B 279 -4.91 32.29 41.83
CA PHE B 279 -4.53 31.59 40.61
C PHE B 279 -3.31 32.27 40.00
N ASP B 280 -2.23 31.52 39.84
CA ASP B 280 -0.95 32.05 39.37
C ASP B 280 -0.72 31.58 37.94
N LEU B 281 -1.05 32.45 36.98
CA LEU B 281 -0.85 32.11 35.57
C LEU B 281 0.63 32.07 35.21
N ASP B 282 1.47 32.83 35.93
CA ASP B 282 2.89 32.86 35.59
C ASP B 282 3.55 31.51 35.86
N TYR B 283 3.18 30.85 36.96
CA TYR B 283 3.75 29.55 37.26
C TYR B 283 3.34 28.52 36.22
N ILE B 284 2.08 28.55 35.80
CA ILE B 284 1.64 27.61 34.78
C ILE B 284 2.28 27.91 33.44
N ALA B 285 2.57 29.18 33.15
CA ALA B 285 3.27 29.51 31.91
C ALA B 285 4.73 29.08 31.96
N ARG B 286 5.33 29.06 33.14
CA ARG B 286 6.72 28.65 33.27
C ARG B 286 6.90 27.14 33.43
N VAL B 287 5.85 26.42 33.80
CA VAL B 287 5.95 24.98 33.98
C VAL B 287 5.64 24.20 32.70
N THR B 288 4.95 24.82 31.74
CA THR B 288 4.53 24.16 30.51
C THR B 288 5.49 24.43 29.36
N ALA B 289 6.80 24.44 29.66
CA ALA B 289 7.80 24.95 28.73
C ALA B 289 7.76 24.23 27.38
N GLY B 290 8.02 22.93 27.39
CA GLY B 290 8.16 22.21 26.13
C GLY B 290 6.86 21.78 25.47
N MET B 291 5.79 22.53 25.68
CA MET B 291 4.49 22.19 25.14
C MET B 291 4.16 23.07 23.94
N SER B 292 3.21 22.59 23.13
CA SER B 292 2.73 23.28 21.96
C SER B 292 1.42 23.99 22.29
N GLY B 293 0.77 24.55 21.27
CA GLY B 293 -0.50 25.21 21.51
C GLY B 293 -1.61 24.25 21.88
N SER B 294 -1.68 23.12 21.18
CA SER B 294 -2.70 22.12 21.49
C SER B 294 -2.42 21.42 22.81
N ASP B 295 -1.15 21.21 23.16
CA ASP B 295 -0.84 20.63 24.46
C ASP B 295 -1.22 21.58 25.59
N ILE B 296 -1.01 22.88 25.40
CA ILE B 296 -1.44 23.85 26.40
C ILE B 296 -2.97 23.87 26.48
N LYS B 297 -3.64 23.77 25.33
CA LYS B 297 -5.10 23.70 25.32
C LYS B 297 -5.60 22.50 26.11
N GLU B 298 -5.02 21.33 25.87
CA GLU B 298 -5.48 20.14 26.58
C GLU B 298 -5.10 20.16 28.06
N THR B 299 -3.97 20.76 28.42
CA THR B 299 -3.64 20.95 29.82
C THR B 299 -4.66 21.85 30.51
N CYS B 300 -5.00 22.98 29.88
CA CYS B 300 -6.02 23.85 30.44
C CYS B 300 -7.38 23.16 30.49
N ARG B 301 -7.66 22.30 29.52
CA ARG B 301 -8.92 21.55 29.52
C ARG B 301 -8.98 20.62 30.73
N ASP B 302 -7.92 19.83 30.95
CA ASP B 302 -7.88 18.93 32.08
C ASP B 302 -7.71 19.65 33.42
N ALA B 303 -7.36 20.93 33.40
CA ALA B 303 -7.30 21.71 34.63
C ALA B 303 -8.61 22.40 34.95
N ALA B 304 -9.39 22.79 33.94
CA ALA B 304 -10.72 23.34 34.17
C ALA B 304 -11.77 22.25 34.34
N MET B 305 -11.48 21.03 33.88
CA MET B 305 -12.39 19.90 34.05
C MET B 305 -12.39 19.39 35.48
N ALA B 306 -11.40 19.79 36.30
CA ALA B 306 -11.30 19.26 37.65
C ALA B 306 -12.40 19.76 38.58
N PRO B 307 -12.67 21.06 38.68
CA PRO B 307 -13.74 21.49 39.59
C PRO B 307 -15.12 21.02 39.16
N MET B 308 -15.36 20.86 37.87
CA MET B 308 -16.64 20.29 37.44
C MET B 308 -16.76 18.84 37.85
N ARG B 309 -15.64 18.11 37.83
CA ARG B 309 -15.65 16.73 38.31
C ARG B 309 -15.87 16.68 39.81
N GLU B 310 -15.32 17.64 40.56
CA GLU B 310 -15.61 17.75 41.98
C GLU B 310 -17.09 17.99 42.21
N TYR B 311 -17.67 18.89 41.42
CA TYR B 311 -19.11 19.17 41.47
C TYR B 311 -19.92 17.91 41.23
N ILE B 312 -19.54 17.12 40.22
CA ILE B 312 -20.29 15.90 39.91
C ILE B 312 -20.15 14.89 41.04
N ARG B 313 -18.93 14.70 41.55
CA ARG B 313 -18.74 13.73 42.62
C ARG B 313 -19.44 14.14 43.91
N GLN B 314 -19.62 15.45 44.14
CA GLN B 314 -20.34 15.86 45.33
C GLN B 314 -21.85 15.74 45.14
N HIS B 315 -22.35 16.00 43.94
CA HIS B 315 -23.78 15.81 43.68
C HIS B 315 -24.15 14.37 43.39
N ARG B 316 -23.18 13.44 43.38
CA ARG B 316 -23.50 12.02 43.33
C ARG B 316 -24.45 11.57 44.43
N ALA B 317 -24.46 12.28 45.57
CA ALA B 317 -25.33 11.94 46.70
C ALA B 317 -26.71 12.57 46.58
N SER B 318 -27.13 12.91 45.38
CA SER B 318 -28.45 13.49 45.12
C SER B 318 -28.71 13.40 43.63
N GLY B 319 -29.78 14.05 43.17
CA GLY B 319 -30.11 14.06 41.76
C GLY B 319 -29.12 14.90 40.96
N LYS B 320 -29.32 14.88 39.64
CA LYS B 320 -28.43 15.61 38.74
C LYS B 320 -29.21 16.69 37.99
N PRO B 321 -29.61 17.77 38.66
CA PRO B 321 -30.31 18.85 37.95
C PRO B 321 -29.36 19.67 37.10
N LEU B 322 -29.86 20.77 36.54
CA LEU B 322 -29.03 21.67 35.75
C LEU B 322 -27.87 22.20 36.58
N SER B 323 -26.82 22.62 35.89
CA SER B 323 -25.59 23.08 36.53
C SER B 323 -25.80 24.48 37.09
N GLU B 324 -24.72 25.11 37.54
CA GLU B 324 -24.79 26.43 38.16
C GLU B 324 -23.37 26.98 38.21
N ILE B 325 -23.25 28.24 38.59
CA ILE B 325 -21.95 28.90 38.72
C ILE B 325 -21.32 28.62 40.09
N ASN B 326 -21.89 27.71 40.86
CA ASN B 326 -21.29 27.31 42.14
C ASN B 326 -19.89 26.73 41.96
N PRO B 327 -19.65 25.75 41.08
CA PRO B 327 -18.32 25.12 41.06
C PRO B 327 -17.24 26.04 40.50
N ASP B 328 -16.39 26.55 41.39
CA ASP B 328 -15.18 27.24 40.99
C ASP B 328 -13.99 26.32 41.14
N ASP B 329 -12.95 26.57 40.33
CA ASP B 329 -11.76 25.74 40.40
C ASP B 329 -11.09 25.88 41.76
N VAL B 330 -10.70 24.73 42.33
CA VAL B 330 -10.11 24.74 43.66
C VAL B 330 -8.74 25.42 43.66
N ARG B 331 -8.09 25.48 42.51
CA ARG B 331 -6.72 25.98 42.41
C ARG B 331 -6.34 26.00 40.93
N GLY B 332 -5.13 26.47 40.60
CA GLY B 332 -4.63 26.30 39.26
C GLY B 332 -4.00 24.93 39.09
N ILE B 333 -4.72 24.02 38.45
CA ILE B 333 -4.25 22.66 38.27
C ILE B 333 -3.36 22.58 37.03
N ARG B 334 -2.36 21.70 37.10
CA ARG B 334 -1.44 21.50 36.00
C ARG B 334 -1.01 20.04 35.92
N ASP C 14 -22.06 -3.18 -11.61
CA ASP C 14 -21.47 -2.10 -10.82
C ASP C 14 -22.54 -1.25 -10.15
N TYR C 15 -23.74 -1.77 -10.08
CA TYR C 15 -24.86 -1.04 -9.49
C TYR C 15 -25.57 -1.82 -8.40
N GLU C 16 -25.69 -3.14 -8.54
CA GLU C 16 -26.40 -3.92 -7.54
C GLU C 16 -25.66 -3.93 -6.20
N LYS C 17 -24.33 -3.84 -6.23
CA LYS C 17 -23.57 -3.75 -4.99
C LYS C 17 -23.97 -2.51 -4.19
N ASN C 18 -24.19 -1.39 -4.89
CA ASN C 18 -24.58 -0.16 -4.22
C ASN C 18 -25.96 -0.31 -3.57
N GLU C 19 -26.91 -0.93 -4.27
CA GLU C 19 -28.23 -1.12 -3.69
C GLU C 19 -28.18 -2.05 -2.49
N ARG C 20 -27.40 -3.13 -2.58
CA ARG C 20 -27.26 -4.05 -1.46
C ARG C 20 -26.66 -3.35 -0.25
N THR C 21 -25.57 -2.61 -0.47
CA THR C 21 -24.92 -1.94 0.66
C THR C 21 -25.80 -0.84 1.23
N ARG C 22 -26.58 -0.15 0.40
CA ARG C 22 -27.42 0.90 0.93
C ARG C 22 -28.59 0.35 1.73
N ILE C 23 -29.21 -0.75 1.27
CA ILE C 23 -30.27 -1.35 2.06
C ILE C 23 -29.73 -1.91 3.36
N LYS C 24 -28.53 -2.51 3.33
CA LYS C 24 -27.94 -3.03 4.57
C LYS C 24 -27.63 -1.91 5.54
N ALA C 25 -27.05 -0.81 5.05
CA ALA C 25 -26.72 0.30 5.94
C ALA C 25 -27.99 0.96 6.49
N GLN C 26 -29.03 1.09 5.67
CA GLN C 26 -30.28 1.64 6.18
C GLN C 26 -30.87 0.74 7.25
N GLU C 27 -30.84 -0.58 7.04
CA GLU C 27 -31.35 -1.48 8.06
C GLU C 27 -30.54 -1.37 9.35
N ASN C 28 -29.22 -1.23 9.22
CA ASN C 28 -28.37 -1.12 10.41
C ASN C 28 -28.68 0.17 11.17
N LEU C 29 -28.80 1.28 10.45
CA LEU C 29 -29.12 2.55 11.10
C LEU C 29 -30.50 2.51 11.72
N ARG C 30 -31.46 1.85 11.08
CA ARG C 30 -32.78 1.70 11.67
C ARG C 30 -32.71 0.90 12.96
N ARG C 31 -31.85 -0.12 12.99
CA ARG C 31 -31.66 -0.90 14.22
C ARG C 31 -31.12 -0.02 15.33
N ILE C 32 -30.07 0.75 15.05
CA ILE C 32 -29.50 1.64 16.07
C ILE C 32 -30.52 2.68 16.51
N ARG C 33 -31.36 3.15 15.59
CA ARG C 33 -32.33 4.19 15.95
C ARG C 33 -33.44 3.62 16.83
N ARG C 34 -33.95 2.43 16.47
CA ARG C 34 -34.97 1.79 17.28
C ARG C 34 -34.42 1.22 18.58
N LYS C 35 -33.09 1.15 18.71
CA LYS C 35 -32.49 0.87 20.01
C LYS C 35 -32.96 1.88 21.06
N GLN C 36 -33.06 3.15 20.66
CA GLN C 36 -33.55 4.20 21.54
C GLN C 36 -35.04 4.02 21.81
N ASP C 58 -35.18 9.79 8.33
CA ASP C 58 -33.83 9.35 8.64
C ASP C 58 -32.78 10.17 7.91
N LEU C 59 -31.67 9.54 7.57
CA LEU C 59 -30.54 10.19 6.92
C LEU C 59 -30.52 9.89 5.42
N VAL C 60 -29.70 10.64 4.70
CA VAL C 60 -29.45 10.43 3.28
C VAL C 60 -27.94 10.32 3.11
N LEU C 61 -27.43 9.09 3.16
CA LEU C 61 -26.00 8.85 3.11
C LEU C 61 -25.54 8.67 1.67
N ASN C 62 -24.39 9.23 1.34
CA ASN C 62 -23.87 9.11 -0.02
C ASN C 62 -23.25 7.72 -0.20
N GLU C 63 -22.59 7.51 -1.34
CA GLU C 63 -22.11 6.17 -1.68
C GLU C 63 -20.99 5.72 -0.75
N TYR C 64 -20.23 6.65 -0.18
CA TYR C 64 -19.05 6.29 0.58
C TYR C 64 -19.32 6.13 2.07
N GLU C 65 -20.11 7.03 2.65
CA GLU C 65 -20.53 6.85 4.03
C GLU C 65 -21.69 5.88 4.15
N ASN C 66 -22.13 5.31 3.03
CA ASN C 66 -23.10 4.25 3.04
C ASN C 66 -22.49 2.92 3.46
N GLN C 67 -21.17 2.79 3.37
CA GLN C 67 -20.43 1.63 3.84
C GLN C 67 -20.07 1.77 5.32
N VAL C 68 -19.66 2.97 5.72
CA VAL C 68 -19.32 3.23 7.12
C VAL C 68 -20.54 3.03 8.01
N ALA C 69 -21.74 3.24 7.45
CA ALA C 69 -22.97 2.92 8.18
C ALA C 69 -23.07 1.44 8.51
N LEU C 70 -22.37 0.58 7.78
CA LEU C 70 -22.26 -0.82 8.14
C LEU C 70 -21.29 -1.04 9.30
N GLU C 71 -20.33 -0.12 9.49
CA GLU C 71 -19.41 -0.22 10.61
C GLU C 71 -20.08 0.11 11.93
N VAL C 72 -21.22 0.80 11.90
CA VAL C 72 -21.89 1.23 13.12
C VAL C 72 -22.40 0.00 13.86
N VAL C 73 -21.99 -0.13 15.12
CA VAL C 73 -22.42 -1.24 15.95
C VAL C 73 -23.48 -0.73 16.93
N ALA C 74 -24.33 -1.64 17.37
CA ALA C 74 -25.36 -1.32 18.33
C ALA C 74 -24.92 -1.67 19.74
N PRO C 75 -25.46 -1.00 20.75
CA PRO C 75 -25.09 -1.35 22.13
C PRO C 75 -25.51 -2.76 22.53
N GLU C 76 -26.62 -3.25 22.00
CA GLU C 76 -27.08 -4.59 22.35
C GLU C 76 -26.21 -5.69 21.77
N ASP C 77 -25.28 -5.36 20.88
CA ASP C 77 -24.38 -6.37 20.34
C ASP C 77 -23.26 -6.69 21.32
N ILE C 78 -22.50 -5.67 21.71
CA ILE C 78 -21.40 -5.80 22.67
C ILE C 78 -21.91 -6.29 24.02
N PRO C 79 -21.59 -7.51 24.43
CA PRO C 79 -22.03 -8.04 25.73
C PRO C 79 -21.03 -7.78 26.87
N VAL C 80 -20.56 -6.54 26.99
CA VAL C 80 -19.54 -6.19 27.97
C VAL C 80 -19.86 -4.82 28.55
N GLY C 81 -19.66 -4.66 29.86
CA GLY C 81 -19.84 -3.38 30.51
C GLY C 81 -18.66 -3.07 31.42
N PHE C 82 -18.66 -1.83 31.93
CA PHE C 82 -17.59 -1.44 32.83
C PHE C 82 -17.61 -2.20 34.14
N ASN C 83 -18.77 -2.76 34.52
CA ASN C 83 -18.84 -3.68 35.65
C ASN C 83 -18.32 -5.07 35.28
N ASP C 84 -17.90 -5.26 34.04
CA ASP C 84 -17.37 -6.52 33.57
C ASP C 84 -15.86 -6.52 33.40
N ILE C 85 -15.22 -5.35 33.34
CA ILE C 85 -13.76 -5.32 33.35
C ILE C 85 -13.25 -5.46 34.78
N GLY C 86 -12.01 -5.94 34.90
CA GLY C 86 -11.38 -6.08 36.19
C GLY C 86 -10.01 -5.43 36.17
N GLY C 87 -9.49 -5.18 37.36
CA GLY C 87 -8.15 -4.63 37.45
C GLY C 87 -8.16 -3.13 37.33
N LEU C 88 -7.93 -2.64 36.10
CA LEU C 88 -7.96 -1.22 35.80
C LEU C 88 -9.26 -0.59 36.27
N ASP C 89 -9.16 0.37 37.19
CA ASP C 89 -10.31 1.05 37.75
C ASP C 89 -10.19 2.56 37.71
N ASP C 90 -8.98 3.11 37.74
CA ASP C 90 -8.78 4.54 37.57
C ASP C 90 -8.80 4.97 36.11
N ILE C 91 -8.70 4.02 35.18
CA ILE C 91 -8.90 4.34 33.77
C ILE C 91 -10.39 4.35 33.43
N ILE C 92 -11.15 3.43 34.02
CA ILE C 92 -12.61 3.45 33.84
C ILE C 92 -13.18 4.76 34.35
N GLU C 93 -12.72 5.20 35.53
CA GLU C 93 -13.17 6.46 36.09
C GLU C 93 -12.83 7.61 35.15
N GLU C 94 -11.66 7.58 34.52
CA GLU C 94 -11.27 8.66 33.62
C GLU C 94 -12.14 8.66 32.36
N LEU C 95 -12.31 7.51 31.72
CA LEU C 95 -13.15 7.44 30.53
C LEU C 95 -14.57 7.89 30.83
N LYS C 96 -15.09 7.52 32.00
CA LYS C 96 -16.46 7.93 32.33
C LYS C 96 -16.54 9.43 32.60
N GLU C 97 -15.61 9.96 33.41
CA GLU C 97 -15.74 11.33 33.88
C GLU C 97 -15.42 12.34 32.78
N THR C 98 -14.33 12.12 32.04
CA THR C 98 -13.82 13.15 31.15
C THR C 98 -13.85 12.80 29.67
N ILE C 99 -14.45 11.67 29.28
CA ILE C 99 -14.65 11.41 27.86
C ILE C 99 -16.12 11.10 27.58
N ILE C 100 -16.71 10.22 28.38
CA ILE C 100 -18.08 9.79 28.08
C ILE C 100 -19.10 10.83 28.48
N TYR C 101 -18.87 11.54 29.58
CA TYR C 101 -19.81 12.55 30.06
C TYR C 101 -19.71 13.85 29.28
N PRO C 102 -18.52 14.35 28.97
CA PRO C 102 -18.44 15.50 28.06
C PRO C 102 -18.97 15.22 26.68
N LEU C 103 -18.76 14.02 26.14
CA LEU C 103 -19.17 13.70 24.78
C LEU C 103 -20.69 13.59 24.70
N THR C 104 -21.25 12.61 25.39
CA THR C 104 -22.70 12.46 25.47
C THR C 104 -23.18 13.03 26.80
N MET C 105 -24.37 13.63 26.78
CA MET C 105 -24.87 14.41 27.90
C MET C 105 -23.98 15.63 28.11
N PRO C 106 -23.91 16.56 27.16
CA PRO C 106 -23.05 17.73 27.32
C PRO C 106 -23.71 18.91 28.03
N HIS C 107 -25.01 18.83 28.35
CA HIS C 107 -25.69 19.97 28.94
C HIS C 107 -25.13 20.36 30.30
N LEU C 108 -24.46 19.45 30.99
CA LEU C 108 -23.80 19.80 32.24
C LEU C 108 -22.59 20.68 32.02
N TYR C 109 -22.08 20.77 30.79
CA TYR C 109 -20.83 21.45 30.50
C TYR C 109 -21.02 22.66 29.59
N LYS C 110 -22.25 23.13 29.41
CA LYS C 110 -22.53 24.27 28.54
C LYS C 110 -22.22 25.61 29.21
N HIS C 111 -21.62 25.60 30.40
CA HIS C 111 -21.24 26.83 31.08
C HIS C 111 -19.75 27.11 31.01
N GLY C 112 -18.91 26.08 30.87
CA GLY C 112 -17.48 26.29 30.76
C GLY C 112 -17.02 26.71 29.38
N GLY C 113 -17.84 26.54 28.37
CA GLY C 113 -17.52 26.93 27.03
C GLY C 113 -17.03 25.77 26.19
N ALA C 114 -16.24 26.10 25.16
CA ALA C 114 -15.64 25.11 24.30
C ALA C 114 -14.45 24.43 24.95
N LEU C 115 -13.99 24.92 26.09
CA LEU C 115 -12.89 24.30 26.82
C LEU C 115 -13.34 23.10 27.65
N LEU C 116 -14.64 22.93 27.84
CA LEU C 116 -15.19 21.76 28.55
C LEU C 116 -15.78 20.74 27.58
N ALA C 117 -15.53 20.88 26.28
CA ALA C 117 -15.99 19.87 25.34
C ALA C 117 -15.22 18.57 25.56
N ALA C 118 -15.69 17.51 24.90
CA ALA C 118 -15.05 16.23 25.04
C ALA C 118 -13.67 16.23 24.37
N PRO C 119 -12.69 15.55 24.97
CA PRO C 119 -11.39 15.44 24.33
C PRO C 119 -11.49 14.77 22.97
N SER C 120 -10.78 15.34 22.00
CA SER C 120 -10.91 14.88 20.62
C SER C 120 -10.40 13.47 20.41
N GLY C 121 -9.54 12.98 21.29
CA GLY C 121 -8.93 11.68 21.07
C GLY C 121 -8.45 10.97 22.32
N VAL C 122 -8.79 9.69 22.40
CA VAL C 122 -8.36 8.81 23.48
C VAL C 122 -7.62 7.63 22.87
N LEU C 123 -6.39 7.41 23.30
CA LEU C 123 -5.55 6.31 22.83
C LEU C 123 -5.26 5.37 23.99
N LEU C 124 -5.81 4.17 23.92
CA LEU C 124 -5.53 3.14 24.91
C LEU C 124 -4.31 2.36 24.45
N TYR C 125 -3.22 2.42 25.22
CA TYR C 125 -1.99 1.75 24.79
C TYR C 125 -1.46 0.89 25.93
N GLY C 126 -0.60 -0.05 25.56
CA GLY C 126 -0.04 -0.99 26.51
C GLY C 126 0.27 -2.31 25.84
N PRO C 127 0.74 -3.28 26.62
CA PRO C 127 1.07 -4.60 26.06
C PRO C 127 -0.18 -5.31 25.57
N PRO C 128 -0.03 -6.40 24.82
CA PRO C 128 -1.20 -7.04 24.23
C PRO C 128 -1.94 -7.92 25.23
N GLY C 129 -3.27 -7.83 25.17
CA GLY C 129 -4.11 -8.72 25.93
C GLY C 129 -4.47 -8.26 27.33
N CYS C 130 -4.41 -6.97 27.62
CA CYS C 130 -4.61 -6.47 28.98
C CYS C 130 -5.79 -5.51 29.08
N GLY C 131 -6.72 -5.55 28.12
CA GLY C 131 -7.99 -4.87 28.27
C GLY C 131 -8.23 -3.67 27.38
N LYS C 132 -7.36 -3.40 26.40
CA LYS C 132 -7.58 -2.28 25.50
C LYS C 132 -8.86 -2.48 24.69
N THR C 133 -8.92 -3.56 23.92
CA THR C 133 -10.13 -3.88 23.16
C THR C 133 -11.31 -4.09 24.09
N MET C 134 -11.09 -4.62 25.28
CA MET C 134 -12.18 -4.73 26.24
C MET C 134 -12.66 -3.37 26.72
N LEU C 135 -11.75 -2.41 26.90
CA LEU C 135 -12.18 -1.06 27.23
C LEU C 135 -13.00 -0.46 26.10
N ALA C 136 -12.55 -0.65 24.85
CA ALA C 136 -13.33 -0.17 23.71
C ALA C 136 -14.70 -0.81 23.67
N LYS C 137 -14.77 -2.10 24.03
CA LYS C 137 -16.04 -2.82 24.00
C LYS C 137 -16.98 -2.31 25.09
N ALA C 138 -16.46 -2.08 26.29
CA ALA C 138 -17.26 -1.51 27.36
C ALA C 138 -17.71 -0.09 27.02
N VAL C 139 -16.89 0.67 26.30
CA VAL C 139 -17.29 2.01 25.90
C VAL C 139 -18.37 1.94 24.82
N ALA C 140 -18.28 0.97 23.92
CA ALA C 140 -19.31 0.79 22.92
C ALA C 140 -20.64 0.45 23.56
N HIS C 141 -20.62 -0.40 24.58
CA HIS C 141 -21.87 -0.82 25.21
C HIS C 141 -22.44 0.25 26.13
N GLU C 142 -21.63 0.74 27.06
CA GLU C 142 -22.14 1.56 28.16
C GLU C 142 -22.34 3.02 27.79
N SER C 143 -21.60 3.53 26.79
CA SER C 143 -21.62 4.97 26.52
C SER C 143 -22.97 5.40 25.95
N GLY C 144 -23.53 4.63 25.03
CA GLY C 144 -24.71 5.08 24.32
C GLY C 144 -24.40 6.31 23.50
N ALA C 145 -23.36 6.23 22.68
CA ALA C 145 -22.89 7.38 21.92
C ALA C 145 -22.53 6.97 20.50
N SER C 146 -23.35 6.11 19.89
CA SER C 146 -23.26 5.72 18.48
C SER C 146 -21.84 5.30 18.10
N PHE C 147 -21.39 4.25 18.78
CA PHE C 147 -20.07 3.68 18.56
C PHE C 147 -19.98 3.13 17.15
N ILE C 148 -18.93 3.50 16.42
CA ILE C 148 -18.70 2.98 15.07
C ILE C 148 -17.35 2.28 15.04
N ASN C 149 -17.39 0.95 14.87
CA ASN C 149 -16.20 0.10 14.85
C ASN C 149 -15.61 0.15 13.46
N LEU C 150 -14.61 1.00 13.27
CA LEU C 150 -14.00 1.18 11.96
C LEU C 150 -12.92 0.14 11.75
N HIS C 151 -13.07 -0.68 10.72
CA HIS C 151 -12.11 -1.72 10.38
C HIS C 151 -11.11 -1.19 9.35
N ILE C 152 -9.88 -1.72 9.40
CA ILE C 152 -8.81 -1.26 8.54
C ILE C 152 -9.08 -1.56 7.06
N SER C 153 -10.01 -2.47 6.77
CA SER C 153 -10.34 -2.77 5.38
C SER C 153 -11.22 -1.70 4.74
N THR C 154 -12.20 -1.18 5.48
CA THR C 154 -13.11 -0.19 4.90
C THR C 154 -12.37 1.10 4.56
N LEU C 155 -11.31 1.43 5.31
CA LEU C 155 -10.50 2.59 4.98
C LEU C 155 -9.65 2.35 3.75
N THR C 156 -9.14 1.13 3.57
CA THR C 156 -8.23 0.80 2.48
C THR C 156 -9.05 0.29 1.30
N GLU C 157 -9.32 1.17 0.35
CA GLU C 157 -10.05 0.83 -0.86
C GLU C 157 -9.10 0.63 -2.03
N LYS C 158 -9.60 -0.06 -3.05
CA LYS C 158 -8.77 -0.39 -4.20
C LYS C 158 -8.54 0.81 -5.10
N TRP C 159 -9.60 1.50 -5.49
CA TRP C 159 -9.50 2.52 -6.50
C TRP C 159 -8.82 3.77 -5.94
N TYR C 160 -8.37 4.64 -6.85
CA TYR C 160 -7.64 5.84 -6.48
C TYR C 160 -8.61 6.89 -5.93
N GLY C 161 -8.44 7.24 -4.67
CA GLY C 161 -9.26 8.24 -4.03
C GLY C 161 -10.39 7.69 -3.19
N ASP C 162 -10.70 6.39 -3.29
CA ASP C 162 -11.79 5.84 -2.50
C ASP C 162 -11.42 5.74 -1.03
N SER C 163 -10.14 5.54 -0.71
CA SER C 163 -9.75 5.53 0.70
C SER C 163 -9.92 6.91 1.33
N ASN C 164 -9.57 7.96 0.59
CA ASN C 164 -9.79 9.31 1.09
C ASN C 164 -11.29 9.59 1.23
N LYS C 165 -12.09 9.13 0.27
CA LYS C 165 -13.54 9.30 0.38
C LYS C 165 -14.09 8.58 1.58
N ILE C 166 -13.56 7.40 1.91
CA ILE C 166 -14.02 6.69 3.10
C ILE C 166 -13.60 7.42 4.36
N VAL C 167 -12.38 7.96 4.39
CA VAL C 167 -11.93 8.68 5.57
C VAL C 167 -12.74 9.95 5.76
N ARG C 168 -13.23 10.55 4.68
CA ARG C 168 -14.11 11.70 4.80
C ARG C 168 -15.50 11.27 5.24
N ALA C 169 -15.98 10.14 4.71
CA ALA C 169 -17.31 9.66 5.04
C ALA C 169 -17.41 9.23 6.49
N VAL C 170 -16.31 8.76 7.07
CA VAL C 170 -16.30 8.40 8.49
C VAL C 170 -16.69 9.60 9.34
N PHE C 171 -16.01 10.73 9.13
CA PHE C 171 -16.32 11.93 9.88
C PHE C 171 -17.65 12.55 9.47
N SER C 172 -18.05 12.41 8.21
CA SER C 172 -19.37 12.89 7.80
C SER C 172 -20.48 12.14 8.53
N LEU C 173 -20.35 10.81 8.62
CA LEU C 173 -21.34 10.02 9.33
C LEU C 173 -21.29 10.28 10.83
N ALA C 174 -20.08 10.43 11.37
CA ALA C 174 -19.95 10.74 12.79
C ALA C 174 -20.55 12.10 13.14
N LYS C 175 -20.54 13.04 12.20
CA LYS C 175 -21.18 14.33 12.40
C LYS C 175 -22.68 14.26 12.20
N LYS C 176 -23.15 13.40 11.30
CA LYS C 176 -24.60 13.18 11.18
C LYS C 176 -25.18 12.50 12.41
N LEU C 177 -24.35 11.89 13.24
CA LEU C 177 -24.77 11.16 14.43
C LEU C 177 -24.05 11.72 15.64
N GLN C 178 -24.10 13.06 15.82
CA GLN C 178 -23.13 13.89 16.55
C GLN C 178 -22.46 13.25 17.75
N PRO C 179 -23.18 12.81 18.78
CA PRO C 179 -22.48 12.27 19.96
C PRO C 179 -21.86 10.91 19.68
N SER C 180 -20.93 10.84 18.74
CA SER C 180 -20.45 9.57 18.21
C SER C 180 -18.99 9.32 18.59
N ILE C 181 -18.61 8.05 18.56
CA ILE C 181 -17.25 7.61 18.81
C ILE C 181 -16.79 6.80 17.61
N ILE C 182 -15.59 7.08 17.13
CA ILE C 182 -14.97 6.33 16.05
C ILE C 182 -13.88 5.45 16.64
N PHE C 183 -13.87 4.18 16.30
CA PHE C 183 -12.89 3.26 16.86
C PHE C 183 -12.01 2.68 15.77
N ILE C 184 -10.70 2.74 16.00
CA ILE C 184 -9.71 2.15 15.11
C ILE C 184 -8.80 1.29 15.99
N ASP C 185 -9.12 0.01 16.10
CA ASP C 185 -8.28 -0.91 16.86
C ASP C 185 -7.00 -1.20 16.07
N GLU C 186 -5.88 -1.26 16.78
CA GLU C 186 -4.57 -1.39 16.15
C GLU C 186 -4.33 -0.21 15.21
N ILE C 187 -4.37 0.99 15.79
CA ILE C 187 -4.30 2.22 15.00
C ILE C 187 -2.90 2.50 14.48
N ASP C 188 -1.88 1.83 15.01
CA ASP C 188 -0.52 2.07 14.55
C ASP C 188 -0.31 1.60 13.12
N ALA C 189 -0.98 0.53 12.72
CA ALA C 189 -0.85 0.01 11.36
C ALA C 189 -1.59 0.86 10.33
N VAL C 190 -2.43 1.80 10.78
CA VAL C 190 -3.17 2.65 9.87
C VAL C 190 -2.70 4.10 9.91
N LEU C 191 -2.09 4.54 11.01
CA LEU C 191 -1.65 5.92 11.20
C LEU C 191 -0.17 5.95 11.58
N GLY C 192 0.65 5.25 10.81
CA GLY C 192 2.08 5.21 11.04
C GLY C 192 2.76 6.56 10.92
N THR C 193 4.09 6.59 11.05
CA THR C 193 4.84 7.83 11.22
C THR C 193 5.12 8.54 9.90
N ARG C 194 4.40 8.22 8.83
CA ARG C 194 4.50 8.94 7.55
C ARG C 194 5.93 8.91 7.00
N ARG C 195 6.35 7.70 6.62
CA ARG C 195 7.64 7.53 5.95
C ARG C 195 7.75 8.45 4.75
N SER C 196 8.99 8.82 4.38
CA SER C 196 9.18 9.75 3.27
C SER C 196 8.70 9.17 1.96
N GLY C 197 8.88 7.86 1.76
CA GLY C 197 8.44 7.22 0.53
C GLY C 197 7.62 5.96 0.80
N GLU C 198 6.81 6.01 1.86
CA GLU C 198 6.02 4.86 2.28
C GLU C 198 5.05 4.38 1.19
N HIS C 199 4.12 5.24 0.80
CA HIS C 199 3.07 4.95 -0.17
C HIS C 199 2.23 6.20 -0.27
N GLU C 200 1.51 6.34 -1.38
CA GLU C 200 0.73 7.55 -1.55
C GLU C 200 -0.68 7.42 -1.00
N ALA C 201 -1.33 6.27 -1.23
CA ALA C 201 -2.67 6.07 -0.69
C ALA C 201 -2.67 6.12 0.83
N SER C 202 -1.70 5.46 1.47
CA SER C 202 -1.62 5.47 2.92
C SER C 202 -1.30 6.87 3.43
N GLY C 203 -0.36 7.56 2.79
CA GLY C 203 -0.03 8.91 3.20
C GLY C 203 -1.19 9.88 3.03
N MET C 204 -1.91 9.75 1.91
CA MET C 204 -3.07 10.60 1.70
C MET C 204 -4.19 10.29 2.69
N VAL C 205 -4.36 9.01 3.06
CA VAL C 205 -5.36 8.67 4.08
C VAL C 205 -4.96 9.27 5.42
N LYS C 206 -3.68 9.20 5.77
CA LYS C 206 -3.20 9.80 7.01
C LYS C 206 -3.46 11.30 7.02
N ALA C 207 -3.13 11.98 5.92
CA ALA C 207 -3.34 13.42 5.86
C ALA C 207 -4.82 13.76 5.86
N GLU C 208 -5.64 12.96 5.18
CA GLU C 208 -7.08 13.20 5.19
C GLU C 208 -7.67 13.04 6.58
N PHE C 209 -7.22 12.02 7.31
CA PHE C 209 -7.68 11.81 8.67
C PHE C 209 -7.23 12.93 9.61
N MET C 210 -5.98 13.39 9.45
CA MET C 210 -5.51 14.54 10.22
C MET C 210 -6.33 15.79 9.94
N THR C 211 -6.63 16.04 8.67
CA THR C 211 -7.37 17.24 8.30
C THR C 211 -8.79 17.21 8.82
N LEU C 212 -9.50 16.09 8.63
CA LEU C 212 -10.86 15.98 9.12
C LEU C 212 -10.94 15.87 10.64
N TRP C 213 -9.83 15.50 11.30
CA TRP C 213 -9.84 15.44 12.75
C TRP C 213 -10.12 16.81 13.35
N ASP C 214 -9.19 17.74 13.16
CA ASP C 214 -9.38 19.13 13.57
C ASP C 214 -8.70 20.02 12.54
N GLY C 215 -9.47 20.49 11.57
CA GLY C 215 -8.95 21.37 10.55
C GLY C 215 -9.74 22.65 10.46
N LEU C 216 -9.94 23.15 9.24
CA LEU C 216 -10.67 24.39 9.05
C LEU C 216 -12.13 24.23 9.48
N THR C 217 -12.77 23.15 9.02
CA THR C 217 -14.18 22.94 9.26
C THR C 217 -14.46 21.89 10.34
N SER C 218 -13.55 21.72 11.29
CA SER C 218 -13.71 20.74 12.36
C SER C 218 -14.54 21.25 13.52
N THR C 219 -14.60 22.57 13.71
CA THR C 219 -15.42 23.17 14.76
C THR C 219 -16.80 23.49 14.19
N ASN C 220 -17.58 24.26 14.94
CA ASN C 220 -18.90 24.70 14.52
C ASN C 220 -18.86 26.20 14.24
N ALA C 221 -19.96 26.71 13.68
CA ALA C 221 -20.08 28.15 13.50
C ALA C 221 -20.10 28.89 14.83
N SER C 222 -20.51 28.21 15.90
CA SER C 222 -20.53 28.82 17.23
C SER C 222 -19.29 28.51 18.05
N GLY C 223 -18.63 27.39 17.79
CA GLY C 223 -17.40 27.04 18.47
C GLY C 223 -17.38 25.70 19.15
N VAL C 224 -18.38 24.85 18.99
CA VAL C 224 -18.41 23.54 19.64
C VAL C 224 -17.55 22.58 18.82
N PRO C 225 -16.66 21.81 19.47
CA PRO C 225 -15.69 21.01 18.71
C PRO C 225 -16.25 19.71 18.14
N ASN C 226 -17.43 19.76 17.53
CA ASN C 226 -18.00 18.73 16.65
C ASN C 226 -18.49 17.50 17.41
N ARG C 227 -18.22 17.38 18.71
CA ARG C 227 -18.76 16.32 19.56
C ARG C 227 -18.42 14.91 19.05
N ILE C 228 -17.21 14.76 18.53
CA ILE C 228 -16.75 13.47 18.03
C ILE C 228 -15.47 13.08 18.75
N VAL C 229 -15.37 11.82 19.15
CA VAL C 229 -14.19 11.29 19.79
C VAL C 229 -13.78 10.03 19.05
N VAL C 230 -12.54 9.98 18.58
CA VAL C 230 -12.01 8.81 17.91
C VAL C 230 -11.13 8.04 18.88
N LEU C 231 -11.63 6.92 19.38
CA LEU C 231 -10.92 6.08 20.34
C LEU C 231 -10.03 5.12 19.56
N GLY C 232 -8.77 5.07 19.94
CA GLY C 232 -7.82 4.17 19.28
C GLY C 232 -7.15 3.26 20.29
N ALA C 233 -6.90 2.02 19.86
CA ALA C 233 -6.25 1.03 20.70
C ALA C 233 -5.04 0.49 19.97
N THR C 234 -3.89 0.51 20.63
CA THR C 234 -2.66 0.03 20.04
C THR C 234 -1.74 -0.47 21.14
N ASN C 235 -0.82 -1.35 20.77
CA ASN C 235 0.21 -1.83 21.68
C ASN C 235 1.60 -1.36 21.28
N ARG C 236 1.71 -0.52 20.26
CA ARG C 236 2.97 0.11 19.86
C ARG C 236 2.73 1.62 19.87
N ILE C 237 2.90 2.22 21.04
CA ILE C 237 2.56 3.64 21.23
C ILE C 237 3.44 4.53 20.37
N ASN C 238 4.74 4.27 20.36
CA ASN C 238 5.67 5.13 19.63
C ASN C 238 5.76 4.73 18.17
N ASP C 239 4.61 4.57 17.51
CA ASP C 239 4.56 4.31 16.08
C ASP C 239 3.38 5.01 15.43
N ILE C 240 2.62 5.73 16.24
CA ILE C 240 1.44 6.38 15.72
C ILE C 240 1.73 7.51 14.78
N ASP C 241 2.76 8.26 15.17
CA ASP C 241 3.40 9.49 14.63
C ASP C 241 2.92 10.69 15.42
N GLU C 242 3.81 11.65 15.60
CA GLU C 242 3.56 12.76 16.48
C GLU C 242 2.38 13.60 16.15
N ALA C 243 2.11 13.83 14.88
CA ALA C 243 0.97 14.64 14.50
C ALA C 243 -0.33 14.03 14.91
N ILE C 244 -0.35 12.71 15.07
CA ILE C 244 -1.59 12.04 15.45
C ILE C 244 -1.74 11.92 16.97
N LEU C 245 -0.64 11.70 17.69
CA LEU C 245 -0.71 11.72 19.15
C LEU C 245 -1.09 13.09 19.67
N ARG C 246 -0.85 14.15 18.90
CA ARG C 246 -1.35 15.47 19.26
C ARG C 246 -2.87 15.48 19.31
N ARG C 247 -3.51 14.80 18.36
CA ARG C 247 -4.95 14.82 18.22
C ARG C 247 -5.65 13.86 19.16
N MET C 248 -4.92 12.92 19.76
CA MET C 248 -5.46 12.10 20.83
C MET C 248 -4.88 12.61 22.13
N PRO C 249 -5.42 13.69 22.70
CA PRO C 249 -4.79 14.28 23.88
C PRO C 249 -4.85 13.41 25.11
N LYS C 250 -5.76 12.45 25.19
CA LYS C 250 -5.87 11.60 26.36
C LYS C 250 -5.32 10.22 26.03
N GLN C 251 -4.18 9.88 26.61
CA GLN C 251 -3.46 8.65 26.31
C GLN C 251 -3.38 7.83 27.58
N PHE C 252 -4.13 6.73 27.62
CA PHE C 252 -4.21 5.90 28.82
C PHE C 252 -3.34 4.66 28.65
N PRO C 253 -2.32 4.49 29.49
CA PRO C 253 -1.53 3.26 29.48
C PRO C 253 -2.28 2.15 30.20
N VAL C 254 -2.62 1.09 29.47
CA VAL C 254 -3.26 -0.08 30.06
C VAL C 254 -2.18 -1.07 30.45
N PRO C 255 -1.79 -1.14 31.73
CA PRO C 255 -0.64 -1.96 32.10
C PRO C 255 -1.02 -3.41 32.37
N LEU C 256 -0.04 -4.21 32.80
CA LEU C 256 -0.31 -5.57 33.22
C LEU C 256 -0.95 -5.57 34.61
N PRO C 257 -1.79 -6.55 34.91
CA PRO C 257 -2.43 -6.59 36.23
C PRO C 257 -1.41 -6.85 37.32
N GLY C 258 -1.53 -6.10 38.41
CA GLY C 258 -0.64 -6.29 39.55
C GLY C 258 -1.10 -7.44 40.40
N LEU C 259 -1.16 -7.25 41.71
CA LEU C 259 -1.63 -8.30 42.61
C LEU C 259 -3.15 -8.21 42.79
N GLU C 260 -3.65 -7.07 43.23
CA GLU C 260 -5.08 -6.89 43.41
C GLU C 260 -5.84 -6.88 42.08
N GLN C 261 -5.16 -6.60 40.97
CA GLN C 261 -5.83 -6.66 39.68
C GLN C 261 -5.98 -8.09 39.17
N ARG C 262 -4.98 -8.93 39.41
CA ARG C 262 -5.07 -10.32 38.98
C ARG C 262 -6.18 -11.07 39.71
N ARG C 263 -6.36 -10.81 41.00
CA ARG C 263 -7.43 -11.50 41.72
C ARG C 263 -8.80 -11.06 41.24
N ARG C 264 -8.96 -9.77 40.91
CA ARG C 264 -10.22 -9.30 40.36
C ARG C 264 -10.48 -9.90 38.98
N ILE C 265 -9.44 -9.98 38.14
CA ILE C 265 -9.60 -10.64 36.84
C ILE C 265 -9.98 -12.10 37.04
N LEU C 266 -9.39 -12.77 38.03
CA LEU C 266 -9.72 -14.16 38.30
C LEU C 266 -11.17 -14.30 38.72
N GLU C 267 -11.65 -13.43 39.60
CA GLU C 267 -13.05 -13.49 40.02
C GLU C 267 -13.98 -13.26 38.85
N LEU C 268 -13.70 -12.23 38.05
CA LEU C 268 -14.58 -11.92 36.91
C LEU C 268 -14.56 -13.03 35.87
N VAL C 269 -13.45 -13.76 35.75
CA VAL C 269 -13.40 -14.87 34.81
C VAL C 269 -14.13 -16.08 35.37
N LEU C 270 -13.92 -16.37 36.65
CA LEU C 270 -14.52 -17.54 37.30
C LEU C 270 -15.94 -17.29 37.77
N ARG C 271 -16.56 -16.17 37.42
CA ARG C 271 -17.98 -15.99 37.72
C ARG C 271 -18.84 -17.09 37.13
N GLY C 272 -18.41 -17.67 36.01
CA GLY C 272 -19.20 -18.67 35.32
C GLY C 272 -19.11 -20.08 35.86
N THR C 273 -17.91 -20.50 36.26
CA THR C 273 -17.70 -21.88 36.69
C THR C 273 -18.47 -22.17 37.98
N LYS C 274 -18.35 -23.41 38.46
CA LYS C 274 -19.09 -23.84 39.63
C LYS C 274 -18.68 -23.03 40.86
N ARG C 275 -19.42 -23.24 41.96
CA ARG C 275 -19.33 -22.38 43.13
C ARG C 275 -17.91 -22.37 43.68
N ASP C 276 -17.46 -23.50 44.27
CA ASP C 276 -16.12 -24.08 44.23
C ASP C 276 -16.08 -25.29 45.15
N PRO C 277 -15.25 -26.28 44.86
CA PRO C 277 -14.92 -27.32 45.87
C PRO C 277 -13.67 -26.97 46.67
N ASP C 278 -13.79 -25.96 47.54
CA ASP C 278 -12.65 -25.48 48.33
C ASP C 278 -11.54 -24.96 47.42
N PHE C 279 -11.89 -23.98 46.58
CA PHE C 279 -10.92 -23.38 45.68
C PHE C 279 -10.11 -22.32 46.41
N ASP C 280 -8.86 -22.17 46.01
CA ASP C 280 -7.96 -21.17 46.56
C ASP C 280 -7.67 -20.14 45.48
N LEU C 281 -8.11 -18.91 45.70
CA LEU C 281 -7.92 -17.83 44.73
C LEU C 281 -6.76 -16.91 45.06
N ASP C 282 -6.46 -16.71 46.35
CA ASP C 282 -5.31 -15.90 46.71
C ASP C 282 -4.02 -16.51 46.21
N TYR C 283 -3.95 -17.85 46.18
CA TYR C 283 -2.75 -18.51 45.66
C TYR C 283 -2.61 -18.28 44.17
N ILE C 284 -3.69 -18.45 43.41
CA ILE C 284 -3.66 -18.25 41.98
C ILE C 284 -3.43 -16.78 41.63
N ALA C 285 -3.80 -15.86 42.52
CA ALA C 285 -3.58 -14.45 42.25
C ALA C 285 -2.09 -14.11 42.21
N ARG C 286 -1.27 -14.84 42.94
CA ARG C 286 0.18 -14.60 42.96
C ARG C 286 0.97 -15.58 42.13
N VAL C 287 0.43 -16.77 41.85
CA VAL C 287 1.14 -17.72 40.99
C VAL C 287 1.26 -17.16 39.58
N THR C 288 0.25 -16.43 39.12
CA THR C 288 0.31 -15.77 37.81
C THR C 288 1.19 -14.54 37.96
N ALA C 289 2.50 -14.76 37.87
CA ALA C 289 3.47 -13.72 38.20
C ALA C 289 3.35 -12.52 37.27
N GLY C 290 3.61 -12.73 35.98
CA GLY C 290 3.57 -11.63 35.04
C GLY C 290 2.61 -11.85 33.90
N MET C 291 1.59 -12.68 34.13
CA MET C 291 0.60 -12.94 33.11
C MET C 291 -0.28 -11.71 32.88
N SER C 292 -0.72 -11.54 31.64
CA SER C 292 -1.65 -10.48 31.30
C SER C 292 -3.07 -10.94 31.57
N GLY C 293 -4.05 -10.12 31.16
CA GLY C 293 -5.43 -10.50 31.35
C GLY C 293 -5.83 -11.72 30.54
N SER C 294 -5.44 -11.75 29.26
CA SER C 294 -5.78 -12.89 28.42
C SER C 294 -5.09 -14.16 28.89
N ASP C 295 -3.86 -14.06 29.40
CA ASP C 295 -3.17 -15.26 29.90
C ASP C 295 -3.88 -15.80 31.15
N ILE C 296 -4.33 -14.91 32.03
CA ILE C 296 -5.09 -15.36 33.20
C ILE C 296 -6.40 -16.00 32.77
N LYS C 297 -7.08 -15.41 31.79
CA LYS C 297 -8.34 -15.97 31.31
C LYS C 297 -8.11 -17.34 30.68
N GLU C 298 -6.99 -17.52 29.97
CA GLU C 298 -6.70 -18.81 29.35
C GLU C 298 -6.33 -19.87 30.40
N THR C 299 -5.57 -19.48 31.43
CA THR C 299 -5.29 -20.40 32.52
C THR C 299 -6.57 -20.83 33.21
N CYS C 300 -7.50 -19.89 33.41
CA CYS C 300 -8.77 -20.24 34.02
C CYS C 300 -9.59 -21.15 33.10
N ARG C 301 -9.51 -20.91 31.79
CA ARG C 301 -10.16 -21.80 30.83
C ARG C 301 -9.64 -23.22 30.94
N ASP C 302 -8.32 -23.37 31.02
CA ASP C 302 -7.73 -24.71 31.13
C ASP C 302 -8.13 -25.36 32.44
N ALA C 303 -8.09 -24.61 33.54
CA ALA C 303 -8.49 -25.15 34.83
C ALA C 303 -9.96 -25.52 34.89
N ALA C 304 -10.81 -24.86 34.12
CA ALA C 304 -12.22 -25.24 34.06
C ALA C 304 -12.47 -26.41 33.11
N MET C 305 -11.68 -26.51 32.04
CA MET C 305 -11.79 -27.63 31.12
C MET C 305 -11.28 -28.93 31.74
N ALA C 306 -10.36 -28.85 32.69
CA ALA C 306 -9.83 -30.06 33.33
C ALA C 306 -10.91 -30.93 33.97
N PRO C 307 -11.81 -30.39 34.81
CA PRO C 307 -12.85 -31.25 35.40
C PRO C 307 -13.80 -31.85 34.38
N MET C 308 -14.18 -31.11 33.35
CA MET C 308 -15.04 -31.67 32.32
C MET C 308 -14.32 -32.76 31.54
N ARG C 309 -13.01 -32.61 31.34
CA ARG C 309 -12.23 -33.68 30.72
C ARG C 309 -12.21 -34.91 31.61
N GLU C 310 -12.04 -34.73 32.92
CA GLU C 310 -12.11 -35.85 33.85
C GLU C 310 -13.44 -36.56 33.75
N TYR C 311 -14.53 -35.79 33.69
CA TYR C 311 -15.85 -36.38 33.60
C TYR C 311 -16.04 -37.13 32.28
N ILE C 312 -15.53 -36.57 31.18
CA ILE C 312 -15.64 -37.27 29.90
C ILE C 312 -14.87 -38.58 29.93
N ARG C 313 -13.69 -38.57 30.53
CA ARG C 313 -12.90 -39.79 30.63
C ARG C 313 -13.62 -40.84 31.47
N GLN C 314 -14.19 -40.43 32.60
CA GLN C 314 -14.90 -41.38 33.45
C GLN C 314 -16.27 -41.76 32.89
N HIS C 315 -16.77 -41.02 31.89
CA HIS C 315 -18.09 -41.25 31.33
C HIS C 315 -18.04 -42.00 30.00
N ARG C 316 -16.86 -42.11 29.38
CA ARG C 316 -16.75 -42.89 28.16
C ARG C 316 -17.17 -44.34 28.34
N ALA C 317 -17.06 -44.87 29.57
CA ALA C 317 -17.49 -46.24 29.84
C ALA C 317 -18.99 -46.41 29.60
N SER C 318 -19.76 -45.35 29.76
CA SER C 318 -21.21 -45.40 29.56
C SER C 318 -21.53 -45.31 28.08
N GLY C 319 -22.80 -45.12 27.75
CA GLY C 319 -23.23 -45.08 26.36
C GLY C 319 -23.13 -43.71 25.71
N LYS C 320 -23.82 -42.72 26.27
CA LYS C 320 -23.88 -41.39 25.67
C LYS C 320 -23.36 -40.35 26.65
N PRO C 321 -22.81 -39.24 26.14
CA PRO C 321 -22.27 -38.21 27.04
C PRO C 321 -23.31 -37.63 27.99
N LEU C 322 -24.35 -36.98 27.43
CA LEU C 322 -25.49 -36.46 28.17
C LEU C 322 -25.11 -35.70 29.44
N SER C 323 -24.47 -34.54 29.27
CA SER C 323 -23.86 -33.80 30.37
C SER C 323 -24.83 -33.49 31.51
N GLU C 324 -24.27 -33.21 32.68
CA GLU C 324 -24.99 -32.91 33.90
C GLU C 324 -24.10 -31.96 34.70
N ILE C 325 -24.34 -31.84 36.01
CA ILE C 325 -23.35 -31.16 36.83
C ILE C 325 -22.82 -32.12 37.90
N ASN C 326 -21.88 -32.96 37.50
CA ASN C 326 -20.98 -33.74 38.34
C ASN C 326 -19.68 -33.01 38.74
N PRO C 327 -18.96 -32.38 37.79
CA PRO C 327 -17.56 -32.01 38.08
C PRO C 327 -17.37 -30.92 39.13
N ASP C 328 -16.11 -30.50 39.29
CA ASP C 328 -15.67 -29.63 40.36
C ASP C 328 -14.68 -28.62 39.78
N ASP C 329 -13.92 -27.96 40.67
CA ASP C 329 -12.86 -27.06 40.25
C ASP C 329 -11.85 -26.88 41.40
N VAL C 330 -10.65 -27.42 41.25
CA VAL C 330 -9.69 -27.41 42.35
C VAL C 330 -8.36 -26.80 41.95
N ARG C 331 -7.72 -27.36 40.93
CA ARG C 331 -6.35 -26.97 40.57
C ARG C 331 -6.21 -26.83 39.07
N GLY C 332 -5.60 -25.72 38.65
CA GLY C 332 -5.13 -25.58 37.29
C GLY C 332 -3.74 -24.98 37.26
N ILE C 333 -2.76 -25.74 36.78
CA ILE C 333 -1.38 -25.29 36.75
C ILE C 333 -0.66 -25.90 35.55
N GLU D 16 -13.10 -9.90 -16.86
CA GLU D 16 -13.54 -9.04 -15.77
C GLU D 16 -14.73 -9.65 -15.04
N LYS D 17 -15.94 -9.31 -15.51
CA LYS D 17 -17.14 -9.87 -14.90
C LYS D 17 -17.20 -11.39 -15.09
N ASN D 18 -16.74 -11.87 -16.25
CA ASN D 18 -16.73 -13.31 -16.49
C ASN D 18 -15.82 -14.03 -15.51
N GLU D 19 -14.67 -13.43 -15.18
CA GLU D 19 -13.76 -14.04 -14.22
C GLU D 19 -14.40 -14.14 -12.83
N ARG D 20 -15.06 -13.06 -12.40
CA ARG D 20 -15.74 -13.10 -11.11
C ARG D 20 -16.88 -14.12 -11.10
N THR D 21 -17.63 -14.22 -12.20
CA THR D 21 -18.70 -15.21 -12.24
C THR D 21 -18.14 -16.63 -12.25
N ARG D 22 -17.00 -16.85 -12.89
CA ARG D 22 -16.38 -18.17 -12.89
C ARG D 22 -15.88 -18.53 -11.49
N ILE D 23 -15.29 -17.57 -10.79
CA ILE D 23 -14.88 -17.82 -9.41
C ILE D 23 -16.09 -18.09 -8.53
N LYS D 24 -17.19 -17.39 -8.80
CA LYS D 24 -18.43 -17.61 -8.04
C LYS D 24 -18.96 -19.01 -8.27
N ALA D 25 -18.97 -19.46 -9.53
CA ALA D 25 -19.42 -20.82 -9.82
C ALA D 25 -18.53 -21.86 -9.16
N GLN D 26 -17.21 -21.65 -9.20
CA GLN D 26 -16.31 -22.61 -8.56
C GLN D 26 -16.53 -22.66 -7.06
N GLU D 27 -16.67 -21.50 -6.41
CA GLU D 27 -16.87 -21.49 -4.97
C GLU D 27 -18.21 -22.11 -4.61
N ASN D 28 -19.24 -21.88 -5.43
CA ASN D 28 -20.54 -22.48 -5.16
C ASN D 28 -20.47 -24.00 -5.26
N LEU D 29 -19.76 -24.50 -6.28
CA LEU D 29 -19.62 -25.96 -6.40
C LEU D 29 -18.84 -26.52 -5.23
N ARG D 30 -17.79 -25.82 -4.78
CA ARG D 30 -17.01 -26.32 -3.66
C ARG D 30 -17.83 -26.30 -2.38
N ARG D 31 -18.67 -25.28 -2.20
CA ARG D 31 -19.56 -25.27 -1.04
C ARG D 31 -20.55 -26.42 -1.10
N ILE D 32 -21.09 -26.69 -2.30
CA ILE D 32 -22.04 -27.79 -2.43
C ILE D 32 -21.38 -29.12 -2.11
N ARG D 33 -20.11 -29.28 -2.49
CA ARG D 33 -19.43 -30.53 -2.21
C ARG D 33 -18.94 -30.62 -0.76
N ARG D 34 -18.77 -29.48 -0.09
CA ARG D 34 -18.28 -29.48 1.29
C ARG D 34 -19.40 -29.52 2.31
N LYS D 35 -20.60 -29.06 1.95
CA LYS D 35 -21.65 -28.87 2.95
C LYS D 35 -22.29 -30.19 3.37
N GLN D 36 -22.60 -31.05 2.42
CA GLN D 36 -23.28 -32.32 2.68
C GLN D 36 -22.31 -33.49 2.62
N ILE D 37 -21.07 -33.27 3.08
CA ILE D 37 -20.06 -34.32 3.13
C ILE D 37 -19.73 -34.82 1.72
N ASP D 58 -25.40 -21.77 -2.21
CA ASP D 58 -26.51 -21.56 -1.30
C ASP D 58 -26.26 -20.29 -0.46
N LEU D 59 -25.01 -20.05 -0.13
CA LEU D 59 -24.63 -18.91 0.68
C LEU D 59 -24.32 -17.72 -0.22
N VAL D 60 -25.03 -16.61 0.01
CA VAL D 60 -24.71 -15.35 -0.65
C VAL D 60 -23.50 -14.75 0.03
N LEU D 61 -22.54 -14.28 -0.77
CA LEU D 61 -21.28 -13.82 -0.19
C LEU D 61 -20.51 -13.01 -1.22
N ASN D 62 -19.72 -12.06 -0.74
CA ASN D 62 -19.04 -11.12 -1.60
C ASN D 62 -17.87 -11.80 -2.34
N GLU D 63 -17.18 -11.01 -3.17
CA GLU D 63 -16.17 -11.56 -4.06
C GLU D 63 -14.98 -12.12 -3.29
N TYR D 64 -14.54 -11.40 -2.26
CA TYR D 64 -13.40 -11.87 -1.48
C TYR D 64 -13.73 -13.18 -0.77
N GLU D 65 -14.97 -13.33 -0.33
CA GLU D 65 -15.40 -14.63 0.21
C GLU D 65 -15.56 -15.65 -0.90
N ASN D 66 -15.81 -15.22 -2.14
CA ASN D 66 -15.72 -16.15 -3.27
C ASN D 66 -14.31 -16.70 -3.42
N GLN D 67 -13.32 -15.83 -3.28
CA GLN D 67 -11.92 -16.27 -3.42
C GLN D 67 -11.50 -17.14 -2.25
N VAL D 68 -11.93 -16.78 -1.04
CA VAL D 68 -11.60 -17.59 0.13
C VAL D 68 -12.36 -18.91 0.13
N ALA D 69 -13.50 -18.97 -0.56
CA ALA D 69 -14.26 -20.21 -0.67
C ALA D 69 -13.54 -21.26 -1.50
N LEU D 70 -12.52 -20.89 -2.26
CA LEU D 70 -11.71 -21.82 -3.02
C LEU D 70 -10.67 -22.53 -2.16
N GLU D 71 -10.78 -22.42 -0.84
CA GLU D 71 -9.88 -23.09 0.08
C GLU D 71 -10.58 -23.93 1.13
N VAL D 72 -11.89 -23.76 1.33
CA VAL D 72 -12.63 -24.67 2.19
C VAL D 72 -12.53 -26.08 1.60
N VAL D 73 -11.91 -26.99 2.34
CA VAL D 73 -11.56 -28.31 1.85
C VAL D 73 -12.50 -29.34 2.46
N ALA D 74 -12.93 -30.29 1.64
CA ALA D 74 -13.73 -31.40 2.14
C ALA D 74 -12.86 -32.29 3.01
N PRO D 75 -13.39 -32.82 4.12
CA PRO D 75 -12.58 -33.72 4.94
C PRO D 75 -12.13 -34.96 4.19
N GLU D 76 -12.98 -35.50 3.31
CA GLU D 76 -12.62 -36.66 2.51
C GLU D 76 -11.60 -36.35 1.43
N ASP D 77 -11.21 -35.09 1.25
CA ASP D 77 -10.16 -34.74 0.31
C ASP D 77 -8.78 -35.10 0.85
N ILE D 78 -8.68 -35.51 2.10
CA ILE D 78 -7.40 -35.83 2.74
C ILE D 78 -7.38 -37.29 3.15
N PRO D 79 -6.24 -37.97 3.05
CA PRO D 79 -6.15 -39.39 3.45
C PRO D 79 -5.70 -39.65 4.89
N VAL D 80 -5.27 -38.64 5.63
CA VAL D 80 -4.67 -38.86 6.94
C VAL D 80 -5.72 -38.73 8.03
N GLY D 81 -5.47 -39.38 9.17
CA GLY D 81 -6.32 -39.30 10.33
C GLY D 81 -5.50 -39.26 11.59
N PHE D 82 -6.19 -39.30 12.74
CA PHE D 82 -5.44 -39.26 13.99
C PHE D 82 -4.66 -40.54 14.25
N ASN D 83 -4.96 -41.63 13.56
CA ASN D 83 -4.22 -42.87 13.74
C ASN D 83 -3.07 -43.01 12.76
N ASP D 84 -3.06 -42.24 11.67
CA ASP D 84 -1.90 -42.18 10.79
C ASP D 84 -0.77 -41.35 11.36
N ILE D 85 -1.01 -40.64 12.47
CA ILE D 85 -0.01 -39.79 13.09
C ILE D 85 0.70 -40.63 14.15
N GLY D 86 1.83 -41.23 13.77
CA GLY D 86 2.59 -42.03 14.72
C GLY D 86 3.27 -41.16 15.76
N GLY D 87 4.06 -41.83 16.60
CA GLY D 87 4.86 -41.11 17.57
C GLY D 87 4.05 -40.33 18.58
N LEU D 88 4.02 -39.01 18.42
CA LEU D 88 3.34 -38.10 19.34
C LEU D 88 1.89 -38.50 19.57
N ASP D 89 1.50 -38.57 20.84
CA ASP D 89 0.15 -38.91 21.23
C ASP D 89 -0.46 -37.97 22.25
N ASP D 90 0.37 -37.30 23.06
CA ASP D 90 -0.17 -36.33 24.02
C ASP D 90 -0.79 -35.15 23.30
N ILE D 91 -0.09 -34.63 22.28
CA ILE D 91 -0.63 -33.53 21.48
C ILE D 91 -1.90 -33.97 20.77
N ILE D 92 -1.90 -35.21 20.26
CA ILE D 92 -3.02 -35.68 19.46
C ILE D 92 -4.25 -35.90 20.31
N GLU D 93 -4.07 -36.08 21.62
CA GLU D 93 -5.18 -36.14 22.57
C GLU D 93 -5.60 -34.75 23.03
N GLU D 94 -4.64 -33.87 23.27
CA GLU D 94 -4.99 -32.51 23.69
C GLU D 94 -5.81 -31.80 22.63
N LEU D 95 -5.45 -31.97 21.35
CA LEU D 95 -6.25 -31.38 20.29
C LEU D 95 -7.64 -31.98 20.24
N LYS D 96 -7.74 -33.31 20.32
CA LYS D 96 -9.05 -33.96 20.24
C LYS D 96 -9.94 -33.63 21.42
N GLU D 97 -9.37 -33.30 22.57
CA GLU D 97 -10.14 -33.21 23.80
C GLU D 97 -10.31 -31.78 24.34
N THR D 98 -9.51 -30.82 23.89
CA THR D 98 -9.63 -29.45 24.36
C THR D 98 -9.71 -28.44 23.23
N ILE D 99 -9.70 -28.88 21.97
CA ILE D 99 -9.74 -27.94 20.85
C ILE D 99 -10.80 -28.36 19.85
N ILE D 100 -11.19 -29.64 19.88
CA ILE D 100 -12.17 -30.17 18.94
C ILE D 100 -13.51 -30.45 19.62
N TYR D 101 -13.49 -31.07 20.78
CA TYR D 101 -14.69 -31.28 21.59
C TYR D 101 -15.25 -29.96 22.11
N PRO D 102 -14.42 -28.97 22.45
CA PRO D 102 -14.98 -27.64 22.73
C PRO D 102 -15.47 -26.94 21.48
N LEU D 103 -14.80 -27.15 20.35
CA LEU D 103 -15.18 -26.48 19.11
C LEU D 103 -16.39 -27.17 18.47
N THR D 104 -16.22 -28.43 18.09
CA THR D 104 -17.35 -29.24 17.67
C THR D 104 -17.89 -30.03 18.84
N MET D 105 -19.17 -30.38 18.78
CA MET D 105 -19.90 -30.96 19.90
C MET D 105 -19.91 -29.99 21.10
N PRO D 106 -20.52 -28.80 20.94
CA PRO D 106 -20.51 -27.84 22.05
C PRO D 106 -21.59 -28.09 23.09
N HIS D 107 -22.52 -29.02 22.85
CA HIS D 107 -23.62 -29.26 23.78
C HIS D 107 -23.17 -29.92 25.07
N LEU D 108 -21.93 -30.40 25.15
CA LEU D 108 -21.41 -30.94 26.41
C LEU D 108 -20.77 -29.85 27.25
N TYR D 109 -20.25 -28.80 26.61
CA TYR D 109 -19.56 -27.71 27.28
C TYR D 109 -20.44 -26.47 27.41
N LYS D 110 -21.76 -26.64 27.42
CA LYS D 110 -22.65 -25.48 27.43
C LYS D 110 -22.78 -24.89 28.83
N HIS D 111 -22.72 -25.72 29.87
CA HIS D 111 -22.98 -25.23 31.22
C HIS D 111 -21.89 -24.28 31.70
N GLY D 112 -20.64 -24.48 31.27
CA GLY D 112 -19.57 -23.63 31.72
C GLY D 112 -19.63 -22.21 31.21
N GLY D 113 -20.32 -21.99 30.09
CA GLY D 113 -20.45 -20.66 29.53
C GLY D 113 -19.39 -20.34 28.51
N ALA D 114 -19.05 -19.06 28.37
CA ALA D 114 -18.05 -18.62 27.40
C ALA D 114 -16.64 -18.96 27.82
N LEU D 115 -16.43 -19.43 29.05
CA LEU D 115 -15.11 -19.79 29.54
C LEU D 115 -14.72 -21.22 29.18
N LEU D 116 -15.69 -22.06 28.84
CA LEU D 116 -15.42 -23.42 28.37
C LEU D 116 -15.62 -23.52 26.87
N ALA D 117 -15.55 -22.40 26.16
CA ALA D 117 -15.63 -22.41 24.71
C ALA D 117 -14.32 -22.93 24.13
N ALA D 118 -14.25 -23.01 22.81
CA ALA D 118 -13.03 -23.45 22.17
C ALA D 118 -11.94 -22.41 22.35
N PRO D 119 -10.68 -22.82 22.48
CA PRO D 119 -9.59 -21.85 22.56
C PRO D 119 -9.55 -20.98 21.32
N SER D 120 -9.01 -19.76 21.48
CA SER D 120 -9.06 -18.78 20.41
C SER D 120 -8.25 -19.22 19.19
N GLY D 121 -7.19 -19.99 19.42
CA GLY D 121 -6.34 -20.45 18.34
C GLY D 121 -5.33 -21.43 18.87
N VAL D 122 -4.68 -22.13 17.95
CA VAL D 122 -3.73 -23.18 18.29
C VAL D 122 -2.47 -22.98 17.47
N LEU D 123 -1.32 -23.19 18.11
CA LEU D 123 -0.02 -23.04 17.46
C LEU D 123 0.76 -24.34 17.63
N LEU D 124 1.20 -24.89 16.51
CA LEU D 124 2.11 -26.03 16.48
C LEU D 124 3.50 -25.52 16.10
N TYR D 125 4.50 -25.89 16.89
CA TYR D 125 5.86 -25.47 16.58
C TYR D 125 6.82 -26.63 16.84
N GLY D 126 7.89 -26.67 16.06
CA GLY D 126 8.86 -27.72 16.14
C GLY D 126 9.73 -27.75 14.89
N PRO D 127 10.79 -28.56 14.92
CA PRO D 127 11.67 -28.64 13.75
C PRO D 127 10.93 -29.21 12.55
N PRO D 128 11.42 -28.94 11.34
CA PRO D 128 10.70 -29.40 10.14
C PRO D 128 10.67 -30.91 10.04
N GLY D 129 9.60 -31.41 9.43
CA GLY D 129 9.46 -32.83 9.17
C GLY D 129 9.09 -33.68 10.36
N CYS D 130 8.60 -33.08 11.44
CA CYS D 130 8.20 -33.83 12.62
C CYS D 130 6.71 -34.08 12.70
N GLY D 131 5.97 -33.73 11.65
CA GLY D 131 4.57 -34.08 11.57
C GLY D 131 3.62 -33.09 12.21
N LYS D 132 3.89 -31.79 12.04
CA LYS D 132 2.99 -30.77 12.54
C LYS D 132 2.10 -30.17 11.47
N THR D 133 2.39 -30.41 10.19
CA THR D 133 1.43 -30.12 9.14
C THR D 133 0.58 -31.34 8.82
N MET D 134 1.15 -32.53 8.96
CA MET D 134 0.34 -33.74 8.87
C MET D 134 -0.62 -33.85 10.05
N LEU D 135 -0.22 -33.32 11.21
CA LEU D 135 -1.12 -33.31 12.36
C LEU D 135 -2.28 -32.34 12.13
N ALA D 136 -1.99 -31.16 11.58
CA ALA D 136 -3.06 -30.26 11.17
C ALA D 136 -3.89 -30.88 10.05
N LYS D 137 -3.27 -31.68 9.20
CA LYS D 137 -4.01 -32.36 8.14
C LYS D 137 -5.00 -33.36 8.73
N ALA D 138 -4.58 -34.10 9.76
CA ALA D 138 -5.48 -35.03 10.43
C ALA D 138 -6.57 -34.29 11.20
N VAL D 139 -6.24 -33.13 11.76
CA VAL D 139 -7.26 -32.28 12.37
C VAL D 139 -8.27 -31.85 11.33
N ALA D 140 -7.83 -31.62 10.10
CA ALA D 140 -8.74 -31.29 9.01
C ALA D 140 -9.65 -32.47 8.68
N HIS D 141 -9.07 -33.66 8.59
CA HIS D 141 -9.84 -34.84 8.20
C HIS D 141 -10.78 -35.28 9.31
N GLU D 142 -10.25 -35.60 10.49
CA GLU D 142 -10.99 -36.28 11.55
C GLU D 142 -11.67 -35.33 12.52
N SER D 143 -12.07 -34.14 12.07
CA SER D 143 -12.80 -33.21 12.92
C SER D 143 -14.16 -32.82 12.36
N GLY D 144 -14.28 -32.68 11.03
CA GLY D 144 -15.54 -32.26 10.44
C GLY D 144 -15.95 -30.88 10.91
N ALA D 145 -15.04 -29.92 10.78
CA ALA D 145 -15.26 -28.58 11.33
C ALA D 145 -14.88 -27.52 10.32
N SER D 146 -15.34 -27.68 9.07
CA SER D 146 -15.27 -26.63 8.05
C SER D 146 -13.84 -26.10 7.87
N PHE D 147 -12.89 -27.02 7.83
CA PHE D 147 -11.48 -26.67 7.74
C PHE D 147 -11.19 -25.87 6.47
N ILE D 148 -10.73 -24.64 6.65
CA ILE D 148 -10.23 -23.83 5.54
C ILE D 148 -8.71 -23.75 5.67
N ASN D 149 -8.03 -23.88 4.54
CA ASN D 149 -6.57 -23.88 4.49
C ASN D 149 -6.14 -22.60 3.77
N LEU D 150 -5.76 -21.59 4.54
CA LEU D 150 -5.47 -20.28 3.97
C LEU D 150 -4.03 -20.25 3.48
N HIS D 151 -3.84 -19.95 2.21
CA HIS D 151 -2.51 -19.87 1.62
C HIS D 151 -1.96 -18.45 1.75
N ILE D 152 -0.64 -18.36 1.71
CA ILE D 152 0.01 -17.04 1.81
C ILE D 152 -0.35 -16.18 0.61
N SER D 153 -0.63 -16.79 -0.54
CA SER D 153 -0.96 -16.01 -1.72
C SER D 153 -2.36 -15.42 -1.63
N THR D 154 -3.28 -16.15 -1.01
CA THR D 154 -4.66 -15.65 -0.89
C THR D 154 -4.71 -14.35 -0.10
N LEU D 155 -3.77 -14.16 0.82
CA LEU D 155 -3.76 -12.94 1.63
C LEU D 155 -3.09 -11.80 0.88
N THR D 156 -1.92 -12.06 0.29
CA THR D 156 -1.18 -11.03 -0.42
C THR D 156 -1.84 -10.75 -1.77
N GLU D 157 -2.30 -9.52 -1.97
CA GLU D 157 -2.93 -9.11 -3.22
C GLU D 157 -2.12 -7.99 -3.86
N LYS D 158 -2.48 -7.68 -5.10
CA LYS D 158 -1.74 -6.72 -5.90
C LYS D 158 -2.23 -5.29 -5.71
N TRP D 159 -3.51 -5.10 -5.40
CA TRP D 159 -4.09 -3.77 -5.30
C TRP D 159 -4.13 -3.31 -3.84
N TYR D 160 -4.16 -1.99 -3.67
CA TYR D 160 -4.13 -1.41 -2.34
C TYR D 160 -5.42 -1.73 -1.60
N GLY D 161 -5.28 -2.36 -0.43
CA GLY D 161 -6.43 -2.66 0.39
C GLY D 161 -7.22 -3.87 -0.05
N ASP D 162 -6.55 -4.89 -0.58
CA ASP D 162 -7.18 -6.17 -0.89
C ASP D 162 -6.79 -7.28 0.07
N SER D 163 -5.60 -7.21 0.67
CA SER D 163 -5.25 -8.17 1.70
C SER D 163 -6.18 -8.03 2.90
N ASN D 164 -6.53 -6.80 3.27
CA ASN D 164 -7.46 -6.59 4.36
C ASN D 164 -8.85 -7.11 4.01
N LYS D 165 -9.27 -6.89 2.76
CA LYS D 165 -10.55 -7.42 2.31
C LYS D 165 -10.58 -8.94 2.40
N ILE D 166 -9.49 -9.60 2.05
CA ILE D 166 -9.49 -11.06 2.09
C ILE D 166 -9.34 -11.59 3.51
N VAL D 167 -8.67 -10.85 4.40
CA VAL D 167 -8.64 -11.26 5.80
C VAL D 167 -10.04 -11.16 6.41
N ARG D 168 -10.73 -10.05 6.13
CA ARG D 168 -12.12 -9.95 6.55
C ARG D 168 -12.97 -11.04 5.91
N ALA D 169 -12.69 -11.40 4.67
CA ALA D 169 -13.44 -12.46 4.00
C ALA D 169 -13.23 -13.80 4.70
N VAL D 170 -12.00 -14.11 5.11
CA VAL D 170 -11.76 -15.40 5.75
C VAL D 170 -12.40 -15.42 7.14
N PHE D 171 -12.29 -14.33 7.89
CA PHE D 171 -12.90 -14.31 9.22
C PHE D 171 -14.42 -14.16 9.18
N SER D 172 -15.00 -13.78 8.04
CA SER D 172 -16.45 -13.77 7.91
C SER D 172 -16.98 -15.08 7.35
N LEU D 173 -16.20 -15.76 6.52
CA LEU D 173 -16.61 -17.07 6.04
C LEU D 173 -16.45 -18.13 7.10
N ALA D 174 -15.45 -17.99 7.97
CA ALA D 174 -15.38 -18.88 9.13
C ALA D 174 -16.57 -18.67 10.05
N LYS D 175 -17.12 -17.47 10.08
CA LYS D 175 -18.31 -17.19 10.87
C LYS D 175 -19.59 -17.66 10.18
N LYS D 176 -19.61 -17.68 8.86
CA LYS D 176 -20.72 -18.27 8.12
C LYS D 176 -20.68 -19.80 8.13
N LEU D 177 -19.59 -20.38 8.62
CA LEU D 177 -19.38 -21.82 8.74
C LEU D 177 -18.97 -22.15 10.17
N GLN D 178 -19.81 -21.71 11.14
CA GLN D 178 -19.49 -21.45 12.54
C GLN D 178 -18.45 -22.38 13.16
N PRO D 179 -18.63 -23.70 13.14
CA PRO D 179 -17.61 -24.57 13.73
C PRO D 179 -16.45 -24.78 12.78
N SER D 180 -15.70 -23.72 12.47
CA SER D 180 -14.70 -23.78 11.41
C SER D 180 -13.29 -23.64 11.99
N ILE D 181 -12.31 -24.01 11.18
CA ILE D 181 -10.90 -23.91 11.51
C ILE D 181 -10.18 -23.22 10.36
N ILE D 182 -9.23 -22.35 10.69
CA ILE D 182 -8.51 -21.55 9.71
C ILE D 182 -7.04 -21.90 9.87
N PHE D 183 -6.53 -22.76 8.99
CA PHE D 183 -5.14 -23.21 9.09
C PHE D 183 -4.24 -22.29 8.27
N ILE D 184 -3.35 -21.60 8.97
CA ILE D 184 -2.26 -20.87 8.34
C ILE D 184 -0.99 -21.70 8.50
N ASP D 185 -0.40 -22.12 7.40
CA ASP D 185 0.82 -22.89 7.42
C ASP D 185 2.01 -21.96 7.27
N GLU D 186 3.04 -22.17 8.09
CA GLU D 186 4.16 -21.24 8.19
C GLU D 186 3.65 -19.87 8.62
N ILE D 187 3.07 -19.85 9.83
CA ILE D 187 2.42 -18.65 10.34
C ILE D 187 3.39 -17.49 10.48
N ASP D 188 4.68 -17.80 10.69
CA ASP D 188 5.68 -16.73 10.81
C ASP D 188 5.94 -16.03 9.49
N ALA D 189 5.46 -16.57 8.37
CA ALA D 189 5.62 -15.90 7.08
C ALA D 189 4.56 -14.83 6.87
N VAL D 190 3.28 -15.25 6.88
CA VAL D 190 2.19 -14.29 6.77
C VAL D 190 2.24 -13.29 7.92
N LEU D 191 2.15 -13.80 9.15
CA LEU D 191 2.34 -12.98 10.33
C LEU D 191 3.83 -12.80 10.55
N GLY D 192 4.22 -12.30 11.70
CA GLY D 192 5.62 -12.04 12.01
C GLY D 192 5.72 -10.84 12.92
N THR D 193 6.83 -10.73 13.63
CA THR D 193 7.07 -9.56 14.47
C THR D 193 7.12 -8.32 13.59
N ARG D 194 6.10 -7.47 13.68
CA ARG D 194 6.02 -6.33 12.79
C ARG D 194 7.09 -5.30 13.10
N ARG D 195 8.15 -5.30 12.30
CA ARG D 195 9.21 -4.32 12.46
C ARG D 195 8.67 -2.92 12.19
N SER D 196 9.44 -1.91 12.63
CA SER D 196 9.05 -0.53 12.40
C SER D 196 9.02 -0.22 10.90
N GLY D 197 10.13 -0.45 10.21
CA GLY D 197 10.20 -0.18 8.79
C GLY D 197 9.74 -1.36 7.95
N GLU D 198 8.56 -1.87 8.23
CA GLU D 198 8.03 -3.00 7.49
C GLU D 198 7.45 -2.53 6.16
N HIS D 199 6.90 -3.48 5.41
CA HIS D 199 6.34 -3.17 4.10
C HIS D 199 5.11 -2.26 4.19
N GLU D 200 4.43 -2.27 5.34
CA GLU D 200 3.26 -1.45 5.69
C GLU D 200 2.02 -1.81 4.87
N ALA D 201 2.16 -2.72 3.92
CA ALA D 201 1.03 -3.38 3.28
C ALA D 201 0.88 -4.82 3.73
N SER D 202 1.94 -5.41 4.28
CA SER D 202 1.89 -6.68 4.98
C SER D 202 1.83 -6.50 6.49
N GLY D 203 2.07 -5.29 6.98
CA GLY D 203 1.94 -4.99 8.39
C GLY D 203 0.57 -4.44 8.70
N MET D 204 -0.04 -3.78 7.71
CA MET D 204 -1.41 -3.32 7.84
C MET D 204 -2.41 -4.46 7.74
N VAL D 205 -2.07 -5.52 7.01
CA VAL D 205 -2.89 -6.73 7.03
C VAL D 205 -2.63 -7.53 8.29
N LYS D 206 -1.44 -7.41 8.87
CA LYS D 206 -1.11 -8.13 10.08
C LYS D 206 -1.91 -7.64 11.28
N ALA D 207 -2.40 -6.39 11.24
CA ALA D 207 -3.28 -5.88 12.27
C ALA D 207 -4.75 -6.21 12.01
N GLU D 208 -5.10 -6.48 10.76
CA GLU D 208 -6.46 -6.90 10.45
C GLU D 208 -6.77 -8.27 11.05
N PHE D 209 -5.79 -9.18 11.00
CA PHE D 209 -5.94 -10.47 11.66
C PHE D 209 -6.19 -10.27 13.14
N MET D 210 -5.44 -9.37 13.77
CA MET D 210 -5.63 -9.15 15.20
C MET D 210 -6.98 -8.51 15.50
N THR D 211 -7.43 -7.60 14.63
CA THR D 211 -8.71 -6.95 14.85
C THR D 211 -9.86 -7.94 14.70
N LEU D 212 -9.84 -8.74 13.63
CA LEU D 212 -10.92 -9.69 13.41
C LEU D 212 -10.86 -10.86 14.37
N TRP D 213 -9.66 -11.20 14.85
CA TRP D 213 -9.47 -12.32 15.76
C TRP D 213 -10.21 -12.12 17.06
N ASP D 214 -9.74 -11.15 17.85
CA ASP D 214 -10.22 -10.89 19.20
C ASP D 214 -10.36 -9.38 19.31
N GLY D 215 -11.51 -8.87 18.89
CA GLY D 215 -11.73 -7.45 18.87
C GLY D 215 -13.10 -7.06 19.38
N LEU D 216 -13.62 -5.95 18.86
CA LEU D 216 -14.92 -5.47 19.32
C LEU D 216 -16.01 -6.48 19.02
N THR D 217 -16.25 -6.75 17.73
CA THR D 217 -17.28 -7.68 17.29
C THR D 217 -16.73 -9.07 17.06
N SER D 218 -16.05 -9.63 18.06
CA SER D 218 -15.51 -10.98 17.98
C SER D 218 -16.27 -11.93 18.91
N THR D 219 -17.47 -11.56 19.30
CA THR D 219 -18.35 -12.41 20.10
C THR D 219 -19.78 -12.17 19.61
N ASN D 220 -20.76 -12.63 20.38
CA ASN D 220 -22.16 -12.43 20.06
C ASN D 220 -22.82 -11.61 21.16
N ALA D 221 -24.04 -11.15 20.89
CA ALA D 221 -24.79 -10.41 21.89
C ALA D 221 -25.05 -11.27 23.13
N SER D 222 -25.25 -12.57 22.93
CA SER D 222 -25.48 -13.48 24.04
C SER D 222 -24.23 -13.72 24.88
N GLY D 223 -23.05 -13.35 24.39
CA GLY D 223 -21.83 -13.49 25.14
C GLY D 223 -20.99 -14.69 24.79
N VAL D 224 -21.43 -15.53 23.86
CA VAL D 224 -20.68 -16.72 23.47
C VAL D 224 -19.62 -16.32 22.45
N PRO D 225 -18.44 -16.92 22.48
CA PRO D 225 -17.40 -16.57 21.52
C PRO D 225 -17.78 -16.94 20.09
N ASN D 226 -16.89 -16.67 19.15
CA ASN D 226 -17.19 -16.86 17.73
C ASN D 226 -16.95 -18.29 17.26
N ARG D 227 -16.42 -19.16 18.14
CA ARG D 227 -16.16 -20.59 17.86
C ARG D 227 -15.45 -20.80 16.53
N ILE D 228 -14.46 -19.95 16.26
CA ILE D 228 -13.57 -20.11 15.11
C ILE D 228 -12.17 -20.31 15.65
N VAL D 229 -11.58 -21.47 15.37
CA VAL D 229 -10.25 -21.81 15.84
C VAL D 229 -9.29 -21.72 14.65
N VAL D 230 -8.22 -20.95 14.83
CA VAL D 230 -7.20 -20.77 13.81
C VAL D 230 -6.00 -21.61 14.21
N LEU D 231 -5.67 -22.62 13.41
CA LEU D 231 -4.52 -23.48 13.64
C LEU D 231 -3.37 -23.00 12.78
N GLY D 232 -2.20 -22.83 13.39
CA GLY D 232 -1.05 -22.38 12.65
C GLY D 232 0.21 -23.13 13.01
N ALA D 233 0.97 -23.57 12.01
CA ALA D 233 2.20 -24.30 12.21
C ALA D 233 3.39 -23.42 11.87
N THR D 234 4.48 -23.61 12.60
CA THR D 234 5.67 -22.78 12.41
C THR D 234 6.88 -23.50 12.98
N ASN D 235 8.03 -23.24 12.36
CA ASN D 235 9.29 -23.79 12.84
C ASN D 235 9.91 -22.95 13.96
N ARG D 236 9.43 -21.72 14.14
CA ARG D 236 10.00 -20.79 15.11
C ARG D 236 8.86 -19.99 15.72
N ILE D 237 8.83 -19.92 17.05
CA ILE D 237 7.77 -19.17 17.73
C ILE D 237 8.26 -17.78 18.16
N ASN D 238 9.55 -17.63 18.43
CA ASN D 238 10.08 -16.33 18.82
C ASN D 238 9.96 -15.31 17.69
N ASP D 239 9.80 -15.76 16.45
CA ASP D 239 9.60 -14.88 15.31
C ASP D 239 8.14 -14.74 14.91
N ILE D 240 7.23 -15.45 15.56
CA ILE D 240 5.83 -15.41 15.18
C ILE D 240 5.26 -14.03 15.43
N ASP D 241 5.19 -13.63 16.69
CA ASP D 241 4.84 -12.26 17.07
C ASP D 241 4.82 -12.23 18.60
N GLU D 242 4.64 -11.05 19.16
CA GLU D 242 4.35 -10.93 20.58
C GLU D 242 2.86 -10.75 20.85
N ALA D 243 2.12 -10.21 19.88
CA ALA D 243 0.69 -10.01 20.02
C ALA D 243 -0.13 -11.14 19.42
N ILE D 244 0.44 -11.92 18.51
CA ILE D 244 -0.27 -13.06 17.95
C ILE D 244 -0.13 -14.27 18.87
N LEU D 245 1.04 -14.44 19.50
CA LEU D 245 1.25 -15.58 20.37
C LEU D 245 0.38 -15.52 21.62
N ARG D 246 -0.12 -14.36 22.00
CA ARG D 246 -1.00 -14.30 23.16
C ARG D 246 -2.41 -14.76 22.84
N ARG D 247 -2.76 -14.80 21.55
CA ARG D 247 -4.06 -15.28 21.10
C ARG D 247 -3.97 -16.64 20.43
N MET D 248 -2.79 -17.26 20.45
CA MET D 248 -2.63 -18.68 20.22
C MET D 248 -2.21 -19.32 21.53
N PRO D 249 -3.13 -19.41 22.50
CA PRO D 249 -2.74 -19.86 23.83
C PRO D 249 -2.36 -21.33 23.87
N LYS D 250 -2.99 -22.17 23.05
CA LYS D 250 -2.60 -23.57 22.95
C LYS D 250 -1.39 -23.68 22.04
N GLN D 251 -0.24 -23.97 22.62
CA GLN D 251 1.01 -24.04 21.88
C GLN D 251 1.64 -25.40 22.15
N PHE D 252 1.63 -26.27 21.14
CA PHE D 252 2.12 -27.63 21.28
C PHE D 252 3.42 -27.79 20.52
N PRO D 253 4.51 -28.15 21.20
CA PRO D 253 5.77 -28.42 20.48
C PRO D 253 5.78 -29.81 19.88
N VAL D 254 6.23 -29.94 18.65
CA VAL D 254 6.32 -31.23 17.98
C VAL D 254 7.79 -31.64 17.94
N PRO D 255 8.33 -32.24 18.99
CA PRO D 255 9.76 -32.49 19.06
C PRO D 255 10.20 -33.59 18.11
N LEU D 256 11.51 -33.70 17.96
CA LEU D 256 12.08 -34.79 17.17
C LEU D 256 11.70 -36.13 17.83
N PRO D 257 11.43 -37.16 17.04
CA PRO D 257 10.99 -38.43 17.63
C PRO D 257 12.12 -39.11 18.42
N GLY D 258 11.75 -39.60 19.60
CA GLY D 258 12.68 -40.35 20.43
C GLY D 258 12.81 -41.78 19.95
N LEU D 259 12.84 -42.74 20.89
CA LEU D 259 12.92 -44.13 20.49
C LEU D 259 11.54 -44.71 20.18
N GLU D 260 10.60 -44.56 21.12
CA GLU D 260 9.27 -45.12 20.92
C GLU D 260 8.53 -44.41 19.79
N GLN D 261 8.59 -43.07 19.76
CA GLN D 261 7.95 -42.33 18.68
C GLN D 261 8.54 -42.72 17.34
N ARG D 262 9.85 -42.91 17.28
CA ARG D 262 10.48 -43.30 16.02
C ARG D 262 10.08 -44.71 15.62
N ARG D 263 9.96 -45.62 16.59
CA ARG D 263 9.53 -46.97 16.26
C ARG D 263 8.11 -46.98 15.74
N ARG D 264 7.23 -46.19 16.34
CA ARG D 264 5.86 -46.12 15.83
C ARG D 264 5.82 -45.47 14.45
N ILE D 265 6.65 -44.45 14.21
CA ILE D 265 6.70 -43.86 12.89
C ILE D 265 7.17 -44.87 11.85
N LEU D 266 8.16 -45.70 12.21
CA LEU D 266 8.59 -46.77 11.31
C LEU D 266 7.46 -47.75 11.05
N GLU D 267 6.77 -48.19 12.11
CA GLU D 267 5.68 -49.14 11.94
C GLU D 267 4.53 -48.58 11.13
N LEU D 268 4.35 -47.26 11.10
CA LEU D 268 3.33 -46.65 10.25
C LEU D 268 3.80 -46.42 8.82
N VAL D 269 5.09 -46.11 8.62
CA VAL D 269 5.57 -45.87 7.28
C VAL D 269 5.62 -47.17 6.48
N LEU D 270 5.88 -48.29 7.16
CA LEU D 270 5.96 -49.59 6.50
C LEU D 270 4.64 -50.35 6.65
N ARG D 271 3.61 -49.85 5.97
CA ARG D 271 2.32 -50.54 5.93
C ARG D 271 2.07 -51.22 4.61
N GLY D 272 2.61 -50.69 3.52
CA GLY D 272 2.48 -51.32 2.22
C GLY D 272 3.60 -52.32 1.93
N THR D 273 4.81 -51.99 2.38
CA THR D 273 5.95 -52.84 2.13
C THR D 273 5.80 -54.18 2.84
N LYS D 274 6.30 -55.24 2.21
CA LYS D 274 6.16 -56.59 2.73
C LYS D 274 7.45 -56.97 3.46
N ARG D 275 7.32 -57.26 4.75
CA ARG D 275 8.47 -57.69 5.54
C ARG D 275 9.02 -59.02 5.04
N ASP D 276 10.33 -59.13 5.01
CA ASP D 276 10.96 -60.45 4.96
C ASP D 276 11.12 -60.98 6.37
N PRO D 277 10.96 -62.29 6.57
CA PRO D 277 11.04 -62.86 7.93
C PRO D 277 12.40 -62.71 8.59
N ASP D 278 13.43 -62.27 7.87
CA ASP D 278 14.77 -62.22 8.44
C ASP D 278 14.96 -61.01 9.34
N PHE D 279 14.80 -59.81 8.79
CA PHE D 279 15.22 -58.61 9.49
C PHE D 279 14.30 -58.30 10.65
N ASP D 280 14.61 -57.19 11.33
CA ASP D 280 13.83 -56.69 12.44
C ASP D 280 13.61 -55.18 12.29
N LEU D 281 12.89 -54.62 13.25
CA LEU D 281 12.60 -53.18 13.26
C LEU D 281 13.36 -52.43 14.34
N ASP D 282 13.79 -53.14 15.40
CA ASP D 282 14.42 -52.47 16.54
C ASP D 282 15.73 -51.81 16.15
N TYR D 283 16.56 -52.50 15.36
CA TYR D 283 17.86 -51.93 15.02
C TYR D 283 17.71 -50.72 14.11
N ILE D 284 16.73 -50.75 13.20
CA ILE D 284 16.49 -49.58 12.36
C ILE D 284 15.96 -48.43 13.19
N ALA D 285 15.07 -48.71 14.15
CA ALA D 285 14.57 -47.66 15.03
C ALA D 285 15.66 -47.09 15.93
N ARG D 286 16.69 -47.88 16.22
CA ARG D 286 17.77 -47.44 17.09
C ARG D 286 18.90 -46.73 16.36
N VAL D 287 19.20 -47.10 15.12
CA VAL D 287 20.28 -46.46 14.38
C VAL D 287 19.94 -45.00 14.11
N THR D 288 18.85 -44.76 13.39
CA THR D 288 18.40 -43.40 13.10
C THR D 288 18.03 -42.68 14.39
N ALA D 289 18.73 -41.60 14.71
CA ALA D 289 18.48 -40.85 15.93
C ALA D 289 18.01 -39.43 15.65
N GLY D 290 18.77 -38.65 14.88
CA GLY D 290 18.40 -37.27 14.62
C GLY D 290 17.38 -37.09 13.53
N MET D 291 17.04 -38.15 12.81
CA MET D 291 16.08 -38.04 11.72
C MET D 291 14.71 -37.67 12.25
N SER D 292 14.06 -36.74 11.56
CA SER D 292 12.68 -36.36 11.88
C SER D 292 11.71 -37.37 11.29
N GLY D 293 10.42 -37.04 11.27
CA GLY D 293 9.46 -37.94 10.66
C GLY D 293 9.68 -38.10 9.17
N SER D 294 9.90 -36.99 8.47
CA SER D 294 10.07 -37.05 7.01
C SER D 294 11.40 -37.67 6.61
N ASP D 295 12.44 -37.53 7.44
CA ASP D 295 13.68 -38.22 7.14
C ASP D 295 13.50 -39.72 7.23
N ILE D 296 12.79 -40.20 8.25
CA ILE D 296 12.45 -41.61 8.32
C ILE D 296 11.58 -42.01 7.15
N LYS D 297 10.69 -41.11 6.70
CA LYS D 297 9.84 -41.40 5.56
C LYS D 297 10.68 -41.64 4.31
N GLU D 298 11.66 -40.77 4.05
CA GLU D 298 12.48 -40.91 2.85
C GLU D 298 13.40 -42.12 2.96
N THR D 299 13.91 -42.39 4.17
CA THR D 299 14.73 -43.59 4.35
C THR D 299 13.93 -44.85 4.06
N CYS D 300 12.68 -44.91 4.55
CA CYS D 300 11.85 -46.07 4.26
C CYS D 300 11.46 -46.12 2.78
N ARG D 301 11.31 -44.96 2.14
CA ARG D 301 11.06 -44.94 0.71
C ARG D 301 12.22 -45.58 -0.05
N ASP D 302 13.45 -45.24 0.34
CA ASP D 302 14.62 -45.85 -0.30
C ASP D 302 14.68 -47.34 -0.01
N ALA D 303 14.41 -47.74 1.23
CA ALA D 303 14.42 -49.16 1.57
C ALA D 303 13.36 -49.94 0.80
N ALA D 304 12.24 -49.29 0.46
CA ALA D 304 11.20 -49.96 -0.31
C ALA D 304 11.52 -49.99 -1.79
N MET D 305 12.12 -48.92 -2.31
CA MET D 305 12.52 -48.89 -3.72
C MET D 305 13.68 -49.81 -4.00
N ALA D 306 14.47 -50.17 -3.00
CA ALA D 306 15.59 -51.08 -3.22
C ALA D 306 15.19 -52.42 -3.80
N PRO D 307 14.20 -53.15 -3.24
CA PRO D 307 13.83 -54.45 -3.83
C PRO D 307 13.33 -54.36 -5.26
N MET D 308 12.43 -53.42 -5.52
CA MET D 308 11.93 -53.24 -6.88
C MET D 308 13.04 -52.74 -7.80
N ARG D 309 13.95 -51.93 -7.27
CA ARG D 309 15.14 -51.54 -8.02
C ARG D 309 15.91 -52.76 -8.49
N GLU D 310 16.23 -53.68 -7.57
CA GLU D 310 16.96 -54.88 -7.95
C GLU D 310 16.17 -55.73 -8.92
N TYR D 311 14.85 -55.82 -8.73
CA TYR D 311 14.02 -56.63 -9.60
C TYR D 311 14.07 -56.13 -11.04
N ILE D 312 13.85 -54.83 -11.24
CA ILE D 312 13.91 -54.27 -12.60
C ILE D 312 15.34 -54.30 -13.13
N ARG D 313 16.33 -54.18 -12.24
CA ARG D 313 17.71 -54.19 -12.71
C ARG D 313 18.14 -55.56 -13.20
N GLN D 314 17.54 -56.63 -12.69
CA GLN D 314 17.79 -57.99 -13.18
C GLN D 314 16.72 -58.45 -14.16
N HIS D 315 16.03 -57.51 -14.81
CA HIS D 315 14.87 -57.84 -15.62
C HIS D 315 14.84 -57.10 -16.95
N ARG D 316 15.93 -56.46 -17.36
CA ARG D 316 15.90 -55.69 -18.60
C ARG D 316 15.69 -56.59 -19.81
N ALA D 317 16.52 -57.63 -19.97
CA ALA D 317 16.27 -58.66 -20.97
C ALA D 317 15.64 -59.89 -20.31
N SER D 318 14.50 -59.65 -19.67
CA SER D 318 13.79 -60.68 -18.91
C SER D 318 12.30 -60.67 -19.27
N GLY D 319 12.02 -60.63 -20.57
CA GLY D 319 10.65 -60.56 -21.04
C GLY D 319 10.13 -59.14 -21.03
N LYS D 320 8.83 -58.97 -20.79
CA LYS D 320 8.22 -57.65 -20.75
C LYS D 320 7.81 -57.33 -19.31
N PRO D 321 8.37 -56.28 -18.69
CA PRO D 321 7.96 -55.96 -17.33
C PRO D 321 6.56 -55.37 -17.27
N LEU D 322 5.60 -56.16 -16.82
CA LEU D 322 4.21 -55.73 -16.71
C LEU D 322 3.64 -55.83 -15.31
N SER D 323 3.95 -56.90 -14.59
CA SER D 323 3.50 -57.06 -13.21
C SER D 323 4.12 -58.29 -12.58
N GLU D 324 4.41 -58.22 -11.28
CA GLU D 324 4.97 -59.35 -10.55
C GLU D 324 5.09 -58.94 -9.09
N ILE D 325 5.05 -59.93 -8.21
CA ILE D 325 5.20 -59.72 -6.77
C ILE D 325 6.31 -60.65 -6.29
N ASN D 326 7.54 -60.17 -6.29
CA ASN D 326 8.68 -60.89 -5.71
C ASN D 326 9.64 -59.90 -5.07
N PRO D 327 9.21 -59.22 -4.00
CA PRO D 327 10.15 -58.34 -3.28
C PRO D 327 10.91 -59.09 -2.20
N ASP D 328 11.88 -58.45 -1.58
CA ASP D 328 12.56 -59.00 -0.42
C ASP D 328 12.49 -58.08 0.79
N ASP D 329 12.65 -56.77 0.59
CA ASP D 329 12.67 -55.80 1.69
C ASP D 329 13.77 -56.13 2.69
N VAL D 330 14.90 -56.63 2.18
CA VAL D 330 16.04 -56.98 3.01
C VAL D 330 16.59 -55.67 3.57
N ARG D 331 17.43 -55.76 4.61
CA ARG D 331 17.89 -54.57 5.32
C ARG D 331 18.69 -53.64 4.43
N GLY D 332 18.10 -52.51 4.05
CA GLY D 332 18.78 -51.49 3.30
C GLY D 332 18.92 -50.23 4.13
N ILE D 333 20.16 -49.80 4.32
CA ILE D 333 20.45 -48.62 5.11
C ILE D 333 19.95 -47.36 4.42
N ASP E 58 -2.26 -26.48 -21.78
CA ASP E 58 -3.03 -26.54 -23.02
C ASP E 58 -4.52 -26.74 -22.74
N LEU E 59 -5.00 -26.14 -21.66
CA LEU E 59 -6.40 -26.22 -21.27
C LEU E 59 -6.78 -24.93 -20.56
N VAL E 60 -7.93 -24.95 -19.86
CA VAL E 60 -8.38 -23.76 -19.15
C VAL E 60 -7.39 -23.43 -18.04
N LEU E 61 -7.20 -22.13 -17.80
CA LEU E 61 -6.24 -21.67 -16.81
C LEU E 61 -6.39 -20.18 -16.62
N ASN E 62 -6.11 -19.72 -15.40
CA ASN E 62 -6.19 -18.31 -15.08
C ASN E 62 -4.98 -17.56 -15.64
N GLU E 63 -4.95 -16.26 -15.39
CA GLU E 63 -3.88 -15.42 -15.94
C GLU E 63 -2.51 -15.76 -15.38
N TYR E 64 -2.43 -16.23 -14.13
CA TYR E 64 -1.13 -16.59 -13.58
C TYR E 64 -0.62 -17.91 -14.16
N GLU E 65 -1.50 -18.89 -14.34
CA GLU E 65 -1.10 -20.10 -15.03
C GLU E 65 -0.75 -19.83 -16.48
N ASN E 66 -1.34 -18.78 -17.07
CA ASN E 66 -0.93 -18.38 -18.41
C ASN E 66 0.45 -17.74 -18.38
N GLN E 67 0.72 -16.91 -17.39
CA GLN E 67 2.04 -16.31 -17.23
C GLN E 67 3.11 -17.38 -17.06
N VAL E 68 2.79 -18.44 -16.32
CA VAL E 68 3.73 -19.53 -16.15
C VAL E 68 3.75 -20.49 -17.34
N ALA E 69 2.72 -20.47 -18.19
CA ALA E 69 2.68 -21.35 -19.34
C ALA E 69 3.72 -20.99 -20.39
N LEU E 70 4.25 -19.77 -20.37
CA LEU E 70 5.29 -19.38 -21.31
C LEU E 70 6.63 -20.06 -21.02
N GLU E 71 6.78 -20.66 -19.83
CA GLU E 71 7.98 -21.41 -19.49
C GLU E 71 7.79 -22.91 -19.58
N VAL E 72 6.55 -23.39 -19.46
CA VAL E 72 6.30 -24.82 -19.54
C VAL E 72 6.54 -25.31 -20.95
N VAL E 73 7.15 -26.49 -21.07
CA VAL E 73 7.39 -27.12 -22.35
C VAL E 73 6.91 -28.57 -22.26
N ALA E 74 6.55 -29.11 -23.41
CA ALA E 74 6.12 -30.50 -23.50
C ALA E 74 7.33 -31.41 -23.43
N PRO E 75 7.12 -32.72 -23.21
CA PRO E 75 8.25 -33.65 -23.15
C PRO E 75 8.93 -33.83 -24.49
N GLU E 76 8.14 -34.09 -25.55
CA GLU E 76 8.72 -34.39 -26.86
C GLU E 76 9.44 -33.19 -27.45
N ASP E 77 9.00 -31.97 -27.15
CA ASP E 77 9.65 -30.79 -27.69
C ASP E 77 11.05 -30.61 -27.13
N ILE E 78 11.35 -31.20 -25.97
CA ILE E 78 12.68 -31.14 -25.37
C ILE E 78 13.68 -31.80 -26.30
N PRO E 79 14.94 -31.35 -26.30
CA PRO E 79 15.97 -32.05 -27.08
C PRO E 79 16.26 -33.43 -26.54
N VAL E 80 17.24 -34.12 -27.14
CA VAL E 80 17.57 -35.48 -26.74
C VAL E 80 17.94 -35.54 -25.25
N GLY E 81 17.60 -36.65 -24.62
CA GLY E 81 17.85 -36.83 -23.21
C GLY E 81 19.24 -37.34 -22.90
N PHE E 82 19.33 -38.47 -22.20
CA PHE E 82 20.64 -39.01 -21.83
C PHE E 82 21.46 -39.39 -23.07
N ASN E 83 20.79 -39.66 -24.19
CA ASN E 83 21.52 -39.87 -25.44
C ASN E 83 22.20 -38.60 -25.92
N ASP E 84 21.76 -37.44 -25.44
CA ASP E 84 22.35 -36.16 -25.81
C ASP E 84 23.56 -35.81 -24.95
N ILE E 85 23.69 -36.41 -23.76
CA ILE E 85 24.75 -36.08 -22.83
C ILE E 85 25.55 -37.35 -22.53
N GLY E 86 26.63 -37.17 -21.78
CA GLY E 86 27.47 -38.28 -21.39
C GLY E 86 28.42 -37.85 -20.28
N GLY E 87 29.37 -38.73 -19.99
CA GLY E 87 30.40 -38.46 -19.00
C GLY E 87 30.08 -38.89 -17.59
N LEU E 88 28.98 -39.60 -17.37
CA LEU E 88 28.60 -40.07 -16.04
C LEU E 88 27.70 -41.28 -16.19
N ASP E 89 27.88 -42.27 -15.32
CA ASP E 89 27.07 -43.49 -15.37
C ASP E 89 26.39 -43.81 -14.05
N ASP E 90 27.07 -43.57 -12.92
CA ASP E 90 26.46 -43.85 -11.63
C ASP E 90 25.31 -42.88 -11.37
N ILE E 91 25.54 -41.59 -11.57
CA ILE E 91 24.52 -40.59 -11.29
C ILE E 91 23.32 -40.77 -12.20
N ILE E 92 23.57 -40.99 -13.50
CA ILE E 92 22.48 -41.19 -14.45
C ILE E 92 21.70 -42.45 -14.11
N GLU E 93 22.41 -43.54 -13.80
CA GLU E 93 21.73 -44.80 -13.48
C GLU E 93 20.84 -44.64 -12.25
N GLU E 94 21.38 -44.05 -11.18
CA GLU E 94 20.60 -43.90 -9.95
C GLU E 94 19.41 -42.99 -10.16
N LEU E 95 19.62 -41.82 -10.77
CA LEU E 95 18.52 -40.90 -11.00
C LEU E 95 17.46 -41.52 -11.89
N LYS E 96 17.87 -42.24 -12.93
CA LYS E 96 16.93 -42.89 -13.83
C LYS E 96 16.08 -43.90 -13.08
N GLU E 97 16.73 -44.86 -12.42
CA GLU E 97 15.98 -45.91 -11.74
C GLU E 97 15.22 -45.41 -10.52
N THR E 98 15.47 -44.18 -10.04
CA THR E 98 14.71 -43.64 -8.93
C THR E 98 13.63 -42.66 -9.33
N ILE E 99 13.65 -42.11 -10.55
CA ILE E 99 12.67 -41.13 -10.99
C ILE E 99 11.86 -41.62 -12.19
N ILE E 100 12.55 -42.03 -13.26
CA ILE E 100 11.83 -42.35 -14.49
C ILE E 100 10.99 -43.60 -14.32
N TYR E 101 11.46 -44.55 -13.51
CA TYR E 101 10.68 -45.76 -13.24
C TYR E 101 9.45 -45.45 -12.40
N PRO E 102 9.56 -44.64 -11.34
CA PRO E 102 8.35 -44.23 -10.62
C PRO E 102 7.42 -43.30 -11.39
N LEU E 103 7.81 -42.84 -12.58
CA LEU E 103 6.94 -42.05 -13.44
C LEU E 103 6.48 -42.84 -14.65
N THR E 104 7.42 -43.41 -15.42
CA THR E 104 7.06 -44.28 -16.52
C THR E 104 6.77 -45.67 -15.98
N MET E 105 5.64 -46.23 -16.39
CA MET E 105 5.17 -47.52 -15.90
C MET E 105 4.90 -47.45 -14.40
N PRO E 106 3.96 -46.62 -13.94
CA PRO E 106 3.63 -46.60 -12.52
C PRO E 106 2.85 -47.82 -12.07
N HIS E 107 2.30 -48.60 -13.00
CA HIS E 107 1.54 -49.78 -12.64
C HIS E 107 2.40 -50.82 -11.92
N LEU E 108 3.71 -50.82 -12.18
CA LEU E 108 4.60 -51.73 -11.47
C LEU E 108 4.73 -51.38 -10.00
N TYR E 109 4.36 -50.17 -9.60
CA TYR E 109 4.49 -49.71 -8.23
C TYR E 109 3.15 -49.53 -7.53
N LYS E 110 2.04 -49.83 -8.20
CA LYS E 110 0.72 -49.65 -7.58
C LYS E 110 0.52 -50.52 -6.36
N HIS E 111 1.21 -51.66 -6.27
CA HIS E 111 1.12 -52.50 -5.08
C HIS E 111 2.01 -52.00 -3.96
N GLY E 112 2.88 -51.02 -4.23
CA GLY E 112 3.77 -50.53 -3.19
C GLY E 112 3.04 -49.86 -2.06
N GLY E 113 2.02 -49.07 -2.38
CA GLY E 113 1.21 -48.41 -1.38
C GLY E 113 1.56 -46.96 -1.12
N ALA E 114 1.97 -46.21 -2.15
CA ALA E 114 2.23 -44.77 -2.05
C ALA E 114 3.52 -44.46 -1.31
N LEU E 115 4.19 -45.47 -0.77
CA LEU E 115 5.49 -45.25 -0.14
C LEU E 115 6.60 -45.30 -1.17
N LEU E 116 6.68 -46.39 -1.93
CA LEU E 116 7.69 -46.56 -2.97
C LEU E 116 7.21 -45.88 -4.26
N ALA E 117 6.97 -44.58 -4.14
CA ALA E 117 6.61 -43.72 -5.26
C ALA E 117 7.81 -42.87 -5.65
N ALA E 118 7.60 -41.99 -6.62
CA ALA E 118 8.68 -41.14 -7.09
C ALA E 118 9.07 -40.15 -6.00
N PRO E 119 10.34 -39.79 -5.88
CA PRO E 119 10.74 -38.79 -4.89
C PRO E 119 10.13 -37.44 -5.22
N SER E 120 9.97 -36.63 -4.18
CA SER E 120 9.31 -35.34 -4.30
C SER E 120 10.24 -34.23 -4.78
N GLY E 121 11.55 -34.49 -4.83
CA GLY E 121 12.49 -33.50 -5.28
C GLY E 121 13.92 -33.92 -5.03
N VAL E 122 14.80 -33.67 -5.99
CA VAL E 122 16.20 -34.08 -5.89
C VAL E 122 17.07 -32.86 -6.15
N LEU E 123 17.97 -32.58 -5.22
CA LEU E 123 18.89 -31.47 -5.35
C LEU E 123 20.15 -31.91 -6.11
N LEU E 124 20.90 -30.93 -6.59
CA LEU E 124 22.15 -31.21 -7.31
C LEU E 124 23.21 -30.23 -6.83
N TYR E 125 24.34 -30.77 -6.35
CA TYR E 125 25.43 -29.93 -5.90
C TYR E 125 25.93 -29.03 -7.02
N GLY E 126 26.29 -29.63 -8.15
CA GLY E 126 26.43 -28.93 -9.40
C GLY E 126 27.45 -27.80 -9.43
N PRO E 127 28.73 -28.13 -9.38
CA PRO E 127 29.76 -27.17 -9.77
C PRO E 127 29.49 -26.67 -11.19
N PRO E 128 29.50 -25.35 -11.40
CA PRO E 128 28.86 -24.78 -12.60
C PRO E 128 29.43 -25.27 -13.92
N GLY E 129 28.63 -26.05 -14.65
CA GLY E 129 28.90 -26.37 -16.03
C GLY E 129 27.61 -26.48 -16.83
N CYS E 130 27.45 -25.66 -17.86
CA CYS E 130 26.23 -25.60 -18.66
C CYS E 130 25.00 -25.42 -17.78
N GLY E 131 24.97 -24.30 -17.07
CA GLY E 131 23.96 -24.10 -16.05
C GLY E 131 24.15 -24.97 -14.82
N LYS E 132 25.34 -25.56 -14.68
CA LYS E 132 25.73 -26.43 -13.56
C LYS E 132 25.10 -27.81 -13.62
N THR E 133 24.15 -28.00 -14.54
CA THR E 133 23.41 -29.23 -14.79
C THR E 133 22.59 -29.03 -16.06
N MET E 134 22.33 -30.14 -16.75
CA MET E 134 21.32 -30.19 -17.80
C MET E 134 20.52 -31.48 -17.75
N LEU E 135 20.58 -32.21 -16.63
CA LEU E 135 19.92 -33.49 -16.53
C LEU E 135 18.40 -33.37 -16.55
N ALA E 136 17.87 -32.20 -16.19
CA ALA E 136 16.43 -32.02 -16.15
C ALA E 136 15.81 -32.22 -17.52
N LYS E 137 16.51 -31.77 -18.57
CA LYS E 137 16.02 -31.96 -19.93
C LYS E 137 15.85 -33.44 -20.25
N ALA E 138 16.88 -34.25 -19.95
CA ALA E 138 16.80 -35.68 -20.21
C ALA E 138 15.73 -36.34 -19.36
N VAL E 139 15.62 -35.94 -18.09
CA VAL E 139 14.64 -36.54 -17.19
C VAL E 139 13.23 -36.28 -17.68
N ALA E 140 12.98 -35.06 -18.16
CA ALA E 140 11.64 -34.75 -18.68
C ALA E 140 11.41 -35.40 -20.04
N HIS E 141 12.46 -35.54 -20.85
CA HIS E 141 12.30 -36.12 -22.18
C HIS E 141 11.97 -37.61 -22.10
N GLU E 142 12.84 -38.38 -21.44
CA GLU E 142 12.65 -39.82 -21.42
C GLU E 142 11.44 -40.22 -20.58
N SER E 143 11.20 -39.54 -19.47
CA SER E 143 10.07 -39.83 -18.61
C SER E 143 8.76 -39.25 -19.14
N GLY E 144 8.81 -38.46 -20.21
CA GLY E 144 7.62 -37.77 -20.70
C GLY E 144 7.01 -36.93 -19.62
N ALA E 145 7.83 -36.14 -18.94
CA ALA E 145 7.45 -35.53 -17.68
C ALA E 145 6.80 -34.16 -17.84
N SER E 146 6.73 -33.61 -19.04
CA SER E 146 6.15 -32.28 -19.25
C SER E 146 6.90 -31.23 -18.43
N PHE E 147 8.18 -31.06 -18.80
CA PHE E 147 9.10 -30.17 -18.10
C PHE E 147 8.59 -28.75 -18.02
N ILE E 148 8.29 -28.28 -16.81
CA ILE E 148 7.91 -26.88 -16.59
C ILE E 148 9.12 -26.18 -15.99
N ASN E 149 9.57 -25.11 -16.64
CA ASN E 149 10.77 -24.43 -16.20
C ASN E 149 10.42 -23.24 -15.31
N LEU E 150 11.39 -22.82 -14.51
CA LEU E 150 11.19 -21.70 -13.60
C LEU E 150 12.52 -21.00 -13.38
N HIS E 151 12.53 -19.68 -13.56
CA HIS E 151 13.73 -18.88 -13.42
C HIS E 151 13.54 -17.84 -12.33
N ILE E 152 14.65 -17.33 -11.82
CA ILE E 152 14.58 -16.23 -10.86
C ILE E 152 14.03 -14.98 -11.54
N SER E 153 14.30 -14.81 -12.83
CA SER E 153 13.78 -13.67 -13.56
C SER E 153 12.25 -13.72 -13.64
N THR E 154 11.70 -14.89 -13.93
CA THR E 154 10.26 -15.10 -13.92
C THR E 154 9.73 -15.41 -12.52
N LEU E 155 10.55 -15.24 -11.49
CA LEU E 155 10.15 -15.44 -10.11
C LEU E 155 10.13 -14.16 -9.30
N THR E 156 10.87 -13.14 -9.70
CA THR E 156 10.84 -11.86 -9.00
C THR E 156 9.47 -11.21 -9.15
N GLU E 157 9.29 -10.08 -8.47
CA GLU E 157 7.98 -9.46 -8.37
C GLU E 157 8.10 -7.95 -8.47
N LYS E 158 7.14 -7.34 -9.16
CA LYS E 158 6.99 -5.89 -9.16
C LYS E 158 5.71 -5.43 -8.48
N TRP E 159 4.78 -6.34 -8.21
CA TRP E 159 3.57 -6.04 -7.45
C TRP E 159 3.59 -6.85 -6.17
N TYR E 160 2.94 -6.32 -5.13
CA TYR E 160 2.87 -7.03 -3.86
C TYR E 160 2.09 -8.33 -4.03
N GLY E 161 2.60 -9.39 -3.42
CA GLY E 161 1.95 -10.69 -3.50
C GLY E 161 1.86 -11.23 -4.91
N ASP E 162 2.93 -11.07 -5.69
CA ASP E 162 2.96 -11.58 -7.06
C ASP E 162 3.79 -12.84 -7.21
N SER E 163 4.92 -12.95 -6.50
CA SER E 163 5.70 -14.17 -6.55
C SER E 163 4.94 -15.34 -5.94
N ASN E 164 4.18 -15.10 -4.88
CA ASN E 164 3.37 -16.15 -4.29
C ASN E 164 2.30 -16.63 -5.26
N LYS E 165 1.69 -15.70 -5.99
CA LYS E 165 0.72 -16.07 -7.02
C LYS E 165 1.39 -16.93 -8.09
N ILE E 166 2.62 -16.59 -8.47
CA ILE E 166 3.31 -17.37 -9.50
C ILE E 166 3.63 -18.77 -8.98
N VAL E 167 4.04 -18.89 -7.71
CA VAL E 167 4.36 -20.20 -7.16
C VAL E 167 3.11 -21.06 -7.08
N ARG E 168 2.00 -20.48 -6.61
CA ARG E 168 0.77 -21.27 -6.57
C ARG E 168 0.29 -21.63 -7.96
N ALA E 169 0.49 -20.74 -8.94
CA ALA E 169 0.10 -21.06 -10.31
C ALA E 169 0.95 -22.20 -10.87
N VAL E 170 2.25 -22.18 -10.60
CA VAL E 170 3.12 -23.22 -11.16
C VAL E 170 2.81 -24.57 -10.50
N PHE E 171 2.53 -24.58 -9.20
CA PHE E 171 2.19 -25.84 -8.56
C PHE E 171 0.78 -26.32 -8.90
N SER E 172 -0.11 -25.36 -9.01
CA SER E 172 -1.44 -25.65 -9.46
C SER E 172 -1.30 -26.05 -10.90
N LEU E 173 -0.46 -25.35 -11.63
CA LEU E 173 -0.26 -25.63 -13.04
C LEU E 173 0.27 -27.00 -13.24
N ALA E 174 1.26 -27.40 -12.45
CA ALA E 174 1.86 -28.72 -12.59
C ALA E 174 0.85 -29.81 -12.30
N LYS E 175 -0.03 -29.60 -11.34
CA LYS E 175 -1.03 -30.60 -11.06
C LYS E 175 -1.94 -30.87 -12.24
N LYS E 176 -2.31 -29.87 -13.05
CA LYS E 176 -3.12 -30.16 -14.24
C LYS E 176 -2.25 -31.07 -15.09
N LEU E 177 -1.00 -30.69 -15.24
CA LEU E 177 0.01 -31.58 -15.81
C LEU E 177 0.56 -32.51 -14.73
N GLN E 178 -0.17 -33.60 -14.50
CA GLN E 178 0.05 -34.50 -13.36
C GLN E 178 1.49 -34.97 -13.28
N PRO E 179 2.08 -35.51 -14.37
CA PRO E 179 3.52 -35.72 -14.36
C PRO E 179 4.25 -34.43 -14.71
N SER E 180 5.20 -34.00 -13.88
CA SER E 180 5.81 -32.70 -14.11
C SER E 180 7.14 -32.62 -13.37
N ILE E 181 8.02 -31.80 -13.92
CA ILE E 181 9.37 -31.59 -13.38
C ILE E 181 9.56 -30.08 -13.24
N ILE E 182 9.23 -29.56 -12.06
CA ILE E 182 9.65 -28.20 -11.74
C ILE E 182 11.17 -28.17 -11.72
N PHE E 183 11.76 -27.07 -12.16
CA PHE E 183 13.21 -26.98 -12.24
C PHE E 183 13.65 -25.61 -11.73
N ILE E 184 14.33 -25.61 -10.60
CA ILE E 184 14.85 -24.37 -10.00
C ILE E 184 16.33 -24.32 -10.35
N ASP E 185 16.66 -23.69 -11.48
CA ASP E 185 18.05 -23.52 -11.85
C ASP E 185 18.72 -22.56 -10.88
N GLU E 186 19.81 -22.99 -10.27
CA GLU E 186 20.51 -22.21 -9.25
C GLU E 186 19.55 -21.90 -8.09
N ILE E 187 19.20 -22.96 -7.37
CA ILE E 187 18.14 -22.85 -6.37
C ILE E 187 18.70 -22.17 -5.12
N ASP E 188 18.62 -20.84 -5.11
CA ASP E 188 18.95 -20.03 -3.96
C ASP E 188 17.91 -18.96 -3.70
N ALA E 189 16.97 -18.75 -4.62
CA ALA E 189 15.86 -17.85 -4.38
C ALA E 189 14.87 -18.43 -3.37
N VAL E 190 14.92 -19.75 -3.14
CA VAL E 190 14.07 -20.38 -2.14
C VAL E 190 14.63 -20.19 -0.74
N LEU E 191 15.93 -20.41 -0.57
CA LEU E 191 16.55 -20.33 0.75
C LEU E 191 16.56 -18.89 1.24
N GLY E 192 17.09 -18.71 2.45
CA GLY E 192 17.17 -17.39 3.05
C GLY E 192 17.87 -17.40 4.40
N GLU E 200 12.07 -7.85 2.55
CA GLU E 200 11.92 -9.15 3.21
C GLU E 200 10.71 -9.91 2.68
N ALA E 201 10.55 -9.90 1.35
CA ALA E 201 9.48 -10.63 0.69
C ALA E 201 9.91 -12.01 0.21
N SER E 202 11.21 -12.31 0.23
CA SER E 202 11.66 -13.63 -0.19
C SER E 202 11.30 -14.70 0.85
N GLY E 203 11.20 -14.32 2.12
CA GLY E 203 10.76 -15.27 3.13
C GLY E 203 9.33 -15.75 2.88
N MET E 204 8.49 -14.85 2.37
CA MET E 204 7.11 -15.24 2.09
C MET E 204 7.04 -16.23 0.93
N VAL E 205 7.84 -16.01 -0.12
CA VAL E 205 7.84 -16.96 -1.23
C VAL E 205 8.49 -18.26 -0.81
N LYS E 206 9.46 -18.22 0.10
CA LYS E 206 10.03 -19.44 0.64
C LYS E 206 8.98 -20.26 1.38
N ALA E 207 8.24 -19.61 2.28
CA ALA E 207 7.18 -20.31 3.00
C ALA E 207 6.11 -20.81 2.05
N GLU E 208 5.80 -20.04 1.01
CA GLU E 208 4.82 -20.48 0.02
C GLU E 208 5.30 -21.73 -0.72
N PHE E 209 6.57 -21.75 -1.11
CA PHE E 209 7.12 -22.92 -1.79
C PHE E 209 7.09 -24.14 -0.87
N MET E 210 7.44 -23.94 0.40
CA MET E 210 7.43 -25.05 1.36
C MET E 210 6.02 -25.58 1.55
N THR E 211 5.03 -24.69 1.63
CA THR E 211 3.65 -25.11 1.84
C THR E 211 3.10 -25.82 0.60
N LEU E 212 3.38 -25.28 -0.59
CA LEU E 212 2.92 -25.93 -1.81
C LEU E 212 3.61 -27.26 -2.03
N TRP E 213 4.81 -27.43 -1.46
CA TRP E 213 5.55 -28.68 -1.58
C TRP E 213 4.75 -29.85 -0.99
N ASP E 214 4.55 -29.82 0.33
CA ASP E 214 3.80 -30.87 1.02
C ASP E 214 2.94 -30.30 2.14
N GLY E 215 2.47 -29.07 2.00
CA GLY E 215 1.77 -28.40 3.08
C GLY E 215 0.36 -28.88 3.32
N LEU E 216 -0.18 -29.72 2.44
CA LEU E 216 -1.52 -30.26 2.62
C LEU E 216 -1.81 -31.29 1.54
N ASN E 226 0.66 -38.21 -6.32
CA ASN E 226 1.14 -36.91 -6.80
C ASN E 226 2.51 -37.06 -7.44
N ARG E 227 2.53 -37.26 -8.76
CA ARG E 227 3.76 -37.56 -9.49
C ARG E 227 4.37 -36.26 -10.00
N ILE E 228 4.98 -35.51 -9.08
CA ILE E 228 5.68 -34.28 -9.39
C ILE E 228 7.06 -34.35 -8.79
N VAL E 229 8.05 -33.82 -9.52
CA VAL E 229 9.43 -33.80 -9.04
C VAL E 229 10.00 -32.41 -9.23
N VAL E 230 10.84 -31.98 -8.29
CA VAL E 230 11.47 -30.66 -8.35
C VAL E 230 12.98 -30.85 -8.40
N LEU E 231 13.57 -30.52 -9.54
CA LEU E 231 15.01 -30.58 -9.74
C LEU E 231 15.65 -29.28 -9.27
N GLY E 232 16.46 -29.36 -8.22
CA GLY E 232 17.13 -28.19 -7.70
C GLY E 232 18.62 -28.19 -7.98
N ALA E 233 19.06 -27.27 -8.83
CA ALA E 233 20.48 -27.07 -9.08
C ALA E 233 20.99 -25.92 -8.23
N THR E 234 22.19 -26.09 -7.68
CA THR E 234 22.77 -25.08 -6.80
C THR E 234 24.28 -25.12 -6.95
N ASN E 235 24.97 -24.47 -6.01
CA ASN E 235 26.43 -24.54 -5.95
C ASN E 235 26.96 -24.66 -4.53
N ARG E 236 26.09 -24.64 -3.51
CA ARG E 236 26.52 -24.73 -2.13
C ARG E 236 25.42 -25.41 -1.33
N ILE E 237 25.70 -26.63 -0.86
CA ILE E 237 24.70 -27.37 -0.09
C ILE E 237 24.40 -26.67 1.23
N ASN E 238 25.42 -26.03 1.83
CA ASN E 238 25.21 -25.37 3.12
C ASN E 238 24.32 -24.15 3.00
N ASP E 239 24.31 -23.49 1.84
CA ASP E 239 23.56 -22.26 1.68
C ASP E 239 22.06 -22.50 1.66
N ILE E 240 21.61 -23.72 1.36
CA ILE E 240 20.19 -24.01 1.31
C ILE E 240 19.63 -24.02 2.74
N ASP E 241 18.35 -23.64 2.85
CA ASP E 241 17.67 -23.62 4.14
C ASP E 241 17.55 -25.04 4.70
N GLU E 242 17.39 -25.14 6.01
CA GLU E 242 17.25 -26.43 6.67
C GLU E 242 15.92 -27.10 6.38
N ALA E 243 14.86 -26.33 6.15
CA ALA E 243 13.55 -26.87 5.81
C ALA E 243 13.42 -27.16 4.32
N ILE E 244 14.50 -27.02 3.56
CA ILE E 244 14.53 -27.34 2.14
C ILE E 244 15.24 -28.66 1.88
N LEU E 245 16.36 -28.90 2.57
CA LEU E 245 17.01 -30.19 2.49
C LEU E 245 16.12 -31.29 3.04
N ARG E 246 15.24 -30.93 3.99
CA ARG E 246 14.23 -31.87 4.46
C ARG E 246 13.34 -32.34 3.33
N ARG E 247 12.95 -31.43 2.43
CA ARG E 247 12.03 -31.74 1.35
C ARG E 247 12.72 -32.32 0.13
N MET E 248 14.02 -32.03 -0.06
CA MET E 248 14.81 -32.63 -1.13
C MET E 248 15.71 -33.69 -0.51
N PRO E 249 15.23 -34.92 -0.37
CA PRO E 249 16.05 -35.96 0.28
C PRO E 249 17.26 -36.34 -0.55
N LYS E 250 17.04 -36.64 -1.83
CA LYS E 250 18.14 -37.03 -2.70
C LYS E 250 19.07 -35.85 -2.95
N GLN E 251 20.37 -36.07 -2.78
CA GLN E 251 21.39 -35.06 -2.99
C GLN E 251 22.38 -35.64 -4.01
N PHE E 252 22.08 -35.48 -5.29
CA PHE E 252 22.91 -36.05 -6.34
C PHE E 252 24.04 -35.08 -6.67
N PRO E 253 25.29 -35.40 -6.35
CA PRO E 253 26.40 -34.49 -6.70
C PRO E 253 26.77 -34.64 -8.16
N VAL E 254 26.84 -33.52 -8.87
CA VAL E 254 27.24 -33.52 -10.27
C VAL E 254 28.52 -32.70 -10.40
N PRO E 255 29.67 -33.24 -9.99
CA PRO E 255 30.92 -32.47 -10.08
C PRO E 255 31.41 -32.37 -11.52
N LEU E 256 32.45 -31.55 -11.69
CA LEU E 256 33.06 -31.39 -13.00
C LEU E 256 33.75 -32.69 -13.41
N PRO E 257 33.80 -32.98 -14.71
CA PRO E 257 34.49 -34.20 -15.16
C PRO E 257 36.00 -34.10 -14.99
N GLY E 258 36.53 -34.83 -14.02
CA GLY E 258 37.95 -34.77 -13.71
C GLY E 258 38.72 -36.00 -14.13
N LEU E 259 38.04 -36.94 -14.78
CA LEU E 259 38.66 -38.18 -15.24
C LEU E 259 38.93 -38.10 -16.74
N GLU E 260 39.39 -39.23 -17.30
CA GLU E 260 39.59 -39.33 -18.75
C GLU E 260 38.26 -39.35 -19.50
N GLN E 261 37.15 -39.57 -18.79
CA GLN E 261 35.83 -39.64 -19.41
C GLN E 261 35.48 -38.41 -20.24
N ARG E 262 36.15 -37.27 -19.98
CA ARG E 262 35.93 -36.07 -20.80
C ARG E 262 36.13 -36.35 -22.28
N ARG E 263 37.04 -37.27 -22.61
CA ARG E 263 37.23 -37.64 -24.01
C ARG E 263 35.92 -38.16 -24.61
N ARG E 264 35.24 -39.06 -23.90
CA ARG E 264 33.90 -39.46 -24.30
C ARG E 264 32.98 -38.27 -24.37
N ILE E 265 33.09 -37.36 -23.39
CA ILE E 265 32.47 -36.04 -23.49
C ILE E 265 32.81 -35.40 -24.82
N LEU E 266 34.11 -35.20 -25.06
CA LEU E 266 34.55 -34.68 -26.36
C LEU E 266 34.06 -35.57 -27.48
N GLU E 267 34.02 -36.88 -27.25
CA GLU E 267 33.41 -37.81 -28.21
C GLU E 267 32.01 -37.34 -28.60
N LEU E 268 31.13 -37.21 -27.60
CA LEU E 268 29.83 -36.61 -27.86
C LEU E 268 29.99 -35.20 -28.41
N VAL E 269 30.89 -34.42 -27.82
CA VAL E 269 31.09 -33.06 -28.28
C VAL E 269 31.70 -33.04 -29.68
N LEU E 270 32.31 -34.15 -30.11
CA LEU E 270 32.83 -34.26 -31.46
C LEU E 270 31.96 -35.15 -32.35
N ARG E 271 30.73 -35.45 -31.95
CA ARG E 271 29.88 -36.21 -32.85
C ARG E 271 29.22 -35.33 -33.91
N GLY E 272 29.38 -34.01 -33.82
CA GLY E 272 28.80 -33.13 -34.83
C GLY E 272 29.58 -33.14 -36.12
N THR E 273 30.90 -32.95 -36.03
CA THR E 273 31.74 -32.91 -37.22
C THR E 273 33.11 -33.48 -36.87
N LYS E 274 33.68 -34.21 -37.83
CA LYS E 274 34.96 -34.89 -37.65
C LYS E 274 36.02 -34.19 -38.48
N ARG E 275 37.17 -33.96 -37.87
CA ARG E 275 38.26 -33.20 -38.50
C ARG E 275 39.01 -34.10 -39.48
N ASP E 276 40.17 -33.64 -39.95
CA ASP E 276 40.82 -34.31 -41.07
C ASP E 276 41.30 -35.73 -40.69
N PRO E 277 42.36 -35.94 -39.88
CA PRO E 277 42.32 -37.08 -38.97
C PRO E 277 41.91 -36.66 -37.57
N ASP E 278 41.65 -37.63 -36.69
CA ASP E 278 41.48 -37.31 -35.28
C ASP E 278 42.87 -37.27 -34.64
N PHE E 279 43.23 -36.11 -34.10
CA PHE E 279 44.55 -35.91 -33.51
C PHE E 279 44.64 -36.66 -32.18
N ASP E 280 45.75 -36.44 -31.47
CA ASP E 280 45.97 -37.06 -30.17
C ASP E 280 44.84 -36.76 -29.21
N LEU E 281 44.14 -37.82 -28.78
CA LEU E 281 43.02 -37.66 -27.86
C LEU E 281 43.46 -37.01 -26.56
N ASP E 282 44.61 -37.44 -26.02
CA ASP E 282 45.12 -36.84 -24.79
C ASP E 282 45.50 -35.38 -25.01
N TYR E 283 45.95 -35.03 -26.22
CA TYR E 283 46.34 -33.65 -26.50
C TYR E 283 45.17 -32.69 -26.33
N ILE E 284 43.96 -33.14 -26.65
CA ILE E 284 42.77 -32.32 -26.46
C ILE E 284 42.06 -32.61 -25.14
N ALA E 285 42.41 -33.72 -24.47
CA ALA E 285 41.74 -34.10 -23.23
C ALA E 285 42.41 -33.47 -22.01
N ARG E 286 43.73 -33.64 -21.88
CA ARG E 286 44.44 -33.13 -20.71
C ARG E 286 44.42 -31.61 -20.64
N VAL E 287 44.24 -30.93 -21.77
CA VAL E 287 44.15 -29.46 -21.76
C VAL E 287 42.93 -29.02 -20.97
N THR E 288 41.81 -29.71 -21.14
CA THR E 288 40.60 -29.42 -20.39
C THR E 288 40.50 -30.26 -19.12
N ALA E 289 41.56 -30.22 -18.32
CA ALA E 289 41.62 -31.01 -17.09
C ALA E 289 40.86 -30.35 -15.94
N GLY E 290 40.51 -29.07 -16.05
CA GLY E 290 39.75 -28.39 -15.02
C GLY E 290 38.60 -27.60 -15.60
N MET E 291 38.52 -27.55 -16.92
CA MET E 291 37.45 -26.82 -17.59
C MET E 291 36.10 -27.47 -17.33
N SER E 292 35.04 -26.68 -17.44
CA SER E 292 33.70 -27.18 -17.24
C SER E 292 33.19 -27.87 -18.51
N GLY E 293 32.05 -28.55 -18.37
CA GLY E 293 31.44 -29.20 -19.53
C GLY E 293 31.04 -28.21 -20.60
N SER E 294 30.40 -27.12 -20.18
CA SER E 294 30.09 -26.05 -21.13
C SER E 294 31.35 -25.46 -21.74
N ASP E 295 32.45 -25.43 -20.96
CA ASP E 295 33.72 -24.95 -21.50
C ASP E 295 34.20 -25.85 -22.62
N ILE E 296 34.12 -27.17 -22.42
CA ILE E 296 34.51 -28.11 -23.47
C ILE E 296 33.61 -27.96 -24.69
N LYS E 297 32.30 -27.79 -24.45
CA LYS E 297 31.36 -27.69 -25.56
C LYS E 297 31.59 -26.41 -26.36
N GLU E 298 31.99 -25.33 -25.70
CA GLU E 298 32.25 -24.08 -26.40
C GLU E 298 33.61 -24.11 -27.10
N THR E 299 34.58 -24.81 -26.52
CA THR E 299 35.87 -24.95 -27.18
C THR E 299 35.75 -25.77 -28.45
N CYS E 300 35.10 -26.94 -28.36
CA CYS E 300 34.99 -27.80 -29.53
C CYS E 300 33.97 -27.27 -30.52
N ARG E 301 33.00 -26.46 -30.08
CA ARG E 301 32.08 -25.85 -31.02
C ARG E 301 32.75 -24.76 -31.87
N ASP E 302 33.94 -24.30 -31.48
CA ASP E 302 34.67 -23.27 -32.19
C ASP E 302 36.05 -23.73 -32.62
N ALA E 303 36.70 -24.60 -31.86
CA ALA E 303 38.00 -25.13 -32.29
C ALA E 303 37.88 -25.92 -33.57
N ALA E 304 36.87 -26.80 -33.65
CA ALA E 304 36.61 -27.48 -34.92
C ALA E 304 36.15 -26.51 -35.99
N MET E 305 35.50 -25.42 -35.59
CA MET E 305 35.11 -24.37 -36.52
C MET E 305 36.25 -23.39 -36.78
N ALA E 306 37.35 -23.47 -36.02
CA ALA E 306 38.48 -22.56 -36.24
C ALA E 306 39.09 -22.75 -37.63
N PRO E 307 39.53 -23.95 -38.02
CA PRO E 307 40.03 -24.11 -39.40
C PRO E 307 38.94 -23.98 -40.45
N MET E 308 37.68 -24.17 -40.08
CA MET E 308 36.59 -23.94 -41.02
C MET E 308 36.51 -22.46 -41.41
N ARG E 309 36.87 -21.57 -40.50
CA ARG E 309 36.98 -20.16 -40.86
C ARG E 309 38.06 -19.95 -41.90
N GLU E 310 39.16 -20.70 -41.82
CA GLU E 310 40.17 -20.65 -42.88
C GLU E 310 39.59 -21.15 -44.19
N TYR E 311 38.68 -22.12 -44.14
CA TYR E 311 38.08 -22.63 -45.37
C TYR E 311 37.13 -21.60 -45.98
N ILE E 312 36.42 -20.85 -45.14
CA ILE E 312 35.59 -19.75 -45.64
C ILE E 312 36.47 -18.64 -46.21
N ARG E 313 37.61 -18.37 -45.57
CA ARG E 313 38.55 -17.41 -46.12
C ARG E 313 39.10 -17.88 -47.46
N GLN E 314 39.25 -19.19 -47.63
CA GLN E 314 39.66 -19.74 -48.93
C GLN E 314 38.55 -19.57 -49.96
N HIS E 315 37.29 -19.71 -49.54
CA HIS E 315 36.17 -19.34 -50.42
C HIS E 315 36.32 -17.90 -50.89
N ARG E 316 36.53 -16.98 -49.95
CA ARG E 316 36.61 -15.57 -50.28
C ARG E 316 37.80 -15.28 -51.19
N ALA E 317 38.92 -15.97 -50.97
CA ALA E 317 40.11 -15.73 -51.77
C ALA E 317 40.09 -16.48 -53.09
N SER E 318 39.32 -17.55 -53.18
CA SER E 318 39.21 -18.35 -54.41
C SER E 318 37.95 -17.90 -55.14
N GLY E 319 38.07 -16.80 -55.87
CA GLY E 319 36.92 -16.26 -56.58
C GLY E 319 35.87 -15.79 -55.59
N LYS E 320 34.69 -16.38 -55.66
CA LYS E 320 33.58 -16.07 -54.78
C LYS E 320 33.27 -17.25 -53.86
N PRO E 321 32.62 -17.00 -52.74
CA PRO E 321 32.28 -18.10 -51.81
C PRO E 321 31.23 -19.01 -52.42
N LEU E 322 31.60 -20.28 -52.61
CA LEU E 322 30.72 -21.28 -53.18
C LEU E 322 30.33 -22.28 -52.10
N SER E 323 29.14 -22.86 -52.24
CA SER E 323 28.65 -23.82 -51.25
C SER E 323 29.41 -25.13 -51.36
N GLU E 324 30.45 -25.30 -50.55
CA GLU E 324 31.26 -26.51 -50.52
C GLU E 324 31.08 -27.24 -49.21
N ILE E 325 31.53 -28.49 -49.19
CA ILE E 325 31.35 -29.37 -48.03
C ILE E 325 32.67 -30.02 -47.64
N ASN E 326 33.79 -29.37 -47.97
CA ASN E 326 35.11 -29.94 -47.74
C ASN E 326 35.70 -29.39 -46.45
N PRO E 327 35.64 -30.11 -45.34
CA PRO E 327 36.29 -29.62 -44.12
C PRO E 327 37.80 -29.72 -44.21
N ASP E 328 38.48 -28.80 -43.52
CA ASP E 328 39.95 -28.76 -43.55
C ASP E 328 40.43 -28.25 -42.19
N ASP E 329 40.76 -29.20 -41.30
CA ASP E 329 41.23 -28.85 -39.97
C ASP E 329 42.75 -28.72 -39.96
N VAL E 330 43.24 -27.83 -39.09
CA VAL E 330 44.68 -27.67 -38.88
C VAL E 330 44.99 -28.04 -37.43
N ARG E 331 44.42 -27.29 -36.49
CA ARG E 331 44.49 -27.66 -35.08
C ARG E 331 43.46 -26.88 -34.28
N GLY E 332 42.50 -27.60 -33.69
CA GLY E 332 41.53 -26.98 -32.82
C GLY E 332 41.93 -27.05 -31.36
N ILE E 333 42.51 -25.98 -30.84
CA ILE E 333 42.99 -25.91 -29.48
C ILE E 333 42.80 -24.50 -28.95
N ARG E 334 43.12 -24.31 -27.67
CA ARG E 334 42.97 -23.05 -26.93
C ARG E 334 41.65 -22.34 -27.21
N UNK F 1 6.30 -5.99 -4.79
CA UNK F 1 6.67 -5.04 -3.75
C UNK F 1 5.52 -4.08 -3.45
N UNK F 2 5.54 -2.92 -4.10
CA UNK F 2 4.55 -1.90 -3.84
C UNK F 2 3.16 -2.36 -4.27
N UNK F 3 2.16 -2.04 -3.46
CA UNK F 3 0.76 -2.28 -3.78
C UNK F 3 0.12 -0.96 -4.15
N UNK F 4 -0.40 -0.86 -5.37
CA UNK F 4 -0.91 0.40 -5.90
C UNK F 4 -2.42 0.35 -6.08
N UNK F 5 -3.01 1.53 -6.23
CA UNK F 5 -4.42 1.68 -6.50
C UNK F 5 -4.67 1.74 -8.01
N UNK F 6 -5.94 1.73 -8.38
CA UNK F 6 -6.35 1.72 -9.78
C UNK F 6 -7.17 2.96 -10.09
N UNK F 7 -7.44 3.16 -11.38
CA UNK F 7 -8.28 4.27 -11.84
C UNK F 7 -9.14 3.74 -12.97
N UNK F 8 -10.46 3.71 -12.76
CA UNK F 8 -11.36 3.15 -13.75
C UNK F 8 -11.40 4.05 -14.99
N UNK F 9 -12.17 3.59 -15.98
CA UNK F 9 -12.37 4.36 -17.22
C UNK F 9 -13.67 3.88 -17.85
N UNK F 10 -14.70 4.71 -17.80
CA UNK F 10 -16.01 4.36 -18.36
C UNK F 10 -15.92 4.10 -19.85
PB ADP G . 10.20 28.14 -14.64
O1B ADP G . 11.01 28.40 -15.89
O2B ADP G . 8.77 27.73 -14.90
O3B ADP G . 10.90 27.28 -13.62
PA ADP G . 9.03 30.63 -14.56
O1A ADP G . 9.50 31.05 -15.93
O2A ADP G . 7.64 30.07 -14.38
O3A ADP G . 10.07 29.57 -13.96
O5' ADP G . 9.20 31.88 -13.56
C5' ADP G . 8.14 32.80 -13.39
C4' ADP G . 8.69 34.06 -12.72
O4' ADP G . 10.10 33.93 -12.58
C3' ADP G . 8.42 35.28 -13.57
O3' ADP G . 7.49 36.14 -12.91
C2' ADP G . 9.76 35.97 -13.71
O2' ADP G . 9.68 37.28 -13.17
C1' ADP G . 10.76 35.14 -12.94
N9 ADP G . 11.91 34.83 -13.81
C8 ADP G . 12.37 33.59 -14.06
N7 ADP G . 13.44 33.63 -14.90
C5 ADP G . 13.66 34.92 -15.20
C6 ADP G . 14.63 35.67 -16.03
N6 ADP G . 15.60 35.02 -16.72
N1 ADP G . 14.51 37.01 -16.07
C2 ADP G . 13.56 37.66 -15.38
N3 ADP G . 12.65 37.05 -14.61
C4 ADP G . 12.65 35.70 -14.48
BE BEF H . 9.04 25.81 -13.38
F1 BEF H . 7.99 25.87 -14.50
F2 BEF H . 10.37 25.12 -13.84
F3 BEF H . 8.51 24.98 -12.18
MG MG I . 6.30 26.74 -15.33
PB ADP J . -1.51 22.98 13.82
O1B ADP J . -1.10 24.41 13.57
O2B ADP J . -2.54 22.45 12.86
O3B ADP J . -0.38 22.03 14.09
PA ADP J . -3.70 23.83 15.36
O1A ADP J . -3.44 25.32 15.37
O2A ADP J . -4.65 23.24 14.36
O3A ADP J . -2.29 23.06 15.22
O5' ADP J . -4.20 23.41 16.82
C5' ADP J . -5.58 23.50 17.14
C4' ADP J . -5.75 23.84 18.61
O4' ADP J . -4.51 24.28 19.15
C3' ADP J . -6.75 24.95 18.79
O3' ADP J . -7.92 24.46 19.45
C2' ADP J . -6.06 25.99 19.65
O2' ADP J . -6.77 26.15 20.88
C1' ADP J . -4.67 25.45 19.93
N9 ADP J . -3.66 26.45 19.52
C8 ADP J . -2.58 26.19 18.76
N7 ADP J . -1.86 27.31 18.56
C5 ADP J . -2.47 28.32 19.20
C6 ADP J . -2.24 29.76 19.39
N6 ADP J . -1.16 30.38 18.86
N1 ADP J . -3.13 30.44 20.13
C2 ADP J . -4.20 29.85 20.69
N3 ADP J . -4.47 28.55 20.56
C4 ADP J . -3.66 27.74 19.83
MG MG K . -3.00 21.87 10.34
BE BEF L . -1.45 20.24 12.93
F1 BEF L . -2.51 20.62 11.89
F2 BEF L . -1.44 18.72 13.28
F3 BEF L . -0.03 20.56 12.39
PB ADP M . -6.20 -6.06 24.31
O1B ADP M . -6.69 -4.97 25.19
O2B ADP M . -6.79 -6.09 22.92
O3B ADP M . -4.70 -6.24 24.33
PA ADP M . -8.34 -7.72 24.99
O1A ADP M . -9.07 -6.67 25.79
O2A ADP M . -8.75 -8.01 23.57
O3A ADP M . -6.77 -7.39 25.01
O5' ADP M . -8.38 -9.08 25.83
C5' ADP M . -9.50 -9.95 25.74
C4' ADP M . -9.42 -10.90 26.93
O4' ADP M . -8.51 -10.37 27.90
C3' ADP M . -10.77 -11.03 27.59
O3' ADP M . -11.25 -12.36 27.43
C2' ADP M . -10.53 -10.75 29.05
O2' ADP M . -10.94 -11.87 29.82
C1' ADP M . -9.05 -10.51 29.21
N9 ADP M . -8.83 -9.25 29.96
C8 ADP M . -7.90 -8.33 29.67
N7 ADP M . -7.93 -7.30 30.54
C5 ADP M . -8.91 -7.55 31.42
C6 ADP M . -9.48 -6.88 32.61
N6 ADP M . -9.00 -5.68 33.02
N1 ADP M . -10.50 -7.48 33.25
C2 ADP M . -10.99 -8.68 32.85
N3 ADP M . -10.51 -9.34 31.78
C4 ADP M . -9.49 -8.85 31.04
BE BEF N . -4.74 -6.63 21.96
F1 BEF N . -4.16 -7.72 21.06
F2 BEF N . -3.62 -5.67 22.48
F3 BEF N . -5.75 -5.76 21.18
MG MG O . -7.56 -6.01 20.23
PB ADP P . 6.37 -29.65 8.67
O1B ADP P . 7.58 -28.85 8.20
O2B ADP P . 6.49 -30.22 10.05
O3B ADP P . 5.04 -29.00 8.37
PA ADP P . 5.50 -32.23 8.18
O1A ADP P . 4.05 -31.87 8.05
O2A ADP P . 6.03 -32.73 9.50
O3A ADP P . 6.38 -30.96 7.74
O5' ADP P . 5.81 -33.30 7.05
C5' ADP P . 4.77 -34.21 6.69
C4' ADP P . 5.36 -35.47 6.10
O4' ADP P . 6.31 -36.03 7.01
C3' ADP P . 4.29 -36.52 5.85
O3' ADP P . 4.04 -36.69 4.45
C2' ADP P . 4.77 -37.79 6.53
O2' ADP P . 5.15 -38.81 5.60
C1' ADP P . 6.01 -37.40 7.33
N9 ADP P . 5.84 -37.48 8.81
C8 ADP P . 6.24 -36.53 9.67
N7 ADP P . 5.98 -36.89 10.96
C5 ADP P . 5.41 -38.10 10.92
C6 ADP P . 4.90 -39.05 11.91
N6 ADP P . 4.93 -38.78 13.23
N1 ADP P . 4.39 -40.22 11.45
C2 ADP P . 4.34 -40.52 10.15
N3 ADP P . 4.79 -39.68 9.19
C4 ADP P . 5.34 -38.49 9.51
H5'1 ADP P . 4.20 -34.43 7.59
H5'2 ADP P . 4.11 -33.73 5.98
H4' ADP P . 5.84 -35.24 5.14
H3' ADP P . 3.36 -36.20 6.35
HO3' ADP P . 3.39 -37.39 4.33
H2' ADP P . 3.97 -38.16 7.17
HO2' ADP P . 5.67 -38.43 4.87
H1' ADP P . 6.83 -38.04 7.02
H8 ADP P . 6.71 -35.59 9.39
HN61 ADP P . 4.58 -39.45 13.89
HN62 ADP P . 5.33 -37.90 13.54
H2 ADP P . 3.90 -41.46 9.84
MG MG Q . 4.92 -28.21 6.55
#